data_9OFJ
#
_entry.id   9OFJ
#
_cell.length_a   1.00
_cell.length_b   1.00
_cell.length_c   1.00
_cell.angle_alpha   90.00
_cell.angle_beta   90.00
_cell.angle_gamma   90.00
#
_symmetry.space_group_name_H-M   'P 1'
#
loop_
_entity.id
_entity.type
_entity.pdbx_description
1 polymer 'Circadian clock oscillator protein KaiC'
2 non-polymer "ADENOSINE-5'-TRIPHOSPHATE"
3 non-polymer 'MAGNESIUM ION'
#
_entity_poly.entity_id   1
_entity_poly.type   'polypeptide(L)'
_entity_poly.pdbx_seq_one_letter_code
;DYKDDDDKMTSAEMTSPNNNSEHQAIAKMRTMIEGFDDISHGGLPIGRSTLVSGTSGTGKTLFSIQFLYNGIIEFDEPGV
FVTFEETPQDIIKNARSFGWDLAKLVDEGKLFILDASPDPEGQEVVGGFDLSALIERINYAIQKYRARRVSIDSVTSVFQ
QYDASSVVRRELFRLVARLKQIGATTVMTTERIEEYGPIARYGVEEFVSDNVVILRNVLEGERRRRTLEILKLRGTSHMK
GEYPFTITDHGINIFPLGAMRLTQRSSNVRVSSGVVRLDEMCGGGFFKDSIILATGATGTGKTLLVSRFVENACANKERA
ILFAYEESRAQLLRNAYSWGMDFEEMERQNLLKIVCAYPESAGLEDHLQIIKSEINDFKPARIAIDSLSALARGVSNNAF
RQFVIGVTGYAKQEEITGLFTNTSDQFMGAHSITDSHIEEITDTIILLQYVEIRGEMSRAINVFKMRGSWHDKAIREFMI
SDKGPDIKDSFRNFERIISGSPTRITVDEKSELSRIVRGVQEKGPES
;
_entity_poly.pdbx_strand_id   A,B,C,D,E,F
#
loop_
_chem_comp.id
_chem_comp.type
_chem_comp.name
_chem_comp.formula
ATP non-polymer ADENOSINE-5'-TRIPHOSPHATE 'C10 H16 N5 O13 P3'
MG non-polymer 'MAGNESIUM ION' 'Mg 2'
#
# COMPACT_ATOMS: atom_id res chain seq x y z
N HIS A 23 -18.15 44.15 5.71
CA HIS A 23 -17.74 43.00 6.49
C HIS A 23 -18.27 41.71 5.86
N GLN A 24 -18.88 41.84 4.69
CA GLN A 24 -19.42 40.69 3.97
C GLN A 24 -19.52 41.05 2.49
N ALA A 25 -19.05 40.14 1.63
CA ALA A 25 -19.08 40.37 0.19
C ALA A 25 -19.43 39.09 -0.56
N ILE A 26 -20.14 38.17 0.07
CA ILE A 26 -20.50 36.89 -0.53
C ILE A 26 -22.01 36.76 -0.50
N ALA A 27 -22.60 36.46 -1.66
CA ALA A 27 -24.04 36.27 -1.80
C ALA A 27 -24.31 34.80 -2.10
N LYS A 28 -25.40 34.28 -1.54
CA LYS A 28 -25.75 32.87 -1.64
C LYS A 28 -27.15 32.69 -2.18
N MET A 29 -27.31 31.70 -3.04
CA MET A 29 -28.62 31.29 -3.54
C MET A 29 -29.04 30.00 -2.85
N ARG A 30 -30.27 29.98 -2.33
CA ARG A 30 -30.75 28.82 -1.61
C ARG A 30 -30.96 27.65 -2.57
N THR A 31 -30.46 26.47 -2.18
CA THR A 31 -30.67 25.27 -2.96
C THR A 31 -32.04 24.64 -2.72
N MET A 32 -32.75 25.08 -1.67
CA MET A 32 -34.07 24.61 -1.29
C MET A 32 -34.08 23.14 -0.90
N ILE A 33 -32.92 22.51 -0.77
CA ILE A 33 -32.85 21.15 -0.26
C ILE A 33 -33.10 21.17 1.24
N GLU A 34 -33.95 20.26 1.72
CA GLU A 34 -34.38 20.28 3.11
C GLU A 34 -33.20 20.08 4.06
N GLY A 35 -32.83 21.13 4.79
CA GLY A 35 -31.79 21.06 5.78
C GLY A 35 -30.40 21.41 5.31
N PHE A 36 -30.17 21.42 3.99
CA PHE A 36 -28.84 21.74 3.49
C PHE A 36 -28.52 23.22 3.65
N ASP A 37 -29.53 24.08 3.47
CA ASP A 37 -29.30 25.52 3.65
C ASP A 37 -28.97 25.86 5.10
N ASP A 38 -29.55 25.12 6.05
CA ASP A 38 -29.26 25.37 7.46
C ASP A 38 -27.80 25.07 7.79
N ILE A 39 -27.26 23.96 7.26
CA ILE A 39 -25.88 23.59 7.56
C ILE A 39 -24.88 24.29 6.66
N SER A 40 -25.32 24.87 5.54
CA SER A 40 -24.45 25.64 4.68
C SER A 40 -24.48 27.13 5.01
N HIS A 41 -25.33 27.55 5.96
CA HIS A 41 -25.45 28.95 6.38
C HIS A 41 -25.79 29.85 5.20
N GLY A 42 -26.93 29.56 4.56
CA GLY A 42 -27.44 30.38 3.48
C GLY A 42 -27.49 29.72 2.13
N GLY A 43 -26.94 28.53 1.96
CA GLY A 43 -26.98 27.83 0.70
C GLY A 43 -25.68 27.94 -0.08
N LEU A 44 -25.78 27.55 -1.34
CA LEU A 44 -24.60 27.54 -2.20
C LEU A 44 -24.25 28.97 -2.64
N PRO A 45 -22.98 29.37 -2.51
CA PRO A 45 -22.59 30.71 -2.94
C PRO A 45 -22.82 30.92 -4.44
N ILE A 46 -23.21 32.13 -4.80
CA ILE A 46 -23.54 32.45 -6.19
C ILE A 46 -22.27 32.70 -6.96
N GLY A 47 -22.15 32.06 -8.13
CA GLY A 47 -21.02 32.26 -9.01
C GLY A 47 -19.86 31.32 -8.78
N ARG A 48 -19.92 30.45 -7.78
CA ARG A 48 -18.84 29.51 -7.48
C ARG A 48 -19.29 28.09 -7.78
N SER A 49 -18.32 27.25 -8.13
CA SER A 49 -18.57 25.87 -8.53
C SER A 49 -18.29 24.93 -7.37
N THR A 50 -19.27 24.13 -7.00
CA THR A 50 -19.15 23.15 -5.92
C THR A 50 -18.75 21.80 -6.48
N LEU A 51 -18.00 21.05 -5.67
CA LEU A 51 -17.62 19.68 -6.00
C LEU A 51 -18.28 18.76 -4.97
N VAL A 52 -19.23 17.95 -5.44
CA VAL A 52 -19.94 17.01 -4.60
C VAL A 52 -19.35 15.62 -4.87
N SER A 53 -18.70 15.05 -3.86
CA SER A 53 -17.96 13.80 -4.02
C SER A 53 -18.51 12.74 -3.08
N GLY A 54 -18.65 11.52 -3.59
CA GLY A 54 -19.11 10.40 -2.79
C GLY A 54 -19.00 9.12 -3.57
N THR A 55 -19.14 8.02 -2.84
CA THR A 55 -19.10 6.70 -3.46
C THR A 55 -20.40 6.43 -4.21
N SER A 56 -20.46 5.27 -4.86
CA SER A 56 -21.66 4.92 -5.62
C SER A 56 -22.83 4.67 -4.68
N GLY A 57 -24.01 5.16 -5.07
CA GLY A 57 -25.20 4.97 -4.29
C GLY A 57 -25.40 5.96 -3.16
N THR A 58 -24.63 7.05 -3.12
CA THR A 58 -24.77 8.04 -2.06
C THR A 58 -25.79 9.12 -2.37
N GLY A 59 -25.91 9.53 -3.64
CA GLY A 59 -26.90 10.53 -3.98
C GLY A 59 -26.35 11.75 -4.70
N LYS A 60 -25.23 11.61 -5.41
CA LYS A 60 -24.68 12.74 -6.14
C LYS A 60 -25.60 13.17 -7.28
N THR A 61 -26.03 12.22 -8.11
CA THR A 61 -26.91 12.55 -9.22
C THR A 61 -28.24 13.10 -8.72
N LEU A 62 -28.78 12.50 -7.65
CA LEU A 62 -30.01 13.01 -7.08
C LEU A 62 -29.83 14.42 -6.52
N PHE A 63 -28.68 14.69 -5.90
CA PHE A 63 -28.39 16.02 -5.39
C PHE A 63 -28.38 17.04 -6.51
N SER A 64 -27.67 16.72 -7.60
CA SER A 64 -27.57 17.66 -8.73
C SER A 64 -28.92 17.85 -9.42
N ILE A 65 -29.74 16.80 -9.49
CA ILE A 65 -31.06 16.94 -10.09
C ILE A 65 -31.97 17.78 -9.21
N GLN A 66 -31.95 17.52 -7.90
CA GLN A 66 -32.84 18.22 -6.97
C GLN A 66 -32.48 19.69 -6.87
N PHE A 67 -31.19 20.02 -6.94
CA PHE A 67 -30.78 21.42 -6.93
C PHE A 67 -31.48 22.20 -8.04
N LEU A 68 -31.35 21.70 -9.29
CA LEU A 68 -31.97 22.38 -10.42
C LEU A 68 -33.50 22.37 -10.32
N TYR A 69 -34.08 21.23 -9.94
CA TYR A 69 -35.54 21.13 -9.90
C TYR A 69 -36.12 22.09 -8.87
N ASN A 70 -35.53 22.15 -7.68
CA ASN A 70 -36.00 23.06 -6.65
C ASN A 70 -35.82 24.51 -7.08
N GLY A 71 -34.69 24.82 -7.73
CA GLY A 71 -34.52 26.17 -8.25
C GLY A 71 -35.60 26.56 -9.23
N ILE A 72 -35.89 25.68 -10.19
CA ILE A 72 -36.91 25.97 -11.20
C ILE A 72 -38.28 26.11 -10.57
N ILE A 73 -38.62 25.23 -9.63
CA ILE A 73 -39.94 25.26 -9.01
C ILE A 73 -40.13 26.52 -8.17
N GLU A 74 -39.13 26.84 -7.33
CA GLU A 74 -39.30 27.93 -6.38
C GLU A 74 -39.03 29.29 -7.01
N PHE A 75 -37.81 29.50 -7.50
CA PHE A 75 -37.39 30.83 -7.94
C PHE A 75 -37.63 31.08 -9.42
N ASP A 76 -38.23 30.13 -10.13
CA ASP A 76 -38.46 30.24 -11.57
C ASP A 76 -37.15 30.51 -12.30
N GLU A 77 -36.07 29.90 -11.80
CA GLU A 77 -34.74 30.08 -12.39
C GLU A 77 -34.37 28.81 -13.14
N PRO A 78 -34.31 28.84 -14.46
CA PRO A 78 -34.07 27.60 -15.23
C PRO A 78 -32.70 27.02 -14.93
N GLY A 79 -32.51 25.77 -15.38
CA GLY A 79 -31.27 25.06 -15.11
C GLY A 79 -30.84 24.24 -16.30
N VAL A 80 -29.55 23.91 -16.31
CA VAL A 80 -28.93 23.07 -17.33
C VAL A 80 -28.25 21.91 -16.62
N PHE A 81 -28.60 20.69 -17.02
CA PHE A 81 -28.04 19.47 -16.44
C PHE A 81 -27.26 18.75 -17.52
N VAL A 82 -25.93 18.79 -17.42
CA VAL A 82 -25.05 18.12 -18.37
C VAL A 82 -24.70 16.75 -17.82
N THR A 83 -24.96 15.71 -18.60
CA THR A 83 -24.72 14.34 -18.15
C THR A 83 -23.83 13.61 -19.15
N PHE A 84 -23.05 12.68 -18.63
CA PHE A 84 -22.11 11.89 -19.43
C PHE A 84 -22.33 10.40 -19.31
N GLU A 85 -22.66 9.90 -18.12
CA GLU A 85 -22.80 8.48 -17.88
C GLU A 85 -24.24 7.98 -18.06
N GLU A 86 -25.17 8.86 -18.40
CA GLU A 86 -26.57 8.47 -18.53
C GLU A 86 -27.20 9.21 -19.69
N THR A 87 -28.27 8.63 -20.22
CA THR A 87 -29.12 9.27 -21.21
C THR A 87 -30.17 10.13 -20.52
N PRO A 88 -30.68 11.15 -21.20
CA PRO A 88 -31.73 11.99 -20.58
C PRO A 88 -32.97 11.21 -20.17
N GLN A 89 -33.36 10.18 -20.94
CA GLN A 89 -34.56 9.43 -20.62
C GLN A 89 -34.43 8.68 -19.30
N ASP A 90 -33.25 8.10 -19.04
CA ASP A 90 -33.04 7.41 -17.78
C ASP A 90 -33.14 8.38 -16.60
N ILE A 91 -32.56 9.57 -16.75
CA ILE A 91 -32.64 10.56 -15.69
C ILE A 91 -34.08 11.00 -15.46
N ILE A 92 -34.84 11.16 -16.55
CA ILE A 92 -36.25 11.55 -16.43
C ILE A 92 -37.04 10.48 -15.69
N LYS A 93 -36.79 9.20 -16.01
CA LYS A 93 -37.49 8.12 -15.33
C LYS A 93 -37.12 8.07 -13.84
N ASN A 94 -35.83 8.21 -13.54
CA ASN A 94 -35.40 8.21 -12.15
C ASN A 94 -35.98 9.38 -11.38
N ALA A 95 -36.14 10.53 -12.03
CA ALA A 95 -36.76 11.68 -11.38
C ALA A 95 -38.25 11.46 -11.17
N ARG A 96 -38.94 10.91 -12.17
CA ARG A 96 -40.36 10.60 -12.03
C ARG A 96 -40.60 9.57 -10.95
N SER A 97 -39.59 8.75 -10.63
CA SER A 97 -39.69 7.87 -9.48
C SER A 97 -39.98 8.66 -8.20
N PHE A 98 -39.45 9.88 -8.10
CA PHE A 98 -39.72 10.76 -6.96
C PHE A 98 -40.98 11.60 -7.14
N GLY A 99 -41.57 11.61 -8.33
CA GLY A 99 -42.70 12.47 -8.62
C GLY A 99 -42.37 13.74 -9.36
N TRP A 100 -41.13 13.90 -9.83
CA TRP A 100 -40.70 15.10 -10.53
C TRP A 100 -40.93 14.89 -12.03
N ASP A 101 -41.84 15.67 -12.61
CA ASP A 101 -42.14 15.58 -14.04
C ASP A 101 -41.19 16.48 -14.81
N LEU A 102 -39.93 16.00 -14.94
CA LEU A 102 -38.92 16.76 -15.65
C LEU A 102 -39.22 16.89 -17.13
N ALA A 103 -40.02 15.98 -17.70
CA ALA A 103 -40.37 16.09 -19.11
C ALA A 103 -41.17 17.35 -19.39
N LYS A 104 -42.11 17.68 -18.50
CA LYS A 104 -42.88 18.91 -18.66
C LYS A 104 -41.98 20.14 -18.59
N LEU A 105 -41.03 20.14 -17.66
CA LEU A 105 -40.11 21.27 -17.54
C LEU A 105 -39.24 21.40 -18.78
N VAL A 106 -38.77 20.27 -19.33
CA VAL A 106 -37.95 20.32 -20.54
C VAL A 106 -38.76 20.85 -21.71
N ASP A 107 -40.01 20.39 -21.84
CA ASP A 107 -40.87 20.87 -22.93
C ASP A 107 -41.15 22.36 -22.78
N GLU A 108 -41.41 22.83 -21.56
CA GLU A 108 -41.68 24.24 -21.34
C GLU A 108 -40.45 25.11 -21.51
N GLY A 109 -39.26 24.52 -21.56
CA GLY A 109 -38.04 25.27 -21.68
C GLY A 109 -37.41 25.71 -20.36
N LYS A 110 -38.06 25.42 -19.24
CA LYS A 110 -37.52 25.79 -17.94
C LYS A 110 -36.37 24.90 -17.50
N LEU A 111 -36.08 23.84 -18.22
CA LEU A 111 -34.97 22.94 -17.89
C LEU A 111 -34.37 22.40 -19.17
N PHE A 112 -33.05 22.30 -19.21
CA PHE A 112 -32.34 21.75 -20.35
C PHE A 112 -31.48 20.59 -19.87
N ILE A 113 -31.43 19.52 -20.66
CA ILE A 113 -30.60 18.35 -20.36
C ILE A 113 -29.67 18.15 -21.54
N LEU A 114 -28.37 18.11 -21.26
CA LEU A 114 -27.34 18.01 -22.29
C LEU A 114 -26.71 16.62 -22.24
N ASP A 115 -26.61 15.98 -23.40
CA ASP A 115 -26.01 14.66 -23.54
C ASP A 115 -24.73 14.80 -24.35
N ALA A 116 -23.59 14.59 -23.70
CA ALA A 116 -22.29 14.68 -24.34
C ALA A 116 -21.70 13.31 -24.67
N SER A 117 -22.47 12.24 -24.48
CA SER A 117 -21.99 10.90 -24.75
C SER A 117 -22.76 10.25 -25.91
N LEU A 131 -12.70 19.27 -24.32
CA LEU A 131 -13.35 19.84 -23.16
C LEU A 131 -13.79 21.28 -23.45
N SER A 132 -13.09 21.93 -24.38
CA SER A 132 -13.48 23.28 -24.77
C SER A 132 -14.84 23.29 -25.45
N ALA A 133 -15.12 22.28 -26.28
CA ALA A 133 -16.41 22.19 -26.93
C ALA A 133 -17.54 22.03 -25.91
N LEU A 134 -17.28 21.26 -24.85
CA LEU A 134 -18.27 21.09 -23.79
C LEU A 134 -18.58 22.43 -23.12
N ILE A 135 -17.55 23.22 -22.83
CA ILE A 135 -17.77 24.53 -22.21
C ILE A 135 -18.52 25.44 -23.15
N GLU A 136 -18.18 25.40 -24.44
CA GLU A 136 -18.90 26.23 -25.42
C GLU A 136 -20.37 25.85 -25.49
N ARG A 137 -20.66 24.54 -25.47
CA ARG A 137 -22.06 24.10 -25.51
C ARG A 137 -22.80 24.50 -24.24
N ILE A 138 -22.15 24.38 -23.07
CA ILE A 138 -22.80 24.80 -21.83
C ILE A 138 -23.09 26.30 -21.85
N ASN A 139 -22.14 27.10 -22.32
CA ASN A 139 -22.35 28.54 -22.41
C ASN A 139 -23.47 28.87 -23.38
N TYR A 140 -23.52 28.16 -24.52
CA TYR A 140 -24.59 28.39 -25.49
C TYR A 140 -25.95 28.06 -24.90
N ALA A 141 -26.05 26.94 -24.15
CA ALA A 141 -27.30 26.60 -23.50
C ALA A 141 -27.69 27.64 -22.46
N ILE A 142 -26.71 28.11 -21.69
CA ILE A 142 -26.99 29.13 -20.67
C ILE A 142 -27.53 30.40 -21.30
N GLN A 143 -26.90 30.83 -22.39
CA GLN A 143 -27.36 32.04 -23.08
C GLN A 143 -28.75 31.83 -23.69
N LYS A 144 -28.99 30.67 -24.29
CA LYS A 144 -30.27 30.43 -24.96
C LYS A 144 -31.42 30.35 -23.98
N TYR A 145 -31.23 29.63 -22.86
CA TYR A 145 -32.32 29.41 -21.93
C TYR A 145 -32.37 30.45 -20.81
N ARG A 146 -31.46 31.43 -20.81
CA ARG A 146 -31.44 32.49 -19.80
C ARG A 146 -31.42 31.89 -18.39
N ALA A 147 -30.64 30.83 -18.22
CA ALA A 147 -30.61 30.07 -16.98
C ALA A 147 -29.29 30.31 -16.27
N ARG A 148 -29.34 30.51 -14.95
CA ARG A 148 -28.13 30.54 -14.13
C ARG A 148 -28.28 29.46 -13.07
N ARG A 149 -28.01 28.22 -13.49
CA ARG A 149 -27.81 27.06 -12.63
C ARG A 149 -27.32 25.91 -13.51
N VAL A 150 -26.22 25.27 -13.13
CA VAL A 150 -25.61 24.21 -13.93
C VAL A 150 -25.29 23.05 -13.00
N SER A 151 -25.56 21.83 -13.48
CA SER A 151 -25.16 20.62 -12.77
C SER A 151 -24.40 19.73 -13.73
N ILE A 152 -23.27 19.20 -13.27
CA ILE A 152 -22.44 18.31 -14.05
C ILE A 152 -22.43 16.97 -13.33
N ASP A 153 -22.94 15.93 -14.01
CA ASP A 153 -23.18 14.65 -13.35
C ASP A 153 -21.92 13.80 -13.23
N SER A 154 -20.99 13.93 -14.17
CA SER A 154 -19.77 13.12 -14.12
C SER A 154 -18.67 13.83 -14.89
N VAL A 155 -17.78 14.52 -14.17
CA VAL A 155 -16.53 14.97 -14.77
C VAL A 155 -15.42 13.95 -14.59
N THR A 156 -15.59 12.99 -13.68
CA THR A 156 -14.61 11.93 -13.52
C THR A 156 -14.49 11.08 -14.79
N SER A 157 -15.62 10.80 -15.44
CA SER A 157 -15.59 10.05 -16.69
C SER A 157 -14.82 10.80 -17.76
N VAL A 158 -14.97 12.13 -17.81
CA VAL A 158 -14.22 12.93 -18.77
C VAL A 158 -12.73 12.89 -18.43
N PHE A 159 -12.38 13.02 -17.15
CA PHE A 159 -10.98 13.04 -16.76
C PHE A 159 -10.32 11.67 -16.88
N GLN A 160 -11.11 10.60 -16.98
CA GLN A 160 -10.53 9.27 -17.18
C GLN A 160 -9.68 9.20 -18.43
N GLN A 161 -10.00 10.02 -19.44
CA GLN A 161 -9.21 10.02 -20.67
C GLN A 161 -7.78 10.48 -20.41
N TYR A 162 -7.61 11.50 -19.56
CA TYR A 162 -6.29 12.02 -19.27
C TYR A 162 -5.53 11.05 -18.37
N ASP A 163 -4.19 11.12 -18.45
CA ASP A 163 -3.33 10.19 -17.74
C ASP A 163 -2.86 10.75 -16.40
N ALA A 164 -2.16 11.88 -16.44
CA ALA A 164 -1.53 12.43 -15.24
C ALA A 164 -2.50 13.30 -14.45
N SER A 165 -2.27 13.36 -13.14
CA SER A 165 -3.11 14.18 -12.28
C SER A 165 -2.90 15.68 -12.49
N SER A 166 -1.72 16.07 -13.00
CA SER A 166 -1.50 17.48 -13.32
C SER A 166 -2.43 17.94 -14.43
N VAL A 167 -2.61 17.12 -15.46
CA VAL A 167 -3.54 17.46 -16.53
C VAL A 167 -4.97 17.51 -16.00
N VAL A 168 -5.30 16.61 -15.08
CA VAL A 168 -6.62 16.63 -14.45
C VAL A 168 -6.84 17.94 -13.71
N ARG A 169 -5.83 18.37 -12.94
CA ARG A 169 -5.94 19.64 -12.23
C ARG A 169 -6.08 20.80 -13.20
N ARG A 170 -5.31 20.79 -14.28
CA ARG A 170 -5.39 21.89 -15.25
C ARG A 170 -6.77 21.97 -15.89
N GLU A 171 -7.31 20.83 -16.32
CA GLU A 171 -8.64 20.83 -16.94
C GLU A 171 -9.72 21.23 -15.94
N LEU A 172 -9.64 20.74 -14.71
CA LEU A 172 -10.63 21.10 -13.70
C LEU A 172 -10.57 22.60 -13.40
N PHE A 173 -9.37 23.16 -13.29
CA PHE A 173 -9.24 24.60 -13.06
C PHE A 173 -9.78 25.40 -14.22
N ARG A 174 -9.53 24.94 -15.45
CA ARG A 174 -10.07 25.63 -16.63
C ARG A 174 -11.59 25.63 -16.60
N LEU A 175 -12.19 24.47 -16.29
CA LEU A 175 -13.65 24.39 -16.26
C LEU A 175 -14.23 25.27 -15.17
N VAL A 176 -13.62 25.25 -13.98
CA VAL A 176 -14.12 26.07 -12.87
C VAL A 176 -13.99 27.55 -13.20
N ALA A 177 -12.87 27.95 -13.81
CA ALA A 177 -12.69 29.34 -14.19
C ALA A 177 -13.72 29.78 -15.23
N ARG A 178 -13.99 28.92 -16.22
CA ARG A 178 -15.00 29.26 -17.21
C ARG A 178 -16.38 29.39 -16.57
N LEU A 179 -16.72 28.48 -15.65
CA LEU A 179 -18.01 28.55 -14.98
C LEU A 179 -18.13 29.83 -14.15
N LYS A 180 -17.07 30.22 -13.46
CA LYS A 180 -17.11 31.46 -12.68
C LYS A 180 -17.21 32.68 -13.60
N GLN A 181 -16.51 32.66 -14.73
CA GLN A 181 -16.60 33.78 -15.68
C GLN A 181 -18.01 33.90 -16.24
N ILE A 182 -18.66 32.77 -16.54
CA ILE A 182 -20.05 32.81 -17.00
C ILE A 182 -20.98 33.34 -15.91
N GLY A 183 -20.73 33.01 -14.65
CA GLY A 183 -21.55 33.50 -13.56
C GLY A 183 -22.68 32.59 -13.15
N ALA A 184 -22.67 31.34 -13.58
CA ALA A 184 -23.72 30.38 -13.26
C ALA A 184 -23.26 29.46 -12.13
N THR A 185 -24.07 29.37 -11.08
CA THR A 185 -23.77 28.48 -9.97
C THR A 185 -23.78 27.04 -10.45
N THR A 186 -22.69 26.32 -10.21
CA THR A 186 -22.51 24.98 -10.74
C THR A 186 -22.31 23.98 -9.60
N VAL A 187 -22.89 22.79 -9.77
CA VAL A 187 -22.71 21.66 -8.87
C VAL A 187 -22.11 20.54 -9.71
N MET A 188 -20.82 20.29 -9.53
CA MET A 188 -20.11 19.24 -10.26
C MET A 188 -19.90 18.06 -9.34
N THR A 189 -20.26 16.86 -9.80
CA THR A 189 -20.18 15.67 -8.97
C THR A 189 -19.06 14.76 -9.46
N THR A 190 -18.22 14.31 -8.52
CA THR A 190 -17.10 13.43 -8.82
C THR A 190 -17.19 12.18 -7.96
N GLU A 191 -16.49 11.14 -8.37
CA GLU A 191 -16.56 9.82 -7.76
C GLU A 191 -15.31 9.53 -6.95
N ARG A 192 -15.49 8.95 -5.77
CA ARG A 192 -14.39 8.56 -4.90
C ARG A 192 -14.55 7.10 -4.51
N ILE A 193 -13.43 6.46 -4.18
CA ILE A 193 -13.39 5.02 -4.00
C ILE A 193 -13.66 4.63 -2.55
N GLU A 194 -12.94 5.23 -1.61
CA GLU A 194 -12.98 4.83 -0.21
C GLU A 194 -13.83 5.79 0.60
N GLU A 195 -14.59 5.26 1.57
CA GLU A 195 -15.45 6.09 2.38
C GLU A 195 -14.64 7.09 3.21
N TYR A 196 -13.53 6.65 3.79
CA TYR A 196 -12.64 7.52 4.55
C TYR A 196 -11.26 7.47 3.90
N GLY A 197 -11.06 8.34 2.92
CA GLY A 197 -9.80 8.42 2.21
C GLY A 197 -9.67 9.70 1.44
N PRO A 198 -9.09 9.64 0.24
CA PRO A 198 -9.02 10.83 -0.61
C PRO A 198 -10.42 11.32 -0.96
N ILE A 199 -10.55 12.65 -1.05
CA ILE A 199 -11.84 13.24 -1.36
C ILE A 199 -12.28 12.88 -2.78
N ALA A 200 -11.32 12.83 -3.70
CA ALA A 200 -11.56 12.37 -5.06
C ALA A 200 -10.54 11.28 -5.39
N ARG A 201 -10.82 10.53 -6.45
CA ARG A 201 -9.92 9.45 -6.84
C ARG A 201 -8.54 9.98 -7.21
N TYR A 202 -8.49 11.11 -7.93
CA TYR A 202 -7.22 11.69 -8.30
C TYR A 202 -6.55 12.44 -7.14
N GLY A 203 -7.33 12.85 -6.15
CA GLY A 203 -6.78 13.56 -5.00
C GLY A 203 -6.52 15.03 -5.22
N VAL A 204 -6.82 15.57 -6.40
CA VAL A 204 -6.56 16.97 -6.70
C VAL A 204 -7.84 17.80 -6.81
N GLU A 205 -9.01 17.16 -6.83
CA GLU A 205 -10.25 17.91 -6.96
C GLU A 205 -10.51 18.79 -5.75
N GLU A 206 -10.14 18.32 -4.55
CA GLU A 206 -10.42 19.08 -3.34
C GLU A 206 -9.67 20.40 -3.30
N PHE A 207 -8.54 20.51 -3.99
CA PHE A 207 -7.69 21.69 -3.92
C PHE A 207 -7.93 22.66 -5.06
N VAL A 208 -8.93 22.43 -5.91
CA VAL A 208 -9.25 23.31 -7.02
C VAL A 208 -10.63 23.94 -6.86
N SER A 209 -11.63 23.14 -6.51
CA SER A 209 -12.98 23.66 -6.36
C SER A 209 -13.09 24.58 -5.15
N ASP A 210 -13.88 25.65 -5.30
CA ASP A 210 -14.06 26.59 -4.20
C ASP A 210 -14.81 25.96 -3.04
N ASN A 211 -15.81 25.14 -3.32
CA ASN A 211 -16.64 24.52 -2.30
C ASN A 211 -16.59 23.00 -2.47
N VAL A 212 -16.52 22.28 -1.36
CA VAL A 212 -16.44 20.82 -1.39
C VAL A 212 -17.50 20.26 -0.46
N VAL A 213 -18.35 19.39 -0.99
CA VAL A 213 -19.35 18.66 -0.21
C VAL A 213 -19.09 17.18 -0.38
N ILE A 214 -19.19 16.43 0.71
CA ILE A 214 -18.82 15.01 0.73
C ILE A 214 -20.02 14.22 1.23
N LEU A 215 -20.43 13.23 0.44
CA LEU A 215 -21.46 12.27 0.84
C LEU A 215 -20.78 10.93 1.12
N ARG A 216 -21.04 10.38 2.30
CA ARG A 216 -20.42 9.14 2.73
C ARG A 216 -21.48 8.10 3.02
N ASN A 217 -21.24 6.87 2.56
CA ASN A 217 -22.11 5.72 2.80
C ASN A 217 -21.30 4.74 3.65
N VAL A 218 -21.35 4.93 4.96
CA VAL A 218 -20.48 4.20 5.88
C VAL A 218 -21.13 2.88 6.25
N LEU A 219 -20.38 1.79 6.08
CA LEU A 219 -20.87 0.45 6.39
C LEU A 219 -20.28 0.01 7.73
N GLU A 220 -21.11 0.02 8.77
CA GLU A 220 -20.71 -0.43 10.10
C GLU A 220 -21.79 -1.35 10.66
N GLY A 221 -21.36 -2.40 11.34
CA GLY A 221 -22.30 -3.35 11.91
C GLY A 221 -23.21 -4.00 10.89
N GLU A 222 -22.70 -4.23 9.68
CA GLU A 222 -23.49 -4.75 8.56
C GLU A 222 -24.70 -3.87 8.25
N ARG A 223 -24.55 -2.56 8.44
CA ARG A 223 -25.60 -1.60 8.11
C ARG A 223 -24.96 -0.34 7.56
N ARG A 224 -25.61 0.25 6.55
CA ARG A 224 -25.09 1.45 5.89
C ARG A 224 -25.80 2.69 6.40
N ARG A 225 -25.02 3.74 6.63
CA ARG A 225 -25.51 5.01 7.12
C ARG A 225 -25.03 6.12 6.19
N ARG A 226 -25.92 7.05 5.87
CA ARG A 226 -25.62 8.14 4.96
C ARG A 226 -25.28 9.40 5.74
N THR A 227 -24.18 10.05 5.37
CA THR A 227 -23.74 11.27 6.04
C THR A 227 -23.33 12.31 5.00
N LEU A 228 -23.56 13.57 5.35
CA LEU A 228 -23.24 14.71 4.51
C LEU A 228 -22.31 15.63 5.28
N GLU A 229 -21.25 16.09 4.61
CA GLU A 229 -20.26 16.96 5.23
C GLU A 229 -19.93 18.10 4.28
N ILE A 230 -19.69 19.28 4.84
CA ILE A 230 -19.23 20.44 4.07
C ILE A 230 -17.77 20.62 4.42
N LEU A 231 -16.88 20.16 3.52
CA LEU A 231 -15.45 20.21 3.82
C LEU A 231 -14.93 21.64 3.91
N LYS A 232 -15.36 22.50 2.99
CA LYS A 232 -14.93 23.88 3.01
C LYS A 232 -15.87 24.73 2.18
N LEU A 233 -15.92 26.02 2.50
CA LEU A 233 -16.59 27.03 1.68
C LEU A 233 -15.67 28.24 1.65
N ARG A 234 -14.98 28.43 0.53
CA ARG A 234 -14.05 29.55 0.40
C ARG A 234 -14.78 30.88 0.51
N GLY A 235 -14.51 31.63 1.58
CA GLY A 235 -15.06 32.95 1.75
C GLY A 235 -16.33 33.06 2.56
N THR A 236 -16.77 31.98 3.19
CA THR A 236 -17.97 32.05 4.01
C THR A 236 -17.97 30.91 5.01
N SER A 237 -18.70 31.11 6.11
CA SER A 237 -18.74 30.13 7.19
C SER A 237 -19.71 29.00 6.87
N HIS A 238 -19.52 27.88 7.55
CA HIS A 238 -20.36 26.70 7.38
C HIS A 238 -20.22 25.83 8.62
N MET A 239 -21.15 24.90 8.77
CA MET A 239 -21.09 23.96 9.89
C MET A 239 -19.99 22.93 9.66
N LYS A 240 -19.39 22.49 10.76
CA LYS A 240 -18.27 21.55 10.73
C LYS A 240 -18.71 20.21 11.32
N GLY A 241 -18.40 19.13 10.61
CA GLY A 241 -18.74 17.79 11.02
C GLY A 241 -19.51 17.09 9.92
N GLU A 242 -20.17 15.99 10.29
CA GLU A 242 -21.01 15.24 9.36
C GLU A 242 -22.40 15.07 9.96
N TYR A 243 -23.42 15.22 9.13
CA TYR A 243 -24.80 15.15 9.55
C TYR A 243 -25.55 14.07 8.77
N PRO A 244 -26.39 13.29 9.42
CA PRO A 244 -27.12 12.24 8.69
C PRO A 244 -28.13 12.83 7.74
N PHE A 245 -28.36 12.11 6.63
CA PHE A 245 -29.39 12.47 5.67
C PHE A 245 -29.98 11.19 5.09
N THR A 246 -31.21 11.31 4.60
CA THR A 246 -31.94 10.17 4.04
C THR A 246 -32.47 10.52 2.66
N ILE A 247 -32.38 9.54 1.75
CA ILE A 247 -32.95 9.67 0.41
C ILE A 247 -34.33 9.03 0.47
N THR A 248 -35.36 9.86 0.59
CA THR A 248 -36.73 9.40 0.66
C THR A 248 -37.36 9.48 -0.73
N ASP A 249 -38.67 9.26 -0.81
CA ASP A 249 -39.38 9.32 -2.08
C ASP A 249 -39.56 10.74 -2.59
N HIS A 250 -39.30 11.76 -1.75
CA HIS A 250 -39.41 13.15 -2.18
C HIS A 250 -38.06 13.78 -2.49
N GLY A 251 -36.96 13.09 -2.22
CA GLY A 251 -35.63 13.58 -2.50
C GLY A 251 -34.77 13.53 -1.26
N ILE A 252 -33.59 14.15 -1.35
CA ILE A 252 -32.65 14.17 -0.23
C ILE A 252 -33.23 15.01 0.90
N ASN A 253 -33.08 14.51 2.13
CA ASN A 253 -33.54 15.23 3.32
C ASN A 253 -32.42 15.13 4.36
N ILE A 254 -31.79 16.27 4.66
CA ILE A 254 -30.70 16.34 5.62
C ILE A 254 -31.24 16.79 6.97
N PHE A 255 -30.75 16.16 8.04
CA PHE A 255 -31.15 16.54 9.38
C PHE A 255 -30.13 17.50 9.96
N PRO A 256 -30.46 18.78 10.16
CA PRO A 256 -29.49 19.74 10.73
C PRO A 256 -29.49 19.70 12.25
N LEU A 257 -28.95 18.62 12.80
CA LEU A 257 -28.90 18.43 14.24
C LEU A 257 -27.90 19.39 14.90
N HIS B 23 -46.14 9.20 -9.92
CA HIS B 23 -45.21 9.16 -8.79
C HIS B 23 -44.35 7.90 -8.84
N GLN B 24 -44.50 7.14 -9.92
CA GLN B 24 -43.73 5.91 -10.10
C GLN B 24 -43.67 5.59 -11.58
N ALA B 25 -42.47 5.26 -12.07
CA ALA B 25 -42.27 4.93 -13.48
C ALA B 25 -41.29 3.79 -13.66
N ILE B 26 -41.15 2.92 -12.65
CA ILE B 26 -40.22 1.81 -12.69
C ILE B 26 -40.99 0.52 -12.48
N ALA B 27 -40.79 -0.44 -13.38
CA ALA B 27 -41.43 -1.74 -13.30
C ALA B 27 -40.37 -2.80 -13.00
N LYS B 28 -40.74 -3.79 -12.18
CA LYS B 28 -39.82 -4.80 -11.71
C LYS B 28 -40.34 -6.20 -12.02
N MET B 29 -39.44 -7.09 -12.42
CA MET B 29 -39.76 -8.50 -12.60
C MET B 29 -39.19 -9.29 -11.44
N ARG B 30 -40.01 -10.14 -10.84
CA ARG B 30 -39.58 -10.92 -9.70
C ARG B 30 -38.53 -11.95 -10.12
N THR B 31 -37.44 -12.02 -9.35
CA THR B 31 -36.42 -13.04 -9.59
C THR B 31 -36.80 -14.39 -9.01
N MET B 32 -37.81 -14.44 -8.16
CA MET B 32 -38.31 -15.65 -7.50
C MET B 32 -37.28 -16.30 -6.58
N ILE B 33 -36.16 -15.63 -6.33
CA ILE B 33 -35.19 -16.12 -5.35
C ILE B 33 -35.76 -15.87 -3.96
N GLU B 34 -35.67 -16.89 -3.09
CA GLU B 34 -36.30 -16.82 -1.78
C GLU B 34 -35.72 -15.69 -0.93
N GLY B 35 -36.52 -14.65 -0.69
CA GLY B 35 -36.13 -13.55 0.16
C GLY B 35 -35.47 -12.38 -0.54
N PHE B 36 -34.99 -12.57 -1.78
CA PHE B 36 -34.34 -11.47 -2.47
C PHE B 36 -35.35 -10.42 -2.92
N ASP B 37 -36.55 -10.85 -3.32
CA ASP B 37 -37.57 -9.89 -3.73
C ASP B 37 -38.03 -9.03 -2.55
N ASP B 38 -38.05 -9.60 -1.35
CA ASP B 38 -38.44 -8.83 -0.17
C ASP B 38 -37.46 -7.71 0.11
N ILE B 39 -36.16 -7.98 0.01
CA ILE B 39 -35.17 -6.96 0.31
C ILE B 39 -34.88 -6.05 -0.88
N SER B 40 -35.29 -6.44 -2.09
CA SER B 40 -35.17 -5.59 -3.26
C SER B 40 -36.42 -4.77 -3.52
N HIS B 41 -37.48 -4.97 -2.72
CA HIS B 41 -38.73 -4.24 -2.86
C HIS B 41 -39.33 -4.40 -4.26
N GLY B 42 -39.59 -5.66 -4.64
CA GLY B 42 -40.23 -5.97 -5.90
C GLY B 42 -39.39 -6.73 -6.89
N GLY B 43 -38.12 -6.93 -6.63
CA GLY B 43 -37.26 -7.69 -7.53
C GLY B 43 -36.40 -6.80 -8.40
N LEU B 44 -35.81 -7.43 -9.41
CA LEU B 44 -34.89 -6.72 -10.30
C LEU B 44 -35.68 -5.85 -11.27
N PRO B 45 -35.30 -4.58 -11.42
CA PRO B 45 -36.00 -3.71 -12.37
C PRO B 45 -35.89 -4.23 -13.80
N ILE B 46 -36.96 -4.03 -14.57
CA ILE B 46 -37.03 -4.53 -15.93
C ILE B 46 -36.27 -3.59 -16.86
N GLY B 47 -35.41 -4.17 -17.69
CA GLY B 47 -34.68 -3.40 -18.67
C GLY B 47 -33.34 -2.86 -18.22
N ARG B 48 -32.97 -3.05 -16.96
CA ARG B 48 -31.71 -2.57 -16.42
C ARG B 48 -30.78 -3.74 -16.12
N SER B 49 -29.48 -3.47 -16.20
CA SER B 49 -28.46 -4.50 -16.02
C SER B 49 -27.87 -4.41 -14.62
N THR B 50 -27.91 -5.50 -13.88
CA THR B 50 -27.38 -5.59 -12.54
C THR B 50 -25.94 -6.10 -12.57
N LEU B 51 -25.15 -5.64 -11.60
CA LEU B 51 -23.79 -6.12 -11.41
C LEU B 51 -23.72 -6.83 -10.07
N VAL B 52 -23.52 -8.14 -10.09
CA VAL B 52 -23.42 -8.97 -8.90
C VAL B 52 -21.95 -9.26 -8.68
N SER B 53 -21.39 -8.73 -7.59
CA SER B 53 -19.96 -8.80 -7.32
C SER B 53 -19.70 -9.52 -6.00
N GLY B 54 -18.71 -10.40 -6.01
CA GLY B 54 -18.32 -11.11 -4.80
C GLY B 54 -17.05 -11.89 -5.03
N THR B 55 -16.47 -12.35 -3.94
CA THR B 55 -15.26 -13.15 -4.01
C THR B 55 -15.60 -14.57 -4.48
N SER B 56 -14.57 -15.39 -4.63
CA SER B 56 -14.79 -16.76 -5.08
C SER B 56 -15.52 -17.57 -4.02
N GLY B 57 -16.47 -18.39 -4.47
CA GLY B 57 -17.22 -19.23 -3.56
C GLY B 57 -18.40 -18.58 -2.88
N THR B 58 -18.81 -17.39 -3.33
CA THR B 58 -19.93 -16.69 -2.72
C THR B 58 -21.28 -17.06 -3.32
N GLY B 59 -21.33 -17.32 -4.63
CA GLY B 59 -22.57 -17.72 -5.26
C GLY B 59 -23.02 -16.86 -6.42
N LYS B 60 -22.07 -16.23 -7.12
CA LYS B 60 -22.44 -15.42 -8.27
C LYS B 60 -23.00 -16.26 -9.40
N THR B 61 -22.29 -17.33 -9.77
CA THR B 61 -22.76 -18.22 -10.83
C THR B 61 -24.08 -18.87 -10.47
N LEU B 62 -24.21 -19.30 -9.22
CA LEU B 62 -25.46 -19.89 -8.76
C LEU B 62 -26.59 -18.87 -8.81
N PHE B 63 -26.31 -17.62 -8.44
CA PHE B 63 -27.31 -16.56 -8.50
C PHE B 63 -27.79 -16.35 -9.93
N SER B 64 -26.85 -16.25 -10.87
CA SER B 64 -27.22 -16.02 -12.27
C SER B 64 -27.95 -17.22 -12.86
N ILE B 65 -27.60 -18.45 -12.46
CA ILE B 65 -28.32 -19.62 -12.95
C ILE B 65 -29.72 -19.68 -12.37
N GLN B 66 -29.86 -19.42 -11.06
CA GLN B 66 -31.15 -19.53 -10.40
C GLN B 66 -32.11 -18.45 -10.89
N PHE B 67 -31.60 -17.26 -11.20
CA PHE B 67 -32.45 -16.21 -11.77
C PHE B 67 -33.16 -16.72 -13.03
N LEU B 68 -32.39 -17.22 -13.99
CA LEU B 68 -32.96 -17.71 -15.24
C LEU B 68 -33.86 -18.92 -15.02
N TYR B 69 -33.41 -19.86 -14.17
CA TYR B 69 -34.18 -21.08 -13.97
C TYR B 69 -35.54 -20.78 -13.33
N ASN B 70 -35.54 -19.92 -12.31
CA ASN B 70 -36.80 -19.55 -11.68
C ASN B 70 -37.70 -18.79 -12.64
N GLY B 71 -37.13 -17.91 -13.45
CA GLY B 71 -37.94 -17.23 -14.46
C GLY B 71 -38.60 -18.20 -15.41
N ILE B 72 -37.83 -19.15 -15.93
CA ILE B 72 -38.37 -20.12 -16.89
C ILE B 72 -39.44 -20.99 -16.24
N ILE B 73 -39.19 -21.44 -15.00
CA ILE B 73 -40.15 -22.32 -14.34
C ILE B 73 -41.44 -21.59 -14.02
N GLU B 74 -41.35 -20.38 -13.46
CA GLU B 74 -42.54 -19.70 -12.98
C GLU B 74 -43.27 -18.97 -14.11
N PHE B 75 -42.60 -18.01 -14.75
CA PHE B 75 -43.27 -17.12 -15.69
C PHE B 75 -43.22 -17.62 -17.12
N ASP B 76 -42.64 -18.79 -17.37
CA ASP B 76 -42.46 -19.33 -18.72
C ASP B 76 -41.74 -18.34 -19.61
N GLU B 77 -40.77 -17.63 -19.02
CA GLU B 77 -39.99 -16.64 -19.74
C GLU B 77 -38.59 -17.19 -19.98
N PRO B 78 -38.23 -17.51 -21.22
CA PRO B 78 -36.93 -18.16 -21.47
C PRO B 78 -35.77 -17.25 -21.10
N GLY B 79 -34.58 -17.85 -21.05
CA GLY B 79 -33.40 -17.13 -20.64
C GLY B 79 -32.18 -17.54 -21.47
N VAL B 80 -31.20 -16.65 -21.47
CA VAL B 80 -29.92 -16.88 -22.13
C VAL B 80 -28.81 -16.70 -21.10
N PHE B 81 -27.96 -17.72 -20.97
CA PHE B 81 -26.85 -17.71 -20.02
C PHE B 81 -25.56 -17.74 -20.81
N VAL B 82 -24.85 -16.62 -20.84
CA VAL B 82 -23.58 -16.52 -21.55
C VAL B 82 -22.46 -16.77 -20.55
N THR B 83 -21.59 -17.74 -20.84
CA THR B 83 -20.52 -18.10 -19.93
C THR B 83 -19.17 -18.04 -20.66
N PHE B 84 -18.14 -17.71 -19.89
CA PHE B 84 -16.79 -17.58 -20.41
C PHE B 84 -15.78 -18.47 -19.71
N GLU B 85 -15.90 -18.65 -18.40
CA GLU B 85 -14.95 -19.43 -17.62
C GLU B 85 -15.34 -20.89 -17.47
N GLU B 86 -16.47 -21.31 -18.03
CA GLU B 86 -16.93 -22.68 -17.88
C GLU B 86 -17.57 -23.15 -19.17
N THR B 87 -17.60 -24.47 -19.34
CA THR B 87 -18.31 -25.12 -20.42
C THR B 87 -19.76 -25.35 -20.02
N PRO B 88 -20.67 -25.44 -20.99
CA PRO B 88 -22.08 -25.69 -20.65
C PRO B 88 -22.30 -26.97 -19.87
N GLN B 89 -21.52 -28.03 -20.15
CA GLN B 89 -21.71 -29.30 -19.47
C GLN B 89 -21.42 -29.18 -17.98
N ASP B 90 -20.36 -28.46 -17.62
CA ASP B 90 -20.04 -28.27 -16.21
C ASP B 90 -21.15 -27.52 -15.48
N ILE B 91 -21.71 -26.49 -16.12
CA ILE B 91 -22.80 -25.74 -15.52
C ILE B 91 -24.03 -26.63 -15.36
N ILE B 92 -24.30 -27.48 -16.35
CA ILE B 92 -25.44 -28.39 -16.26
C ILE B 92 -25.26 -29.36 -15.11
N LYS B 93 -24.04 -29.90 -14.94
CA LYS B 93 -23.80 -30.82 -13.83
C LYS B 93 -23.93 -30.11 -12.48
N ASN B 94 -23.38 -28.90 -12.36
CA ASN B 94 -23.50 -28.15 -11.12
C ASN B 94 -24.95 -27.81 -10.81
N ALA B 95 -25.76 -27.55 -11.84
CA ALA B 95 -27.17 -27.28 -11.61
C ALA B 95 -27.92 -28.55 -11.21
N ARG B 96 -27.63 -29.67 -11.86
CA ARG B 96 -28.24 -30.94 -11.49
C ARG B 96 -27.86 -31.36 -10.07
N SER B 97 -26.73 -30.85 -9.57
CA SER B 97 -26.42 -31.05 -8.15
C SER B 97 -27.53 -30.51 -7.25
N PHE B 98 -28.20 -29.43 -7.67
CA PHE B 98 -29.33 -28.88 -6.94
C PHE B 98 -30.66 -29.54 -7.31
N GLY B 99 -30.69 -30.35 -8.35
CA GLY B 99 -31.93 -30.92 -8.85
C GLY B 99 -32.53 -30.22 -10.04
N TRP B 100 -31.82 -29.27 -10.64
CA TRP B 100 -32.32 -28.52 -11.80
C TRP B 100 -31.88 -29.23 -13.07
N ASP B 101 -32.86 -29.76 -13.82
CA ASP B 101 -32.57 -30.45 -15.07
C ASP B 101 -32.52 -29.44 -16.21
N LEU B 102 -31.41 -28.71 -16.25
CA LEU B 102 -31.22 -27.70 -17.30
C LEU B 102 -31.09 -28.31 -18.68
N ALA B 103 -30.70 -29.59 -18.78
CA ALA B 103 -30.61 -30.23 -20.09
C ALA B 103 -31.98 -30.31 -20.76
N LYS B 104 -33.01 -30.65 -19.98
CA LYS B 104 -34.36 -30.70 -20.53
C LYS B 104 -34.82 -29.33 -21.00
N LEU B 105 -34.51 -28.28 -20.24
CA LEU B 105 -34.89 -26.93 -20.65
C LEU B 105 -34.16 -26.52 -21.91
N VAL B 106 -32.87 -26.85 -22.03
CA VAL B 106 -32.11 -26.52 -23.23
C VAL B 106 -32.69 -27.25 -24.44
N ASP B 107 -33.02 -28.54 -24.28
CA ASP B 107 -33.59 -29.30 -25.38
C ASP B 107 -34.95 -28.74 -25.80
N GLU B 108 -35.78 -28.36 -24.82
CA GLU B 108 -37.10 -27.81 -25.13
C GLU B 108 -37.01 -26.41 -25.73
N GLY B 109 -35.85 -25.75 -25.66
CA GLY B 109 -35.69 -24.42 -26.16
C GLY B 109 -36.03 -23.32 -25.18
N LYS B 110 -36.47 -23.66 -23.96
CA LYS B 110 -36.80 -22.66 -22.97
C LYS B 110 -35.57 -22.04 -22.31
N LEU B 111 -34.37 -22.55 -22.61
CA LEU B 111 -33.14 -22.01 -22.05
C LEU B 111 -32.03 -22.17 -23.08
N PHE B 112 -31.19 -21.15 -23.20
CA PHE B 112 -30.05 -21.18 -24.10
C PHE B 112 -28.78 -20.92 -23.30
N ILE B 113 -27.72 -21.66 -23.62
CA ILE B 113 -26.42 -21.49 -22.98
C ILE B 113 -25.41 -21.18 -24.07
N LEU B 114 -24.70 -20.06 -23.91
CA LEU B 114 -23.76 -19.57 -24.91
C LEU B 114 -22.34 -19.74 -24.39
N ASP B 115 -21.48 -20.32 -25.22
CA ASP B 115 -20.07 -20.55 -24.90
C ASP B 115 -19.23 -19.66 -25.81
N ALA B 116 -18.59 -18.65 -25.23
CA ALA B 116 -17.74 -17.74 -25.97
C ALA B 116 -16.26 -18.05 -25.81
N SER B 117 -15.92 -19.15 -25.16
CA SER B 117 -14.53 -19.52 -24.94
C SER B 117 -14.18 -20.81 -25.69
N LEU B 131 -15.78 -7.62 -28.56
CA LEU B 131 -16.92 -7.51 -27.65
C LEU B 131 -18.20 -7.22 -28.42
N SER B 132 -18.06 -6.60 -29.59
CA SER B 132 -19.23 -6.34 -30.43
C SER B 132 -19.83 -7.64 -30.94
N ALA B 133 -18.98 -8.61 -31.29
CA ALA B 133 -19.49 -9.91 -31.74
C ALA B 133 -20.27 -10.60 -30.64
N LEU B 134 -19.82 -10.48 -29.39
CA LEU B 134 -20.55 -11.07 -28.27
C LEU B 134 -21.94 -10.45 -28.13
N ILE B 135 -22.03 -9.13 -28.26
CA ILE B 135 -23.33 -8.46 -28.17
C ILE B 135 -24.23 -8.89 -29.32
N GLU B 136 -23.65 -9.00 -30.52
CA GLU B 136 -24.44 -9.45 -31.67
C GLU B 136 -24.97 -10.85 -31.45
N ARG B 137 -24.14 -11.75 -30.92
CA ARG B 137 -24.58 -13.12 -30.65
C ARG B 137 -25.66 -13.16 -29.58
N ILE B 138 -25.51 -12.35 -28.52
CA ILE B 138 -26.54 -12.30 -27.48
C ILE B 138 -27.85 -11.80 -28.04
N ASN B 139 -27.81 -10.74 -28.86
CA ASN B 139 -29.02 -10.22 -29.48
C ASN B 139 -29.66 -11.25 -30.40
N TYR B 140 -28.84 -11.98 -31.17
CA TYR B 140 -29.37 -13.00 -32.05
C TYR B 140 -30.05 -14.10 -31.26
N ALA B 141 -29.45 -14.53 -30.14
CA ALA B 141 -30.07 -15.54 -29.30
C ALA B 141 -31.37 -15.04 -28.70
N ILE B 142 -31.38 -13.77 -28.26
CA ILE B 142 -32.59 -13.19 -27.68
C ILE B 142 -33.72 -13.18 -28.71
N GLN B 143 -33.42 -12.75 -29.94
CA GLN B 143 -34.43 -12.72 -30.98
C GLN B 143 -34.91 -14.12 -31.35
N LYS B 144 -33.98 -15.09 -31.42
CA LYS B 144 -34.36 -16.44 -31.84
C LYS B 144 -35.22 -17.12 -30.79
N TYR B 145 -34.85 -17.02 -29.53
CA TYR B 145 -35.55 -17.74 -28.47
C TYR B 145 -36.68 -16.94 -27.83
N ARG B 146 -36.91 -15.71 -28.28
CA ARG B 146 -37.98 -14.86 -27.77
C ARG B 146 -37.89 -14.74 -26.25
N ALA B 147 -36.66 -14.60 -25.76
CA ALA B 147 -36.38 -14.59 -24.33
C ALA B 147 -36.00 -13.19 -23.89
N ARG B 148 -36.55 -12.76 -22.75
CA ARG B 148 -36.09 -11.53 -22.10
C ARG B 148 -35.61 -11.88 -20.71
N ARG B 149 -34.38 -12.41 -20.64
CA ARG B 149 -33.60 -12.60 -19.43
C ARG B 149 -32.20 -13.03 -19.84
N VAL B 150 -31.18 -12.35 -19.35
CA VAL B 150 -29.80 -12.62 -19.72
C VAL B 150 -28.94 -12.68 -18.47
N SER B 151 -28.03 -13.64 -18.42
CA SER B 151 -27.07 -13.73 -17.34
C SER B 151 -25.68 -13.84 -17.94
N ILE B 152 -24.74 -13.06 -17.42
CA ILE B 152 -23.36 -13.06 -17.87
C ILE B 152 -22.50 -13.52 -16.70
N ASP B 153 -21.82 -14.65 -16.88
CA ASP B 153 -21.15 -15.30 -15.77
C ASP B 153 -19.80 -14.67 -15.45
N SER B 154 -19.10 -14.12 -16.45
CA SER B 154 -17.80 -13.52 -16.19
C SER B 154 -17.51 -12.49 -17.28
N VAL B 155 -17.72 -11.21 -16.96
CA VAL B 155 -17.19 -10.14 -17.80
C VAL B 155 -15.81 -9.70 -17.34
N THR B 156 -15.40 -10.07 -16.12
CA THR B 156 -14.06 -9.76 -15.66
C THR B 156 -13.01 -10.46 -16.51
N SER B 157 -13.26 -11.71 -16.90
CA SER B 157 -12.33 -12.42 -17.76
C SER B 157 -12.18 -11.72 -19.11
N VAL B 158 -13.29 -11.20 -19.64
CA VAL B 158 -13.22 -10.44 -20.90
C VAL B 158 -12.42 -9.16 -20.71
N PHE B 159 -12.66 -8.44 -19.61
CA PHE B 159 -11.97 -7.19 -19.37
C PHE B 159 -10.51 -7.38 -19.02
N GLN B 160 -10.10 -8.58 -18.64
CA GLN B 160 -8.69 -8.84 -18.36
C GLN B 160 -7.82 -8.54 -19.57
N GLN B 161 -8.35 -8.68 -20.78
CA GLN B 161 -7.58 -8.40 -21.99
C GLN B 161 -7.19 -6.93 -22.04
N TYR B 162 -8.10 -6.03 -21.68
CA TYR B 162 -7.83 -4.61 -21.71
C TYR B 162 -6.87 -4.21 -20.58
N ASP B 163 -6.14 -3.12 -20.81
CA ASP B 163 -5.11 -2.68 -19.87
C ASP B 163 -5.62 -1.63 -18.90
N ALA B 164 -6.09 -0.50 -19.42
CA ALA B 164 -6.47 0.63 -18.58
C ALA B 164 -7.91 0.51 -18.11
N SER B 165 -8.18 1.10 -16.95
CA SER B 165 -9.53 1.09 -16.38
C SER B 165 -10.50 1.96 -17.17
N SER B 166 -10.00 2.96 -17.90
CA SER B 166 -10.87 3.77 -18.74
C SER B 166 -11.47 2.92 -19.86
N VAL B 167 -10.67 2.06 -20.48
CA VAL B 167 -11.18 1.17 -21.52
C VAL B 167 -12.18 0.19 -20.92
N VAL B 168 -11.92 -0.27 -19.69
CA VAL B 168 -12.86 -1.16 -19.01
C VAL B 168 -14.20 -0.46 -18.81
N ARG B 169 -14.16 0.79 -18.35
CA ARG B 169 -15.38 1.56 -18.17
C ARG B 169 -16.12 1.75 -19.49
N ARG B 170 -15.38 2.06 -20.56
CA ARG B 170 -16.01 2.27 -21.86
C ARG B 170 -16.70 1.01 -22.36
N GLU B 171 -16.01 -0.14 -22.26
CA GLU B 171 -16.61 -1.39 -22.72
C GLU B 171 -17.81 -1.78 -21.87
N LEU B 172 -17.71 -1.61 -20.54
CA LEU B 172 -18.83 -1.93 -19.67
C LEU B 172 -20.03 -1.06 -19.97
N PHE B 173 -19.81 0.24 -20.19
CA PHE B 173 -20.90 1.15 -20.53
C PHE B 173 -21.52 0.77 -21.87
N ARG B 174 -20.70 0.40 -22.85
CA ARG B 174 -21.23 -0.03 -24.14
C ARG B 174 -22.11 -1.27 -23.98
N LEU B 175 -21.65 -2.25 -23.20
CA LEU B 175 -22.43 -3.46 -23.01
C LEU B 175 -23.73 -3.18 -22.28
N VAL B 176 -23.69 -2.35 -21.24
CA VAL B 176 -24.90 -2.03 -20.49
C VAL B 176 -25.89 -1.26 -21.38
N ALA B 177 -25.39 -0.33 -22.17
CA ALA B 177 -26.26 0.42 -23.08
C ALA B 177 -26.92 -0.51 -24.10
N ARG B 178 -26.14 -1.44 -24.66
CA ARG B 178 -26.73 -2.38 -25.62
C ARG B 178 -27.79 -3.25 -24.96
N LEU B 179 -27.52 -3.72 -23.74
CA LEU B 179 -28.50 -4.54 -23.03
C LEU B 179 -29.77 -3.75 -22.75
N LYS B 180 -29.65 -2.49 -22.35
CA LYS B 180 -30.84 -1.68 -22.11
C LYS B 180 -31.60 -1.40 -23.40
N GLN B 181 -30.88 -1.18 -24.51
CA GLN B 181 -31.54 -0.96 -25.79
C GLN B 181 -32.30 -2.21 -26.22
N ILE B 182 -31.73 -3.39 -26.01
CA ILE B 182 -32.43 -4.63 -26.33
C ILE B 182 -33.67 -4.80 -25.46
N GLY B 183 -33.60 -4.40 -24.19
CA GLY B 183 -34.74 -4.50 -23.30
C GLY B 183 -34.79 -5.77 -22.47
N ALA B 184 -33.70 -6.51 -22.39
CA ALA B 184 -33.65 -7.76 -21.63
C ALA B 184 -32.98 -7.53 -20.29
N THR B 185 -33.65 -7.93 -19.22
CA THR B 185 -33.08 -7.81 -17.88
C THR B 185 -31.85 -8.70 -17.77
N THR B 186 -30.72 -8.10 -17.37
CA THR B 186 -29.44 -8.78 -17.36
C THR B 186 -28.86 -8.81 -15.95
N VAL B 187 -28.23 -9.93 -15.61
CA VAL B 187 -27.49 -10.08 -14.36
C VAL B 187 -26.05 -10.41 -14.76
N MET B 188 -25.16 -9.43 -14.62
CA MET B 188 -23.75 -9.60 -14.95
C MET B 188 -22.96 -9.76 -13.67
N THR B 189 -22.11 -10.79 -13.60
CA THR B 189 -21.36 -11.09 -12.39
C THR B 189 -19.88 -10.77 -12.60
N THR B 190 -19.30 -10.05 -11.64
CA THR B 190 -17.90 -9.68 -11.68
C THR B 190 -17.22 -10.13 -10.39
N GLU B 191 -15.89 -10.21 -10.45
CA GLU B 191 -15.08 -10.75 -9.38
C GLU B 191 -14.35 -9.65 -8.64
N ARG B 192 -14.33 -9.75 -7.31
CA ARG B 192 -13.62 -8.81 -6.46
C ARG B 192 -12.68 -9.56 -5.53
N ILE B 193 -11.63 -8.88 -5.09
CA ILE B 193 -10.54 -9.52 -4.36
C ILE B 193 -10.78 -9.52 -2.86
N GLU B 194 -11.07 -8.35 -2.29
CA GLU B 194 -11.16 -8.20 -0.84
C GLU B 194 -12.61 -8.16 -0.39
N GLU B 195 -12.88 -8.77 0.77
CA GLU B 195 -14.25 -8.82 1.29
C GLU B 195 -14.77 -7.42 1.59
N TYR B 196 -13.94 -6.57 2.19
CA TYR B 196 -14.31 -5.18 2.48
C TYR B 196 -13.31 -4.28 1.78
N GLY B 197 -13.60 -3.94 0.53
CA GLY B 197 -12.75 -3.09 -0.26
C GLY B 197 -13.47 -2.56 -1.48
N PRO B 198 -12.76 -2.46 -2.61
CA PRO B 198 -13.42 -2.05 -3.85
C PRO B 198 -14.51 -3.04 -4.25
N ILE B 199 -15.59 -2.50 -4.81
CA ILE B 199 -16.71 -3.35 -5.21
C ILE B 199 -16.30 -4.28 -6.34
N ALA B 200 -15.48 -3.80 -7.26
CA ALA B 200 -14.89 -4.63 -8.30
C ALA B 200 -13.38 -4.44 -8.28
N ARG B 201 -12.67 -5.35 -8.95
CA ARG B 201 -11.22 -5.28 -8.97
C ARG B 201 -10.73 -3.99 -9.64
N TYR B 202 -11.39 -3.60 -10.74
CA TYR B 202 -11.02 -2.36 -11.42
C TYR B 202 -11.51 -1.12 -10.70
N GLY B 203 -12.55 -1.24 -9.87
CA GLY B 203 -13.08 -0.12 -9.13
C GLY B 203 -14.01 0.78 -9.92
N VAL B 204 -14.29 0.46 -11.18
CA VAL B 204 -15.14 1.30 -12.02
C VAL B 204 -16.50 0.65 -12.31
N GLU B 205 -16.67 -0.63 -11.99
CA GLU B 205 -17.92 -1.31 -12.28
C GLU B 205 -19.09 -0.72 -11.48
N GLU B 206 -18.81 -0.31 -10.24
CA GLU B 206 -19.89 0.20 -9.38
C GLU B 206 -20.49 1.49 -9.91
N PHE B 207 -19.73 2.26 -10.68
CA PHE B 207 -20.18 3.57 -11.15
C PHE B 207 -20.78 3.53 -12.56
N VAL B 208 -20.94 2.36 -13.15
CA VAL B 208 -21.52 2.22 -14.49
C VAL B 208 -22.83 1.47 -14.46
N SER B 209 -22.89 0.36 -13.75
CA SER B 209 -24.11 -0.44 -13.68
C SER B 209 -25.19 0.29 -12.91
N ASP B 210 -26.44 0.14 -13.37
CA ASP B 210 -27.56 0.78 -12.72
C ASP B 210 -27.81 0.20 -11.34
N ASN B 211 -27.69 -1.12 -11.19
CA ASN B 211 -27.94 -1.81 -9.95
C ASN B 211 -26.71 -2.60 -9.54
N VAL B 212 -26.39 -2.57 -8.23
CA VAL B 212 -25.21 -3.26 -7.71
C VAL B 212 -25.64 -4.13 -6.54
N VAL B 213 -25.31 -5.42 -6.62
CA VAL B 213 -25.53 -6.38 -5.55
C VAL B 213 -24.19 -6.97 -5.17
N ILE B 214 -23.94 -7.11 -3.86
CA ILE B 214 -22.65 -7.53 -3.34
C ILE B 214 -22.85 -8.76 -2.47
N LEU B 215 -22.12 -9.82 -2.78
CA LEU B 215 -22.07 -11.02 -1.97
C LEU B 215 -20.73 -11.07 -1.25
N ARG B 216 -20.75 -11.22 0.07
CA ARG B 216 -19.55 -11.21 0.88
C ARG B 216 -19.43 -12.52 1.64
N ASN B 217 -18.23 -13.07 1.66
CA ASN B 217 -17.90 -14.29 2.39
C ASN B 217 -16.90 -13.89 3.48
N VAL B 218 -17.42 -13.45 4.62
CA VAL B 218 -16.60 -12.85 5.67
C VAL B 218 -16.04 -13.94 6.57
N LEU B 219 -14.73 -13.94 6.76
CA LEU B 219 -14.05 -14.92 7.60
C LEU B 219 -13.74 -14.28 8.95
N GLU B 220 -14.49 -14.65 9.98
CA GLU B 220 -14.27 -14.17 11.33
C GLU B 220 -14.33 -15.35 12.29
N GLY B 221 -13.45 -15.34 13.29
CA GLY B 221 -13.40 -16.42 14.26
C GLY B 221 -13.15 -17.77 13.65
N GLU B 222 -12.35 -17.83 12.57
CA GLU B 222 -12.11 -19.06 11.82
C GLU B 222 -13.40 -19.68 11.31
N ARG B 223 -14.39 -18.84 10.97
CA ARG B 223 -15.64 -19.31 10.39
C ARG B 223 -16.11 -18.31 9.34
N ARG B 224 -16.67 -18.83 8.25
CA ARG B 224 -17.12 -17.99 7.14
C ARG B 224 -18.63 -17.79 7.19
N ARG B 225 -19.05 -16.57 6.94
CA ARG B 225 -20.46 -16.18 6.94
C ARG B 225 -20.78 -15.50 5.63
N ARG B 226 -21.93 -15.84 5.06
CA ARG B 226 -22.36 -15.31 3.77
C ARG B 226 -23.34 -14.16 3.99
N THR B 227 -23.12 -13.05 3.30
CA THR B 227 -23.98 -11.89 3.41
C THR B 227 -24.28 -11.33 2.03
N LEU B 228 -25.48 -10.78 1.88
CA LEU B 228 -25.96 -10.18 0.65
C LEU B 228 -26.34 -8.74 0.92
N GLU B 229 -25.92 -7.83 0.03
CA GLU B 229 -26.17 -6.42 0.19
C GLU B 229 -26.61 -5.84 -1.15
N ILE B 230 -27.55 -4.89 -1.12
CA ILE B 230 -27.97 -4.16 -2.30
C ILE B 230 -27.36 -2.76 -2.18
N LEU B 231 -26.26 -2.53 -2.90
CA LEU B 231 -25.55 -1.26 -2.78
C LEU B 231 -26.39 -0.10 -3.28
N LYS B 232 -27.05 -0.27 -4.42
CA LYS B 232 -27.88 0.79 -4.97
C LYS B 232 -28.85 0.20 -5.98
N LEU B 233 -29.97 0.92 -6.17
CA LEU B 233 -30.92 0.64 -7.24
C LEU B 233 -31.32 1.99 -7.82
N ARG B 234 -30.77 2.33 -8.98
CA ARG B 234 -31.07 3.61 -9.60
C ARG B 234 -32.55 3.73 -9.94
N GLY B 235 -33.26 4.62 -9.27
CA GLY B 235 -34.63 4.90 -9.58
C GLY B 235 -35.67 4.16 -8.76
N THR B 236 -35.26 3.43 -7.72
CA THR B 236 -36.22 2.73 -6.89
C THR B 236 -35.60 2.44 -5.53
N SER B 237 -36.46 2.26 -4.54
CA SER B 237 -36.01 2.05 -3.17
C SER B 237 -35.61 0.59 -2.94
N HIS B 238 -34.81 0.38 -1.90
CA HIS B 238 -34.34 -0.95 -1.54
C HIS B 238 -33.92 -0.92 -0.08
N MET B 239 -33.77 -2.11 0.50
CA MET B 239 -33.30 -2.19 1.88
C MET B 239 -31.82 -1.89 1.97
N LYS B 240 -31.42 -1.32 3.09
CA LYS B 240 -30.04 -0.89 3.33
C LYS B 240 -29.42 -1.75 4.41
N GLY B 241 -28.21 -2.26 4.14
CA GLY B 241 -27.48 -3.09 5.06
C GLY B 241 -27.09 -4.38 4.39
N GLU B 242 -26.72 -5.37 5.21
CA GLU B 242 -26.37 -6.70 4.72
C GLU B 242 -27.20 -7.74 5.45
N TYR B 243 -27.69 -8.74 4.71
CA TYR B 243 -28.53 -9.77 5.26
C TYR B 243 -27.92 -11.15 5.01
N PRO B 244 -27.97 -12.05 5.99
CA PRO B 244 -27.38 -13.38 5.79
C PRO B 244 -28.17 -14.18 4.76
N PHE B 245 -27.45 -15.04 4.04
CA PHE B 245 -28.07 -15.98 3.12
C PHE B 245 -27.27 -17.27 3.12
N THR B 246 -27.93 -18.35 2.72
CA THR B 246 -27.33 -19.68 2.72
C THR B 246 -27.52 -20.33 1.36
N ILE B 247 -26.48 -21.01 0.89
CA ILE B 247 -26.55 -21.80 -0.34
C ILE B 247 -26.88 -23.24 0.09
N THR B 248 -28.14 -23.61 -0.03
CA THR B 248 -28.59 -24.95 0.32
C THR B 248 -28.64 -25.82 -0.93
N ASP B 249 -29.21 -27.02 -0.79
CA ASP B 249 -29.32 -27.93 -1.92
C ASP B 249 -30.40 -27.50 -2.92
N HIS B 250 -31.25 -26.54 -2.56
CA HIS B 250 -32.27 -26.04 -3.47
C HIS B 250 -31.90 -24.72 -4.13
N GLY B 251 -30.81 -24.10 -3.72
CA GLY B 251 -30.35 -22.84 -4.27
C GLY B 251 -30.15 -21.81 -3.18
N ILE B 252 -29.92 -20.57 -3.61
CA ILE B 252 -29.70 -19.47 -2.67
C ILE B 252 -30.97 -19.20 -1.89
N ASN B 253 -30.83 -18.97 -0.59
CA ASN B 253 -31.96 -18.64 0.28
C ASN B 253 -31.53 -17.48 1.17
N ILE B 254 -32.12 -16.31 0.95
CA ILE B 254 -31.80 -15.10 1.71
C ILE B 254 -32.82 -14.94 2.83
N PHE B 255 -32.34 -14.54 4.01
CA PHE B 255 -33.21 -14.28 5.14
C PHE B 255 -33.52 -12.80 5.20
N PRO B 256 -34.75 -12.37 4.93
CA PRO B 256 -35.10 -10.93 5.01
C PRO B 256 -35.47 -10.51 6.43
N LEU B 257 -34.46 -10.46 7.29
CA LEU B 257 -34.67 -10.10 8.69
C LEU B 257 -35.01 -8.62 8.84
N HIS C 23 -31.00 -35.77 -8.51
CA HIS C 23 -30.74 -34.72 -7.53
C HIS C 23 -29.27 -34.66 -7.18
N GLN C 24 -28.46 -35.48 -7.87
CA GLN C 24 -27.03 -35.52 -7.63
C GLN C 24 -26.35 -36.06 -8.88
N ALA C 25 -25.28 -35.38 -9.31
CA ALA C 25 -24.55 -35.80 -10.50
C ALA C 25 -23.04 -35.62 -10.32
N ILE C 26 -22.57 -35.65 -9.08
CA ILE C 26 -21.15 -35.46 -8.77
C ILE C 26 -20.64 -36.69 -8.02
N ALA C 27 -19.56 -37.27 -8.51
CA ALA C 27 -18.92 -38.43 -7.88
C ALA C 27 -17.58 -38.01 -7.30
N LYS C 28 -17.25 -38.59 -6.14
CA LYS C 28 -16.06 -38.21 -5.40
C LYS C 28 -15.19 -39.43 -5.11
N MET C 29 -13.88 -39.25 -5.22
CA MET C 29 -12.92 -40.27 -4.83
C MET C 29 -12.28 -39.88 -3.50
N ARG C 30 -12.25 -40.81 -2.57
CA ARG C 30 -11.70 -40.53 -1.25
C ARG C 30 -10.19 -40.31 -1.33
N THR C 31 -9.71 -39.25 -0.70
CA THR C 31 -8.28 -39.00 -0.62
C THR C 31 -7.60 -39.82 0.46
N MET C 32 -8.37 -40.43 1.35
CA MET C 32 -7.90 -41.26 2.46
C MET C 32 -7.04 -40.48 3.46
N ILE C 33 -6.98 -39.15 3.34
CA ILE C 33 -6.32 -38.34 4.35
C ILE C 33 -7.20 -38.28 5.59
N GLU C 34 -6.59 -38.48 6.76
CA GLU C 34 -7.35 -38.57 8.00
C GLU C 34 -8.11 -37.30 8.30
N GLY C 35 -9.44 -37.34 8.19
CA GLY C 35 -10.29 -36.24 8.53
C GLY C 35 -10.63 -35.31 7.39
N PHE C 36 -9.90 -35.36 6.27
CA PHE C 36 -10.19 -34.47 5.16
C PHE C 36 -11.46 -34.89 4.44
N ASP C 37 -11.71 -36.20 4.33
CA ASP C 37 -12.93 -36.67 3.69
C ASP C 37 -14.17 -36.27 4.49
N ASP C 38 -14.06 -36.23 5.81
CA ASP C 38 -15.19 -35.83 6.63
C ASP C 38 -15.58 -34.38 6.38
N ILE C 39 -14.59 -33.48 6.28
CA ILE C 39 -14.89 -32.07 6.08
C ILE C 39 -15.12 -31.73 4.61
N SER C 40 -14.73 -32.60 3.69
CA SER C 40 -15.01 -32.39 2.27
C SER C 40 -16.30 -33.08 1.83
N HIS C 41 -16.96 -33.82 2.74
CA HIS C 41 -18.21 -34.51 2.44
C HIS C 41 -18.05 -35.48 1.27
N GLY C 42 -17.13 -36.43 1.42
CA GLY C 42 -16.92 -37.48 0.43
C GLY C 42 -15.59 -37.46 -0.27
N GLY C 43 -14.77 -36.45 -0.07
CA GLY C 43 -13.45 -36.38 -0.69
C GLY C 43 -13.41 -35.48 -1.90
N LEU C 44 -12.32 -35.61 -2.63
CA LEU C 44 -12.11 -34.77 -3.80
C LEU C 44 -12.99 -35.24 -4.96
N PRO C 45 -13.72 -34.33 -5.62
CA PRO C 45 -14.53 -34.73 -6.77
C PRO C 45 -13.69 -35.31 -7.89
N ILE C 46 -14.25 -36.29 -8.58
CA ILE C 46 -13.54 -37.01 -9.63
C ILE C 46 -13.59 -36.18 -10.90
N GLY C 47 -12.43 -36.00 -11.54
CA GLY C 47 -12.35 -35.30 -12.80
C GLY C 47 -12.13 -33.80 -12.70
N ARG C 48 -12.08 -33.25 -11.50
CA ARG C 48 -11.88 -31.83 -11.30
C ARG C 48 -10.53 -31.57 -10.66
N SER C 49 -9.96 -30.40 -10.94
CA SER C 49 -8.63 -30.03 -10.49
C SER C 49 -8.74 -29.11 -9.28
N THR C 50 -8.10 -29.49 -8.18
CA THR C 50 -8.09 -28.71 -6.95
C THR C 50 -6.85 -27.82 -6.91
N LEU C 51 -7.01 -26.65 -6.27
CA LEU C 51 -5.90 -25.73 -6.03
C LEU C 51 -5.68 -25.66 -4.52
N VAL C 52 -4.54 -26.16 -4.08
CA VAL C 52 -4.16 -26.15 -2.68
C VAL C 52 -3.15 -25.04 -2.48
N SER C 53 -3.52 -24.01 -1.72
CA SER C 53 -2.72 -22.81 -1.58
C SER C 53 -2.37 -22.57 -0.12
N GLY C 54 -1.11 -22.21 0.12
CA GLY C 54 -0.66 -21.91 1.46
C GLY C 54 0.74 -21.34 1.44
N THR C 55 1.14 -20.78 2.57
CA THR C 55 2.47 -20.22 2.70
C THR C 55 3.49 -21.36 2.84
N SER C 56 4.77 -20.98 2.93
CA SER C 56 5.82 -21.97 3.05
C SER C 56 5.76 -22.67 4.39
N GLY C 57 5.96 -23.98 4.38
CA GLY C 57 5.94 -24.77 5.59
C GLY C 57 4.58 -25.20 6.07
N THR C 58 3.54 -25.07 5.25
CA THR C 58 2.19 -25.45 5.65
C THR C 58 1.87 -26.90 5.34
N GLY C 59 2.39 -27.45 4.25
CA GLY C 59 2.15 -28.84 3.93
C GLY C 59 1.53 -29.11 2.57
N LYS C 60 1.77 -28.22 1.60
CA LYS C 60 1.23 -28.43 0.26
C LYS C 60 1.87 -29.65 -0.41
N THR C 61 3.21 -29.71 -0.40
CA THR C 61 3.90 -30.84 -1.01
C THR C 61 3.55 -32.14 -0.30
N LEU C 62 3.48 -32.12 1.03
CA LEU C 62 3.09 -33.30 1.77
C LEU C 62 1.67 -33.72 1.45
N PHE C 63 0.77 -32.74 1.30
CA PHE C 63 -0.61 -33.04 0.92
C PHE C 63 -0.67 -33.74 -0.43
N SER C 64 0.04 -33.19 -1.43
CA SER C 64 0.02 -33.78 -2.76
C SER C 64 0.69 -35.15 -2.79
N ILE C 65 1.73 -35.36 -1.99
CA ILE C 65 2.36 -36.67 -1.93
C ILE C 65 1.44 -37.69 -1.24
N GLN C 66 0.83 -37.30 -0.13
CA GLN C 66 -0.02 -38.21 0.62
C GLN C 66 -1.26 -38.60 -0.15
N PHE C 67 -1.81 -37.67 -0.93
CA PHE C 67 -2.96 -37.99 -1.77
C PHE C 67 -2.65 -39.18 -2.68
N LEU C 68 -1.56 -39.07 -3.44
CA LEU C 68 -1.18 -40.15 -4.36
C LEU C 68 -0.81 -41.43 -3.61
N TYR C 69 -0.05 -41.30 -2.52
CA TYR C 69 0.39 -42.48 -1.80
C TYR C 69 -0.78 -43.26 -1.21
N ASN C 70 -1.72 -42.53 -0.59
CA ASN C 70 -2.90 -43.19 -0.03
C ASN C 70 -3.75 -43.81 -1.13
N GLY C 71 -3.89 -43.13 -2.28
CA GLY C 71 -4.61 -43.74 -3.38
C GLY C 71 -3.99 -45.04 -3.84
N ILE C 72 -2.67 -45.05 -4.02
CA ILE C 72 -1.97 -46.24 -4.48
C ILE C 72 -2.10 -47.37 -3.46
N ILE C 73 -1.93 -47.04 -2.18
CA ILE C 73 -1.97 -48.08 -1.14
C ILE C 73 -3.36 -48.68 -1.02
N GLU C 74 -4.39 -47.82 -0.96
CA GLU C 74 -5.74 -48.31 -0.68
C GLU C 74 -6.42 -48.86 -1.93
N PHE C 75 -6.60 -48.01 -2.95
CA PHE C 75 -7.43 -48.38 -4.09
C PHE C 75 -6.63 -48.99 -5.23
N ASP C 76 -5.33 -49.18 -5.06
CA ASP C 76 -4.46 -49.71 -6.11
C ASP C 76 -4.57 -48.86 -7.38
N GLU C 77 -4.72 -47.56 -7.18
CA GLU C 77 -4.85 -46.62 -8.30
C GLU C 77 -3.56 -45.83 -8.42
N PRO C 78 -2.77 -46.05 -9.48
CA PRO C 78 -1.46 -45.39 -9.57
C PRO C 78 -1.60 -43.87 -9.67
N GLY C 79 -0.46 -43.19 -9.51
CA GLY C 79 -0.44 -41.75 -9.52
C GLY C 79 0.78 -41.22 -10.22
N VAL C 80 0.66 -39.95 -10.64
CA VAL C 80 1.74 -39.22 -11.29
C VAL C 80 1.98 -37.94 -10.50
N PHE C 81 3.20 -37.72 -10.07
CA PHE C 81 3.59 -36.54 -9.29
C PHE C 81 4.57 -35.73 -10.13
N VAL C 82 4.11 -34.60 -10.64
CA VAL C 82 4.95 -33.72 -11.44
C VAL C 82 5.52 -32.64 -10.52
N THR C 83 6.84 -32.50 -10.51
CA THR C 83 7.50 -31.56 -9.62
C THR C 83 8.41 -30.64 -10.43
N PHE C 84 8.55 -29.42 -9.94
CA PHE C 84 9.36 -28.39 -10.59
C PHE C 84 10.45 -27.83 -9.70
N GLU C 85 10.17 -27.64 -8.41
CA GLU C 85 11.11 -27.03 -7.48
C GLU C 85 11.99 -28.04 -6.75
N GLU C 86 11.81 -29.34 -7.01
CA GLU C 86 12.57 -30.37 -6.31
C GLU C 86 12.91 -31.49 -7.27
N THR C 87 13.96 -32.23 -6.92
CA THR C 87 14.33 -33.45 -7.61
C THR C 87 13.57 -34.63 -7.02
N PRO C 88 13.39 -35.70 -7.81
CA PRO C 88 12.68 -36.87 -7.26
C PRO C 88 13.34 -37.47 -6.04
N GLN C 89 14.68 -37.46 -5.98
CA GLN C 89 15.37 -38.06 -4.84
C GLN C 89 15.06 -37.34 -3.53
N ASP C 90 15.00 -36.00 -3.57
CA ASP C 90 14.68 -35.24 -2.37
C ASP C 90 13.27 -35.56 -1.90
N ILE C 91 12.31 -35.67 -2.83
CA ILE C 91 10.95 -36.01 -2.46
C ILE C 91 10.89 -37.41 -1.87
N ILE C 92 11.65 -38.35 -2.44
CA ILE C 92 11.68 -39.71 -1.91
C ILE C 92 12.24 -39.73 -0.49
N LYS C 93 13.30 -38.97 -0.24
CA LYS C 93 13.86 -38.91 1.11
C LYS C 93 12.88 -38.27 2.10
N ASN C 94 12.23 -37.18 1.70
CA ASN C 94 11.26 -36.55 2.57
C ASN C 94 10.07 -37.46 2.85
N ALA C 95 9.68 -38.29 1.88
CA ALA C 95 8.60 -39.24 2.10
C ALA C 95 9.04 -40.36 3.03
N ARG C 96 10.26 -40.88 2.83
CA ARG C 96 10.79 -41.92 3.71
C ARG C 96 10.95 -41.41 5.13
N SER C 97 11.07 -40.10 5.31
CA SER C 97 11.04 -39.54 6.66
C SER C 97 9.75 -39.92 7.38
N PHE C 98 8.64 -40.04 6.64
CA PHE C 98 7.37 -40.48 7.20
C PHE C 98 7.22 -41.99 7.24
N GLY C 99 8.10 -42.73 6.58
CA GLY C 99 7.96 -44.16 6.45
C GLY C 99 7.40 -44.64 5.13
N TRP C 100 7.22 -43.74 4.17
CA TRP C 100 6.66 -44.10 2.86
C TRP C 100 7.80 -44.48 1.92
N ASP C 101 7.84 -45.75 1.51
CA ASP C 101 8.88 -46.23 0.60
C ASP C 101 8.42 -46.00 -0.84
N LEU C 102 8.51 -44.73 -1.26
CA LEU C 102 8.11 -44.37 -2.61
C LEU C 102 9.02 -44.97 -3.68
N ALA C 103 10.25 -45.33 -3.31
CA ALA C 103 11.15 -45.95 -4.28
C ALA C 103 10.61 -47.30 -4.74
N LYS C 104 10.08 -48.09 -3.81
CA LYS C 104 9.49 -49.37 -4.17
C LYS C 104 8.29 -49.18 -5.10
N LEU C 105 7.44 -48.19 -4.81
CA LEU C 105 6.29 -47.92 -5.67
C LEU C 105 6.72 -47.49 -7.06
N VAL C 106 7.76 -46.65 -7.15
CA VAL C 106 8.25 -46.20 -8.45
C VAL C 106 8.81 -47.38 -9.24
N ASP C 107 9.58 -48.25 -8.57
CA ASP C 107 10.13 -49.41 -9.25
C ASP C 107 9.03 -50.35 -9.73
N GLU C 108 8.00 -50.57 -8.90
CA GLU C 108 6.90 -51.44 -9.28
C GLU C 108 6.01 -50.84 -10.37
N GLY C 109 6.16 -49.55 -10.65
CA GLY C 109 5.33 -48.89 -11.64
C GLY C 109 4.04 -48.32 -11.12
N LYS C 110 3.73 -48.51 -9.83
CA LYS C 110 2.50 -47.98 -9.25
C LYS C 110 2.56 -46.48 -9.01
N LEU C 111 3.71 -45.85 -9.18
CA LEU C 111 3.85 -44.42 -8.99
C LEU C 111 4.88 -43.89 -9.97
N PHE C 112 4.61 -42.72 -10.54
CA PHE C 112 5.53 -42.06 -11.46
C PHE C 112 5.84 -40.67 -10.93
N ILE C 113 7.10 -40.27 -11.04
CA ILE C 113 7.55 -38.95 -10.62
C ILE C 113 8.17 -38.28 -11.84
N LEU C 114 7.67 -37.09 -12.18
CA LEU C 114 8.09 -36.36 -13.36
C LEU C 114 8.90 -35.14 -12.94
N ASP C 115 10.07 -34.97 -13.57
CA ASP C 115 10.97 -33.85 -13.31
C ASP C 115 11.00 -32.98 -14.56
N ALA C 116 10.44 -31.78 -14.46
CA ALA C 116 10.42 -30.84 -15.57
C ALA C 116 11.47 -29.74 -15.43
N SER C 117 12.33 -29.84 -14.44
CA SER C 117 13.36 -28.83 -14.22
C SER C 117 14.77 -29.40 -14.46
N LEU C 131 4.38 -24.86 -21.96
CA LEU C 131 3.41 -25.48 -21.06
C LEU C 131 2.65 -26.60 -21.76
N SER C 132 2.55 -26.50 -23.09
CA SER C 132 1.91 -27.55 -23.87
C SER C 132 2.70 -28.86 -23.79
N ALA C 133 4.03 -28.76 -23.82
CA ALA C 133 4.86 -29.95 -23.70
C ALA C 133 4.66 -30.63 -22.35
N LEU C 134 4.50 -29.84 -21.29
CA LEU C 134 4.24 -30.41 -19.97
C LEU C 134 2.93 -31.18 -19.95
N ILE C 135 1.89 -30.63 -20.56
CA ILE C 135 0.60 -31.33 -20.62
C ILE C 135 0.71 -32.60 -21.44
N GLU C 136 1.45 -32.54 -22.55
CA GLU C 136 1.65 -33.73 -23.38
C GLU C 136 2.38 -34.82 -22.59
N ARG C 137 3.41 -34.44 -21.83
CA ARG C 137 4.14 -35.41 -21.03
C ARG C 137 3.27 -36.00 -19.93
N ILE C 138 2.45 -35.17 -19.28
CA ILE C 138 1.56 -35.68 -18.24
C ILE C 138 0.55 -36.66 -18.84
N ASN C 139 -0.01 -36.32 -20.00
CA ASN C 139 -0.96 -37.22 -20.66
C ASN C 139 -0.28 -38.53 -21.06
N TYR C 140 0.95 -38.44 -21.56
CA TYR C 140 1.69 -39.65 -21.94
C TYR C 140 1.93 -40.54 -20.73
N ALA C 141 2.32 -39.94 -19.60
CA ALA C 141 2.52 -40.72 -18.38
C ALA C 141 1.22 -41.35 -17.91
N ILE C 142 0.12 -40.60 -17.99
CA ILE C 142 -1.18 -41.12 -17.57
C ILE C 142 -1.57 -42.32 -18.41
N GLN C 143 -1.39 -42.21 -19.73
CA GLN C 143 -1.73 -43.32 -20.62
C GLN C 143 -0.81 -44.52 -20.38
N LYS C 144 0.48 -44.28 -20.18
CA LYS C 144 1.42 -45.39 -20.02
C LYS C 144 1.19 -46.14 -18.71
N TYR C 145 0.98 -45.42 -17.61
CA TYR C 145 0.86 -46.06 -16.30
C TYR C 145 -0.57 -46.39 -15.93
N ARG C 146 -1.55 -46.09 -16.79
CA ARG C 146 -2.96 -46.38 -16.53
C ARG C 146 -3.40 -45.81 -15.20
N ALA C 147 -2.94 -44.60 -14.90
CA ALA C 147 -3.16 -43.96 -13.62
C ALA C 147 -4.14 -42.81 -13.76
N ARG C 148 -5.09 -42.71 -12.84
CA ARG C 148 -5.95 -41.53 -12.75
C ARG C 148 -5.77 -40.93 -11.37
N ARG C 149 -4.67 -40.18 -11.22
CA ARG C 149 -4.40 -39.29 -10.10
C ARG C 149 -3.15 -38.48 -10.44
N VAL C 150 -3.22 -37.16 -10.33
CA VAL C 150 -2.12 -36.29 -10.70
C VAL C 150 -1.92 -35.27 -9.59
N SER C 151 -0.66 -34.99 -9.26
CA SER C 151 -0.32 -33.94 -8.31
C SER C 151 0.72 -33.03 -8.95
N ILE C 152 0.50 -31.73 -8.85
CA ILE C 152 1.42 -30.73 -9.39
C ILE C 152 1.96 -29.93 -8.21
N ASP C 153 3.28 -30.00 -8.01
CA ASP C 153 3.87 -29.46 -6.80
C ASP C 153 4.07 -27.96 -6.85
N SER C 154 4.31 -27.40 -8.04
CA SER C 154 4.53 -25.96 -8.15
C SER C 154 4.18 -25.52 -9.57
N VAL C 155 2.98 -24.95 -9.74
CA VAL C 155 2.67 -24.22 -10.96
C VAL C 155 3.02 -22.74 -10.83
N THR C 156 3.20 -22.25 -9.61
CA THR C 156 3.62 -20.86 -9.41
C THR C 156 4.99 -20.60 -10.03
N SER C 157 5.90 -21.56 -9.89
CA SER C 157 7.22 -21.41 -10.50
C SER C 157 7.12 -21.31 -12.01
N VAL C 158 6.23 -22.11 -12.62
CA VAL C 158 6.01 -22.03 -14.05
C VAL C 158 5.43 -20.67 -14.44
N PHE C 159 4.44 -20.19 -13.68
CA PHE C 159 3.79 -18.93 -14.00
C PHE C 159 4.70 -17.72 -13.74
N GLN C 160 5.77 -17.90 -12.96
CA GLN C 160 6.70 -16.80 -12.73
C GLN C 160 7.30 -16.28 -14.03
N GLN C 161 7.41 -17.14 -15.04
CA GLN C 161 7.94 -16.71 -16.33
C GLN C 161 7.04 -15.66 -16.98
N TYR C 162 5.73 -15.85 -16.90
CA TYR C 162 4.80 -14.91 -17.49
C TYR C 162 4.74 -13.61 -16.69
N ASP C 163 4.38 -12.53 -17.38
CA ASP C 163 4.38 -11.20 -16.77
C ASP C 163 3.01 -10.81 -16.22
N ALA C 164 2.00 -10.76 -17.09
CA ALA C 164 0.69 -10.27 -16.72
C ALA C 164 -0.17 -11.37 -16.11
N SER C 165 -1.09 -10.95 -15.24
CA SER C 165 -2.00 -11.90 -14.60
C SER C 165 -3.02 -12.48 -15.57
N SER C 166 -3.32 -11.76 -16.66
CA SER C 166 -4.23 -12.31 -17.67
C SER C 166 -3.63 -13.55 -18.33
N VAL C 167 -2.32 -13.51 -18.64
CA VAL C 167 -1.66 -14.67 -19.21
C VAL C 167 -1.62 -15.81 -18.20
N VAL C 168 -1.44 -15.48 -16.92
CA VAL C 168 -1.48 -16.49 -15.87
C VAL C 168 -2.84 -17.17 -15.84
N ARG C 169 -3.91 -16.38 -15.90
CA ARG C 169 -5.26 -16.94 -15.91
C ARG C 169 -5.48 -17.82 -17.14
N ARG C 170 -5.01 -17.36 -18.31
CA ARG C 170 -5.19 -18.14 -19.52
C ARG C 170 -4.47 -19.49 -19.44
N GLU C 171 -3.22 -19.48 -18.98
CA GLU C 171 -2.47 -20.72 -18.87
C GLU C 171 -3.08 -21.65 -17.83
N LEU C 172 -3.50 -21.11 -16.69
CA LEU C 172 -4.13 -21.93 -15.66
C LEU C 172 -5.43 -22.56 -16.17
N PHE C 173 -6.24 -21.78 -16.88
CA PHE C 173 -7.47 -22.31 -17.44
C PHE C 173 -7.19 -23.40 -18.47
N ARG C 174 -6.16 -23.19 -19.30
CA ARG C 174 -5.80 -24.21 -20.29
C ARG C 174 -5.39 -25.51 -19.61
N LEU C 175 -4.57 -25.41 -18.55
CA LEU C 175 -4.13 -26.60 -17.84
C LEU C 175 -5.29 -27.31 -17.17
N VAL C 176 -6.18 -26.55 -16.52
CA VAL C 176 -7.32 -27.16 -15.85
C VAL C 176 -8.24 -27.83 -16.86
N ALA C 177 -8.47 -27.18 -18.01
CA ALA C 177 -9.31 -27.78 -19.04
C ALA C 177 -8.70 -29.06 -19.58
N ARG C 178 -7.38 -29.07 -19.81
CA ARG C 178 -6.74 -30.30 -20.27
C ARG C 178 -6.84 -31.41 -19.24
N LEU C 179 -6.66 -31.07 -17.97
CA LEU C 179 -6.77 -32.09 -16.92
C LEU C 179 -8.18 -32.66 -16.84
N LYS C 180 -9.20 -31.80 -16.97
CA LYS C 180 -10.57 -32.28 -16.95
C LYS C 180 -10.88 -33.14 -18.18
N GLN C 181 -10.35 -32.75 -19.35
CA GLN C 181 -10.56 -33.56 -20.55
C GLN C 181 -9.92 -34.93 -20.42
N ILE C 182 -8.71 -34.99 -19.82
CA ILE C 182 -8.08 -36.28 -19.58
C ILE C 182 -8.89 -37.12 -18.59
N GLY C 183 -9.49 -36.50 -17.59
CA GLY C 183 -10.30 -37.23 -16.63
C GLY C 183 -9.57 -37.68 -15.39
N ALA C 184 -8.39 -37.13 -15.13
CA ALA C 184 -7.60 -37.52 -13.96
C ALA C 184 -7.74 -36.47 -12.87
N THR C 185 -8.11 -36.91 -11.67
CA THR C 185 -8.22 -36.01 -10.54
C THR C 185 -6.86 -35.41 -10.20
N THR C 186 -6.78 -34.09 -10.16
CA THR C 186 -5.52 -33.38 -10.01
C THR C 186 -5.54 -32.51 -8.75
N VAL C 187 -4.41 -32.47 -8.07
CA VAL C 187 -4.18 -31.59 -6.92
C VAL C 187 -3.00 -30.70 -7.29
N MET C 188 -3.29 -29.44 -7.61
CA MET C 188 -2.26 -28.48 -7.98
C MET C 188 -2.02 -27.54 -6.80
N THR C 189 -0.76 -27.35 -6.43
CA THR C 189 -0.41 -26.55 -5.27
C THR C 189 0.24 -25.25 -5.70
N THR C 190 -0.23 -24.14 -5.14
CA THR C 190 0.29 -22.81 -5.44
C THR C 190 0.70 -22.12 -4.15
N GLU C 191 1.53 -21.10 -4.29
CA GLU C 191 2.14 -20.40 -3.17
C GLU C 191 1.49 -19.03 -2.96
N ARG C 192 1.24 -18.69 -1.70
CA ARG C 192 0.69 -17.40 -1.34
C ARG C 192 1.58 -16.75 -0.28
N ILE C 193 1.52 -15.42 -0.23
CA ILE C 193 2.46 -14.65 0.59
C ILE C 193 1.92 -14.41 1.99
N GLU C 194 0.70 -13.90 2.11
CA GLU C 194 0.15 -13.48 3.39
C GLU C 194 -0.83 -14.52 3.91
N GLU C 195 -0.82 -14.71 5.23
CA GLU C 195 -1.71 -15.70 5.85
C GLU C 195 -3.17 -15.33 5.64
N TYR C 196 -3.51 -14.06 5.80
CA TYR C 196 -4.88 -13.57 5.58
C TYR C 196 -4.82 -12.49 4.50
N GLY C 197 -4.91 -12.93 3.24
CA GLY C 197 -4.88 -12.03 2.12
C GLY C 197 -5.38 -12.70 0.86
N PRO C 198 -4.75 -12.40 -0.27
CA PRO C 198 -5.12 -13.08 -1.52
C PRO C 198 -4.88 -14.57 -1.42
N ILE C 199 -5.76 -15.34 -2.05
CA ILE C 199 -5.64 -16.80 -1.99
C ILE C 199 -4.38 -17.26 -2.71
N ALA C 200 -4.04 -16.60 -3.82
CA ALA C 200 -2.79 -16.85 -4.52
C ALA C 200 -2.07 -15.52 -4.70
N ARG C 201 -0.78 -15.59 -5.04
CA ARG C 201 0.00 -14.37 -5.21
C ARG C 201 -0.54 -13.52 -6.36
N TYR C 202 -0.93 -14.16 -7.45
CA TYR C 202 -1.50 -13.44 -8.58
C TYR C 202 -2.93 -13.00 -8.35
N GLY C 203 -3.65 -13.68 -7.45
CA GLY C 203 -5.03 -13.33 -7.15
C GLY C 203 -6.05 -13.86 -8.13
N VAL C 204 -5.63 -14.61 -9.15
CA VAL C 204 -6.55 -15.12 -10.17
C VAL C 204 -6.74 -16.63 -10.08
N GLU C 205 -5.93 -17.32 -9.27
CA GLU C 205 -6.05 -18.78 -9.17
C GLU C 205 -7.38 -19.19 -8.56
N GLU C 206 -7.88 -18.42 -7.59
CA GLU C 206 -9.10 -18.79 -6.90
C GLU C 206 -10.31 -18.77 -7.83
N PHE C 207 -10.28 -17.99 -8.90
CA PHE C 207 -11.41 -17.82 -9.79
C PHE C 207 -11.37 -18.72 -11.01
N VAL C 208 -10.39 -19.63 -11.10
CA VAL C 208 -10.26 -20.55 -12.24
C VAL C 208 -10.44 -21.99 -11.80
N SER C 209 -9.80 -22.39 -10.71
CA SER C 209 -9.89 -23.77 -10.25
C SER C 209 -11.29 -24.07 -9.71
N ASP C 210 -11.76 -25.29 -9.98
CA ASP C 210 -13.09 -25.69 -9.52
C ASP C 210 -13.14 -25.80 -8.00
N ASN C 211 -12.09 -26.32 -7.38
CA ASN C 211 -12.02 -26.52 -5.95
C ASN C 211 -10.81 -25.78 -5.39
N VAL C 212 -10.99 -25.16 -4.22
CA VAL C 212 -9.93 -24.39 -3.59
C VAL C 212 -9.80 -24.84 -2.14
N VAL C 213 -8.60 -25.25 -1.76
CA VAL C 213 -8.26 -25.61 -0.38
C VAL C 213 -7.14 -24.70 0.08
N ILE C 214 -7.24 -24.20 1.31
CA ILE C 214 -6.31 -23.22 1.84
C ILE C 214 -5.69 -23.75 3.13
N LEU C 215 -4.36 -23.78 3.17
CA LEU C 215 -3.62 -24.11 4.38
C LEU C 215 -3.01 -22.83 4.93
N ARG C 216 -3.26 -22.57 6.21
CA ARG C 216 -2.78 -21.34 6.85
C ARG C 216 -1.90 -21.70 8.04
N ASN C 217 -0.79 -20.98 8.16
CA ASN C 217 0.16 -21.13 9.26
C ASN C 217 0.13 -19.80 10.03
N VAL C 218 -0.81 -19.67 10.96
CA VAL C 218 -1.09 -18.40 11.61
C VAL C 218 -0.17 -18.25 12.81
N LEU C 219 0.53 -17.11 12.87
CA LEU C 219 1.46 -16.82 13.96
C LEU C 219 0.79 -15.85 14.93
N GLU C 220 0.38 -16.36 16.09
CA GLU C 220 -0.22 -15.55 17.13
C GLU C 220 0.40 -15.92 18.48
N GLY C 221 0.64 -14.91 19.31
CA GLY C 221 1.23 -15.15 20.61
C GLY C 221 2.60 -15.81 20.54
N GLU C 222 3.38 -15.49 19.50
CA GLU C 222 4.67 -16.12 19.24
C GLU C 222 4.54 -17.64 19.12
N ARG C 223 3.42 -18.12 18.59
CA ARG C 223 3.21 -19.54 18.33
C ARG C 223 2.45 -19.71 17.02
N ARG C 224 2.82 -20.74 16.27
CA ARG C 224 2.21 -21.00 14.97
C ARG C 224 1.18 -22.11 15.08
N ARG C 225 0.04 -21.90 14.42
CA ARG C 225 -1.06 -22.85 14.40
C ARG C 225 -1.43 -23.16 12.95
N ARG C 226 -1.66 -24.43 12.66
CA ARG C 226 -1.99 -24.88 11.31
C ARG C 226 -3.49 -25.04 11.17
N THR C 227 -4.04 -24.49 10.09
CA THR C 227 -5.48 -24.57 9.83
C THR C 227 -5.71 -24.93 8.37
N LEU C 228 -6.79 -25.67 8.13
CA LEU C 228 -7.20 -26.10 6.80
C LEU C 228 -8.61 -25.60 6.54
N GLU C 229 -8.84 -25.06 5.35
CA GLU C 229 -10.12 -24.51 4.97
C GLU C 229 -10.47 -24.96 3.56
N ILE C 230 -11.75 -25.23 3.32
CA ILE C 230 -12.25 -25.54 1.99
C ILE C 230 -13.00 -24.30 1.51
N LEU C 231 -12.37 -23.50 0.66
CA LEU C 231 -12.98 -22.25 0.23
C LEU C 231 -14.23 -22.48 -0.60
N LYS C 232 -14.17 -23.44 -1.52
CA LYS C 232 -15.32 -23.73 -2.36
C LYS C 232 -15.16 -25.11 -2.97
N LEU C 233 -16.30 -25.72 -3.32
CA LEU C 233 -16.34 -26.94 -4.13
C LEU C 233 -17.47 -26.75 -5.14
N ARG C 234 -17.11 -26.46 -6.38
CA ARG C 234 -18.11 -26.22 -7.42
C ARG C 234 -18.96 -27.47 -7.64
N GLY C 235 -20.24 -27.40 -7.30
CA GLY C 235 -21.17 -28.47 -7.57
C GLY C 235 -21.40 -29.45 -6.44
N THR C 236 -20.87 -29.19 -5.25
CA THR C 236 -21.10 -30.10 -4.13
C THR C 236 -20.87 -29.34 -2.83
N SER C 237 -21.49 -29.85 -1.76
CA SER C 237 -21.44 -29.21 -0.47
C SER C 237 -20.14 -29.55 0.26
N HIS C 238 -19.79 -28.71 1.23
CA HIS C 238 -18.59 -28.90 2.03
C HIS C 238 -18.76 -28.11 3.32
N MET C 239 -17.91 -28.43 4.29
CA MET C 239 -17.93 -27.70 5.55
C MET C 239 -17.34 -26.31 5.39
N LYS C 240 -17.85 -25.37 6.17
CA LYS C 240 -17.46 -23.97 6.11
C LYS C 240 -16.72 -23.59 7.38
N GLY C 241 -15.56 -22.94 7.22
CA GLY C 241 -14.74 -22.50 8.32
C GLY C 241 -13.33 -23.03 8.15
N GLU C 242 -12.57 -23.00 9.25
CA GLU C 242 -11.21 -23.53 9.27
C GLU C 242 -11.07 -24.51 10.42
N TYR C 243 -10.38 -25.61 10.15
CA TYR C 243 -10.21 -26.68 11.13
C TYR C 243 -8.73 -26.95 11.37
N PRO C 244 -8.32 -27.16 12.61
CA PRO C 244 -6.90 -27.42 12.88
C PRO C 244 -6.46 -28.75 12.31
N PHE C 245 -5.18 -28.81 11.91
CA PHE C 245 -4.57 -30.05 11.47
C PHE C 245 -3.11 -30.05 11.88
N THR C 246 -2.55 -31.25 11.99
CA THR C 246 -1.17 -31.43 12.43
C THR C 246 -0.42 -32.31 11.45
N ILE C 247 0.84 -31.93 11.18
CA ILE C 247 1.73 -32.75 10.36
C ILE C 247 2.54 -33.60 11.32
N THR C 248 2.14 -34.86 11.47
CA THR C 248 2.81 -35.80 12.34
C THR C 248 3.80 -36.64 11.52
N ASP C 249 4.36 -37.67 12.15
CA ASP C 249 5.31 -38.54 11.46
C ASP C 249 4.63 -39.49 10.48
N HIS C 250 3.30 -39.60 10.52
CA HIS C 250 2.57 -40.45 9.58
C HIS C 250 1.92 -39.66 8.44
N GLY C 251 1.95 -38.33 8.49
CA GLY C 251 1.39 -37.49 7.47
C GLY C 251 0.43 -36.49 8.05
N ILE C 252 -0.29 -35.80 7.17
CA ILE C 252 -1.27 -34.80 7.60
C ILE C 252 -2.42 -35.47 8.33
N ASN C 253 -2.85 -34.87 9.43
CA ASN C 253 -4.00 -35.37 10.20
C ASN C 253 -4.88 -34.18 10.54
N ILE C 254 -6.07 -34.13 9.96
CA ILE C 254 -7.02 -33.05 10.17
C ILE C 254 -8.03 -33.47 11.22
N PHE C 255 -8.37 -32.54 12.11
CA PHE C 255 -9.36 -32.81 13.13
C PHE C 255 -10.72 -32.28 12.67
N PRO C 256 -11.69 -33.15 12.35
CA PRO C 256 -13.01 -32.68 11.91
C PRO C 256 -13.94 -32.37 13.08
N LEU C 257 -13.62 -31.28 13.78
CA LEU C 257 -14.39 -30.86 14.95
C LEU C 257 -15.77 -30.35 14.55
N HIS D 23 12.16 -45.74 8.54
CA HIS D 23 11.23 -44.72 9.00
C HIS D 23 11.95 -43.39 9.18
N GLN D 24 13.22 -43.35 8.78
CA GLN D 24 14.02 -42.14 8.89
C GLN D 24 15.16 -42.21 7.89
N ALA D 25 15.36 -41.12 7.13
CA ALA D 25 16.42 -41.08 6.13
C ALA D 25 17.10 -39.71 6.10
N ILE D 26 17.07 -38.98 7.21
CA ILE D 26 17.65 -37.65 7.30
C ILE D 26 18.68 -37.64 8.41
N ALA D 27 19.90 -37.19 8.09
CA ALA D 27 20.98 -37.08 9.05
C ALA D 27 21.28 -35.61 9.31
N LYS D 28 21.61 -35.29 10.57
CA LYS D 28 21.80 -33.92 10.99
C LYS D 28 23.17 -33.75 11.65
N MET D 29 23.82 -32.63 11.36
CA MET D 29 25.06 -32.25 12.03
C MET D 29 24.76 -31.15 13.04
N ARG D 30 25.25 -31.32 14.26
CA ARG D 30 24.99 -30.35 15.32
C ARG D 30 25.72 -29.04 15.03
N THR D 31 25.00 -27.93 15.15
CA THR D 31 25.61 -26.62 15.00
C THR D 31 26.36 -26.16 16.25
N MET D 32 26.15 -26.84 17.38
CA MET D 32 26.77 -26.55 18.67
C MET D 32 26.39 -25.18 19.21
N ILE D 33 25.42 -24.50 18.59
CA ILE D 33 24.92 -23.25 19.15
C ILE D 33 24.03 -23.58 20.34
N GLU D 34 24.21 -22.85 21.43
CA GLU D 34 23.53 -23.16 22.68
C GLU D 34 22.02 -23.04 22.54
N GLY D 35 21.32 -24.18 22.58
CA GLY D 35 19.88 -24.22 22.54
C GLY D 35 19.27 -24.36 21.17
N PHE D 36 20.04 -24.10 20.10
CA PHE D 36 19.48 -24.21 18.76
C PHE D 36 19.27 -25.67 18.37
N ASP D 37 20.16 -26.56 18.79
CA ASP D 37 19.99 -27.98 18.49
C ASP D 37 18.77 -28.56 19.18
N ASP D 38 18.44 -28.06 20.37
CA ASP D 38 17.26 -28.55 21.08
C ASP D 38 15.98 -28.20 20.33
N ILE D 39 15.89 -26.98 19.79
CA ILE D 39 14.67 -26.56 19.11
C ILE D 39 14.67 -26.99 17.65
N SER D 40 15.81 -27.39 17.09
CA SER D 40 15.86 -27.92 15.74
C SER D 40 15.77 -29.44 15.71
N HIS D 41 15.73 -30.09 16.88
CA HIS D 41 15.62 -31.55 16.99
C HIS D 41 16.78 -32.23 16.26
N GLY D 42 18.00 -31.93 16.68
CA GLY D 42 19.18 -32.57 16.16
C GLY D 42 20.13 -31.68 15.39
N GLY D 43 19.76 -30.44 15.11
CA GLY D 43 20.64 -29.52 14.41
C GLY D 43 20.28 -29.39 12.94
N LEU D 44 21.20 -28.77 12.21
CA LEU D 44 20.98 -28.51 10.80
C LEU D 44 21.16 -29.80 9.99
N PRO D 45 20.21 -30.11 9.11
CA PRO D 45 20.35 -31.31 8.27
C PRO D 45 21.59 -31.24 7.38
N ILE D 46 22.21 -32.40 7.19
CA ILE D 46 23.45 -32.49 6.42
C ILE D 46 23.12 -32.48 4.94
N GLY D 47 23.81 -31.63 4.18
CA GLY D 47 23.65 -31.57 2.75
C GLY D 47 22.60 -30.60 2.25
N ARG D 48 21.87 -29.94 3.14
CA ARG D 48 20.83 -29.00 2.76
C ARG D 48 21.24 -27.58 3.14
N SER D 49 20.74 -26.62 2.37
CA SER D 49 21.10 -25.21 2.53
C SER D 49 20.00 -24.49 3.29
N THR D 50 20.36 -23.85 4.40
CA THR D 50 19.45 -23.09 5.23
C THR D 50 19.45 -21.62 4.82
N LEU D 51 18.29 -20.98 4.97
CA LEU D 51 18.15 -19.54 4.74
C LEU D 51 17.82 -18.89 6.08
N VAL D 52 18.75 -18.09 6.58
CA VAL D 52 18.59 -17.37 7.84
C VAL D 52 18.25 -15.92 7.50
N SER D 53 17.04 -15.50 7.83
CA SER D 53 16.53 -14.19 7.43
C SER D 53 16.17 -13.36 8.66
N GLY D 54 16.54 -12.09 8.63
CA GLY D 54 16.21 -11.18 9.71
C GLY D 54 16.58 -9.77 9.35
N THR D 55 16.07 -8.84 10.14
CA THR D 55 16.38 -7.43 9.94
C THR D 55 17.80 -7.12 10.40
N SER D 56 18.23 -5.87 10.22
CA SER D 56 19.56 -5.48 10.62
C SER D 56 19.71 -5.51 12.14
N GLY D 57 20.85 -6.00 12.60
CA GLY D 57 21.12 -6.06 14.02
C GLY D 57 20.54 -7.25 14.74
N THR D 58 20.06 -8.27 14.02
CA THR D 58 19.48 -9.45 14.66
C THR D 58 20.50 -10.53 14.97
N GLY D 59 21.51 -10.70 14.12
CA GLY D 59 22.54 -11.69 14.38
C GLY D 59 22.75 -12.71 13.29
N LYS D 60 22.45 -12.36 12.04
CA LYS D 60 22.67 -13.29 10.93
C LYS D 60 24.15 -13.57 10.72
N THR D 61 24.97 -12.52 10.64
CA THR D 61 26.40 -12.69 10.44
C THR D 61 27.02 -13.43 11.63
N LEU D 62 26.60 -13.09 12.84
CA LEU D 62 27.10 -13.79 14.02
C LEU D 62 26.69 -15.25 14.00
N PHE D 63 25.46 -15.55 13.56
CA PHE D 63 25.00 -16.93 13.46
C PHE D 63 25.87 -17.71 12.49
N SER D 64 26.11 -17.14 11.31
CA SER D 64 26.92 -17.84 10.30
C SER D 64 28.37 -18.00 10.74
N ILE D 65 28.92 -17.03 11.47
CA ILE D 65 30.28 -17.16 11.96
C ILE D 65 30.36 -18.22 13.06
N GLN D 66 29.40 -18.21 14.00
CA GLN D 66 29.43 -19.13 15.12
C GLN D 66 29.21 -20.56 14.66
N PHE D 67 28.38 -20.77 13.64
CA PHE D 67 28.20 -22.11 13.08
C PHE D 67 29.54 -22.73 12.67
N LEU D 68 30.29 -22.00 11.84
CA LEU D 68 31.58 -22.49 11.37
C LEU D 68 32.58 -22.62 12.51
N TYR D 69 32.62 -21.63 13.40
CA TYR D 69 33.62 -21.65 14.48
C TYR D 69 33.37 -22.83 15.42
N ASN D 70 32.12 -23.06 15.80
CA ASN D 70 31.80 -24.19 16.67
C ASN D 70 32.09 -25.51 15.97
N GLY D 71 31.78 -25.60 14.67
CA GLY D 71 32.12 -26.81 13.95
C GLY D 71 33.61 -27.10 13.98
N ILE D 72 34.42 -26.08 13.69
CA ILE D 72 35.88 -26.25 13.66
C ILE D 72 36.40 -26.62 15.04
N ILE D 73 35.91 -25.96 16.08
CA ILE D 73 36.41 -26.21 17.43
C ILE D 73 36.03 -27.61 17.89
N GLU D 74 34.77 -28.01 17.71
CA GLU D 74 34.31 -29.26 18.28
C GLU D 74 34.67 -30.45 17.40
N PHE D 75 34.17 -30.47 16.16
CA PHE D 75 34.29 -31.65 15.32
C PHE D 75 35.53 -31.65 14.43
N ASP D 76 36.38 -30.63 14.55
CA ASP D 76 37.57 -30.49 13.71
C ASP D 76 37.18 -30.52 12.23
N GLU D 77 36.02 -29.93 11.92
CA GLU D 77 35.52 -29.88 10.55
C GLU D 77 35.69 -28.47 10.01
N PRO D 78 36.59 -28.24 9.06
CA PRO D 78 36.86 -26.87 8.60
C PRO D 78 35.64 -26.25 7.94
N GLY D 79 35.72 -24.94 7.74
CA GLY D 79 34.62 -24.20 7.18
C GLY D 79 35.09 -23.13 6.21
N VAL D 80 34.16 -22.71 5.35
CA VAL D 80 34.39 -21.65 4.38
C VAL D 80 33.32 -20.59 4.60
N PHE D 81 33.74 -19.35 4.80
CA PHE D 81 32.85 -18.21 5.03
C PHE D 81 33.00 -17.24 3.87
N VAL D 82 32.00 -17.20 3.00
CA VAL D 82 32.01 -16.30 1.85
C VAL D 82 31.26 -15.03 2.23
N THR D 83 31.91 -13.88 2.08
CA THR D 83 31.33 -12.61 2.47
C THR D 83 31.35 -11.65 1.30
N PHE D 84 30.35 -10.76 1.27
CA PHE D 84 30.20 -9.77 0.21
C PHE D 84 30.15 -8.35 0.73
N GLU D 85 29.50 -8.11 1.86
CA GLU D 85 29.33 -6.77 2.40
C GLU D 85 30.41 -6.36 3.38
N GLU D 86 31.38 -7.24 3.64
CA GLU D 86 32.43 -6.93 4.62
C GLU D 86 33.75 -7.50 4.13
N THR D 87 34.83 -6.92 4.64
CA THR D 87 36.17 -7.43 4.45
C THR D 87 36.49 -8.47 5.50
N PRO D 88 37.41 -9.40 5.21
CA PRO D 88 37.78 -10.41 6.21
C PRO D 88 38.30 -9.81 7.52
N GLN D 89 39.03 -8.70 7.45
CA GLN D 89 39.60 -8.12 8.67
C GLN D 89 38.51 -7.62 9.62
N ASP D 90 37.46 -7.01 9.07
CA ASP D 90 36.36 -6.54 9.91
C ASP D 90 35.67 -7.72 10.60
N ILE D 91 35.47 -8.81 9.87
CA ILE D 91 34.84 -10.00 10.46
C ILE D 91 35.73 -10.57 11.55
N ILE D 92 37.05 -10.59 11.31
CA ILE D 92 37.98 -11.10 12.31
C ILE D 92 37.93 -10.26 13.57
N LYS D 93 37.89 -8.93 13.42
CA LYS D 93 37.81 -8.05 14.59
C LYS D 93 36.49 -8.25 15.35
N ASN D 94 35.37 -8.34 14.62
CA ASN D 94 34.09 -8.56 15.27
C ASN D 94 34.05 -9.90 15.98
N ALA D 95 34.72 -10.92 15.43
CA ALA D 95 34.78 -12.22 16.10
C ALA D 95 35.66 -12.16 17.34
N ARG D 96 36.81 -11.49 17.24
CA ARG D 96 37.68 -11.33 18.41
C ARG D 96 37.01 -10.52 19.51
N SER D 97 36.01 -9.71 19.16
CA SER D 97 35.20 -9.07 20.19
C SER D 97 34.56 -10.10 21.11
N PHE D 98 34.21 -11.28 20.58
CA PHE D 98 33.67 -12.37 21.37
C PHE D 98 34.74 -13.25 22.00
N GLY D 99 36.00 -13.09 21.59
CA GLY D 99 37.06 -13.97 22.03
C GLY D 99 37.45 -15.05 21.06
N TRP D 100 36.92 -15.02 19.84
CA TRP D 100 37.22 -16.03 18.83
C TRP D 100 38.42 -15.57 18.01
N ASP D 101 39.53 -16.29 18.11
CA ASP D 101 40.75 -15.96 17.36
C ASP D 101 40.69 -16.62 15.99
N LEU D 102 39.87 -16.04 15.11
CA LEU D 102 39.72 -16.57 13.77
C LEU D 102 40.99 -16.44 12.95
N ALA D 103 41.88 -15.50 13.29
CA ALA D 103 43.13 -15.37 12.55
C ALA D 103 43.99 -16.62 12.70
N LYS D 104 44.04 -17.19 13.91
CA LYS D 104 44.79 -18.42 14.11
C LYS D 104 44.21 -19.56 13.30
N LEU D 105 42.88 -19.67 13.26
CA LEU D 105 42.24 -20.72 12.47
C LEU D 105 42.52 -20.54 10.98
N VAL D 106 42.48 -19.30 10.50
CA VAL D 106 42.77 -19.06 9.09
C VAL D 106 44.21 -19.43 8.77
N ASP D 107 45.15 -19.05 9.64
CA ASP D 107 46.55 -19.39 9.41
C ASP D 107 46.78 -20.89 9.43
N GLU D 108 46.12 -21.60 10.36
CA GLU D 108 46.27 -23.05 10.45
C GLU D 108 45.59 -23.77 9.29
N GLY D 109 44.75 -23.09 8.53
CA GLY D 109 44.02 -23.71 7.44
C GLY D 109 42.70 -24.33 7.82
N LYS D 110 42.33 -24.30 9.10
CA LYS D 110 41.06 -24.87 9.53
C LYS D 110 39.86 -23.99 9.18
N LEU D 111 40.09 -22.79 8.68
CA LEU D 111 39.01 -21.89 8.30
C LEU D 111 39.45 -21.07 7.10
N PHE D 112 38.54 -20.87 6.15
CA PHE D 112 38.81 -20.05 4.98
C PHE D 112 37.77 -18.94 4.90
N ILE D 113 38.22 -17.74 4.55
CA ILE D 113 37.34 -16.59 4.37
C ILE D 113 37.49 -16.10 2.94
N LEU D 114 36.38 -16.01 2.22
CA LEU D 114 36.37 -15.64 0.81
C LEU D 114 35.79 -14.24 0.67
N ASP D 115 36.49 -13.38 -0.08
CA ASP D 115 36.07 -12.01 -0.35
C ASP D 115 35.75 -11.90 -1.83
N ALA D 116 34.47 -11.74 -2.15
CA ALA D 116 34.03 -11.59 -3.53
C ALA D 116 33.74 -10.15 -3.91
N SER D 117 34.04 -9.20 -3.04
CA SER D 117 33.80 -7.79 -3.32
C SER D 117 35.11 -7.01 -3.45
N LEU D 131 27.63 -15.33 -11.16
CA LEU D 131 27.31 -16.17 -10.01
C LEU D 131 27.93 -17.55 -10.16
N SER D 132 28.14 -17.97 -11.42
CA SER D 132 28.80 -19.25 -11.66
C SER D 132 30.24 -19.24 -11.16
N ALA D 133 30.94 -18.12 -11.34
CA ALA D 133 32.30 -18.01 -10.85
C ALA D 133 32.36 -18.12 -9.33
N LEU D 134 31.37 -17.55 -8.64
CA LEU D 134 31.31 -17.66 -7.20
C LEU D 134 31.15 -19.12 -6.76
N ILE D 135 30.28 -19.87 -7.45
CA ILE D 135 30.10 -21.28 -7.11
C ILE D 135 31.37 -22.06 -7.40
N GLU D 136 32.05 -21.76 -8.50
CA GLU D 136 33.30 -22.44 -8.82
C GLU D 136 34.35 -22.17 -7.76
N ARG D 137 34.45 -20.92 -7.30
CA ARG D 137 35.41 -20.58 -6.24
C ARG D 137 35.07 -21.27 -4.94
N ILE D 138 33.78 -21.33 -4.58
CA ILE D 138 33.39 -22.02 -3.35
C ILE D 138 33.73 -23.50 -3.43
N ASN D 139 33.45 -24.12 -4.58
CA ASN D 139 33.78 -25.54 -4.76
C ASN D 139 35.28 -25.76 -4.69
N TYR D 140 36.06 -24.86 -5.30
CA TYR D 140 37.52 -24.99 -5.24
C TYR D 140 38.03 -24.88 -3.82
N ALA D 141 37.48 -23.94 -3.04
CA ALA D 141 37.88 -23.81 -1.64
C ALA D 141 37.49 -25.06 -0.85
N ILE D 142 36.30 -25.60 -1.10
CA ILE D 142 35.84 -26.80 -0.40
C ILE D 142 36.78 -27.96 -0.68
N GLN D 143 37.14 -28.14 -1.95
CA GLN D 143 38.05 -29.23 -2.32
C GLN D 143 39.44 -29.03 -1.72
N LYS D 144 39.94 -27.79 -1.74
CA LYS D 144 41.30 -27.53 -1.26
C LYS D 144 41.39 -27.73 0.25
N TYR D 145 40.43 -27.22 1.01
CA TYR D 145 40.50 -27.26 2.46
C TYR D 145 39.84 -28.49 3.06
N ARG D 146 39.28 -29.37 2.24
CA ARG D 146 38.62 -30.60 2.71
C ARG D 146 37.57 -30.28 3.77
N ALA D 147 36.82 -29.22 3.54
CA ALA D 147 35.85 -28.70 4.50
C ALA D 147 34.44 -28.96 4.00
N ARG D 148 33.57 -29.41 4.90
CA ARG D 148 32.14 -29.50 4.60
C ARG D 148 31.41 -28.64 5.62
N ARG D 149 31.43 -27.33 5.38
CA ARG D 149 30.58 -26.34 6.04
C ARG D 149 30.78 -25.01 5.32
N VAL D 150 29.68 -24.37 4.92
CA VAL D 150 29.74 -23.14 4.14
C VAL D 150 28.77 -22.14 4.76
N SER D 151 29.19 -20.89 4.85
CA SER D 151 28.32 -19.81 5.29
C SER D 151 28.38 -18.69 4.26
N ILE D 152 27.22 -18.17 3.87
CA ILE D 152 27.12 -17.07 2.92
C ILE D 152 26.50 -15.89 3.65
N ASP D 153 27.26 -14.79 3.74
CA ASP D 153 26.86 -13.69 4.60
C ASP D 153 25.83 -12.79 3.95
N SER D 154 25.84 -12.66 2.63
CA SER D 154 24.89 -11.78 1.95
C SER D 154 24.73 -12.24 0.51
N VAL D 155 23.64 -12.98 0.25
CA VAL D 155 23.23 -13.22 -1.13
C VAL D 155 22.24 -12.16 -1.61
N THR D 156 21.65 -11.40 -0.69
CA THR D 156 20.75 -10.31 -1.07
C THR D 156 21.50 -9.24 -1.86
N SER D 157 22.73 -8.94 -1.45
CA SER D 157 23.54 -7.97 -2.19
C SER D 157 23.81 -8.44 -3.61
N VAL D 158 24.06 -9.74 -3.78
CA VAL D 158 24.27 -10.29 -5.11
C VAL D 158 22.98 -10.19 -5.93
N PHE D 159 21.84 -10.53 -5.33
CA PHE D 159 20.57 -10.51 -6.04
C PHE D 159 20.09 -9.10 -6.34
N GLN D 160 20.63 -8.09 -5.65
CA GLN D 160 20.26 -6.71 -5.95
C GLN D 160 20.55 -6.34 -7.39
N GLN D 161 21.55 -6.98 -8.01
CA GLN D 161 21.87 -6.69 -9.41
C GLN D 161 20.71 -7.08 -10.33
N TYR D 162 20.08 -8.22 -10.06
CA TYR D 162 18.97 -8.68 -10.89
C TYR D 162 17.73 -7.83 -10.64
N ASP D 163 16.86 -7.78 -11.65
CA ASP D 163 15.67 -6.93 -11.60
C ASP D 163 14.44 -7.70 -11.12
N ALA D 164 14.06 -8.74 -11.86
CA ALA D 164 12.82 -9.45 -11.58
C ALA D 164 13.01 -10.53 -10.52
N SER D 165 11.93 -10.82 -9.80
CA SER D 165 11.97 -11.86 -8.77
C SER D 165 12.08 -13.25 -9.36
N SER D 166 11.65 -13.45 -10.61
CA SER D 166 11.83 -14.75 -11.24
C SER D 166 13.31 -15.08 -11.43
N VAL D 167 14.10 -14.09 -11.85
CA VAL D 167 15.54 -14.31 -11.98
C VAL D 167 16.17 -14.56 -10.62
N VAL D 168 15.68 -13.87 -9.58
CA VAL D 168 16.16 -14.11 -8.23
C VAL D 168 15.90 -15.56 -7.82
N ARG D 169 14.68 -16.05 -8.08
CA ARG D 169 14.35 -17.43 -7.76
C ARG D 169 15.23 -18.40 -8.54
N ARG D 170 15.45 -18.13 -9.82
CA ARG D 170 16.28 -19.02 -10.63
C ARG D 170 17.70 -19.09 -10.10
N GLU D 171 18.30 -17.93 -9.79
CA GLU D 171 19.67 -17.92 -9.28
C GLU D 171 19.76 -18.59 -7.92
N LEU D 172 18.79 -18.34 -7.04
CA LEU D 172 18.80 -18.96 -5.72
C LEU D 172 18.67 -20.47 -5.84
N PHE D 173 17.79 -20.95 -6.72
CA PHE D 173 17.64 -22.38 -6.91
C PHE D 173 18.92 -22.99 -7.48
N ARG D 174 19.56 -22.30 -8.42
CA ARG D 174 20.83 -22.80 -8.96
C ARG D 174 21.89 -22.92 -7.86
N LEU D 175 22.00 -21.90 -7.02
CA LEU D 175 22.99 -21.94 -5.95
C LEU D 175 22.69 -23.05 -4.96
N VAL D 176 21.42 -23.20 -4.57
CA VAL D 176 21.06 -24.25 -3.61
C VAL D 176 21.31 -25.63 -4.21
N ALA D 177 20.98 -25.82 -5.49
CA ALA D 177 21.23 -27.10 -6.14
C ALA D 177 22.72 -27.41 -6.20
N ARG D 178 23.55 -26.41 -6.53
CA ARG D 178 24.99 -26.64 -6.55
C ARG D 178 25.52 -26.98 -5.16
N LEU D 179 25.03 -26.29 -4.12
CA LEU D 179 25.47 -26.59 -2.76
C LEU D 179 25.08 -28.01 -2.35
N LYS D 180 23.86 -28.44 -2.71
CA LYS D 180 23.45 -29.80 -2.38
C LYS D 180 24.26 -30.83 -3.16
N GLN D 181 24.58 -30.55 -4.42
CA GLN D 181 25.40 -31.46 -5.20
C GLN D 181 26.80 -31.59 -4.62
N ILE D 182 27.37 -30.49 -4.16
CA ILE D 182 28.67 -30.54 -3.49
C ILE D 182 28.59 -31.34 -2.20
N GLY D 183 27.50 -31.23 -1.45
CA GLY D 183 27.34 -31.98 -0.23
C GLY D 183 27.77 -31.26 1.03
N ALA D 184 27.97 -29.94 0.96
CA ALA D 184 28.41 -29.16 2.10
C ALA D 184 27.22 -28.43 2.72
N THR D 185 27.04 -28.60 4.02
CA THR D 185 25.97 -27.91 4.74
C THR D 185 26.20 -26.41 4.70
N THR D 186 25.21 -25.66 4.22
CA THR D 186 25.35 -24.24 3.98
C THR D 186 24.34 -23.45 4.79
N VAL D 187 24.78 -22.31 5.32
CA VAL D 187 23.91 -21.35 6.01
C VAL D 187 24.00 -20.05 5.23
N MET D 188 22.95 -19.74 4.48
CA MET D 188 22.88 -18.52 3.68
C MET D 188 21.98 -17.52 4.38
N THR D 189 22.47 -16.29 4.55
CA THR D 189 21.73 -15.27 5.28
C THR D 189 21.22 -14.20 4.32
N THR D 190 19.93 -13.86 4.45
CA THR D 190 19.29 -12.86 3.61
C THR D 190 18.64 -11.81 4.51
N GLU D 191 18.37 -10.64 3.91
CA GLU D 191 17.88 -9.47 4.63
C GLU D 191 16.41 -9.25 4.35
N ARG D 192 15.66 -8.92 5.40
CA ARG D 192 14.24 -8.61 5.28
C ARG D 192 13.97 -7.27 5.94
N ILE D 193 12.90 -6.61 5.49
CA ILE D 193 12.62 -5.23 5.85
C ILE D 193 11.75 -5.14 7.10
N GLU D 194 10.63 -5.85 7.13
CA GLU D 194 9.64 -5.71 8.19
C GLU D 194 9.74 -6.88 9.16
N GLU D 195 9.54 -6.60 10.45
CA GLU D 195 9.64 -7.63 11.46
C GLU D 195 8.57 -8.71 11.27
N TYR D 196 7.34 -8.29 10.95
CA TYR D 196 6.24 -9.22 10.69
C TYR D 196 5.73 -8.93 9.28
N GLY D 197 6.35 -9.59 8.30
CA GLY D 197 5.97 -9.44 6.91
C GLY D 197 6.53 -10.54 6.05
N PRO D 198 6.96 -10.20 4.85
CA PRO D 198 7.61 -11.21 3.99
C PRO D 198 8.88 -11.74 4.64
N ILE D 199 9.14 -13.03 4.43
CA ILE D 199 10.31 -13.65 5.02
C ILE D 199 11.59 -13.07 4.42
N ALA D 200 11.56 -12.77 3.13
CA ALA D 200 12.66 -12.08 2.46
C ALA D 200 12.09 -10.87 1.72
N ARG D 201 12.99 -9.97 1.33
CA ARG D 201 12.54 -8.76 0.64
C ARG D 201 11.87 -9.11 -0.69
N TYR D 202 12.43 -10.07 -1.43
CA TYR D 202 11.85 -10.49 -2.70
C TYR D 202 10.62 -11.37 -2.51
N GLY D 203 10.49 -12.03 -1.37
CA GLY D 203 9.36 -12.89 -1.11
C GLY D 203 9.43 -14.27 -1.71
N VAL D 204 10.53 -14.60 -2.41
CA VAL D 204 10.67 -15.89 -3.05
C VAL D 204 11.70 -16.79 -2.38
N GLU D 205 12.49 -16.25 -1.45
CA GLU D 205 13.52 -17.05 -0.79
C GLU D 205 12.91 -18.17 0.05
N GLU D 206 11.77 -17.90 0.68
CA GLU D 206 11.17 -18.89 1.58
C GLU D 206 10.71 -20.14 0.82
N PHE D 207 10.41 -20.01 -0.47
CA PHE D 207 9.86 -21.11 -1.24
C PHE D 207 10.91 -21.89 -2.03
N VAL D 208 12.20 -21.57 -1.86
CA VAL D 208 13.29 -22.25 -2.56
C VAL D 208 14.18 -23.02 -1.59
N SER D 209 14.58 -22.38 -0.49
CA SER D 209 15.46 -23.01 0.47
C SER D 209 14.76 -24.14 1.20
N ASP D 210 15.50 -25.23 1.46
CA ASP D 210 14.93 -26.37 2.16
C ASP D 210 14.57 -26.03 3.60
N ASN D 211 15.42 -25.25 4.27
CA ASN D 211 15.23 -24.89 5.67
C ASN D 211 15.20 -23.38 5.79
N VAL D 212 14.30 -22.87 6.64
CA VAL D 212 14.15 -21.43 6.84
C VAL D 212 14.19 -21.15 8.33
N VAL D 213 15.10 -20.26 8.73
CA VAL D 213 15.19 -19.77 10.10
C VAL D 213 15.02 -18.26 10.08
N ILE D 214 14.24 -17.74 11.03
CA ILE D 214 13.88 -16.33 11.05
C ILE D 214 14.30 -15.73 12.39
N LEU D 215 15.07 -14.65 12.33
CA LEU D 215 15.43 -13.87 13.49
C LEU D 215 14.66 -12.56 13.47
N ARG D 216 13.96 -12.26 14.56
CA ARG D 216 13.12 -11.07 14.64
C ARG D 216 13.59 -10.19 15.78
N ASN D 217 13.64 -8.89 15.52
CA ASN D 217 14.00 -7.87 16.52
C ASN D 217 12.75 -7.01 16.71
N VAL D 218 11.86 -7.44 17.60
CA VAL D 218 10.55 -6.83 17.74
C VAL D 218 10.64 -5.66 18.71
N LEU D 219 10.15 -4.50 18.27
CA LEU D 219 10.16 -3.28 19.07
C LEU D 219 8.77 -3.07 19.66
N GLU D 220 8.63 -3.32 20.96
CA GLU D 220 7.38 -3.10 21.66
C GLU D 220 7.66 -2.39 22.98
N GLY D 221 6.79 -1.46 23.33
CA GLY D 221 6.98 -0.70 24.57
C GLY D 221 8.29 0.05 24.63
N GLU D 222 8.77 0.54 23.49
CA GLU D 222 10.06 1.20 23.39
C GLU D 222 11.20 0.29 23.86
N ARG D 223 11.07 -1.01 23.65
CA ARG D 223 12.11 -1.97 23.98
C ARG D 223 12.16 -3.05 22.92
N ARG D 224 13.37 -3.50 22.58
CA ARG D 224 13.56 -4.49 21.54
C ARG D 224 13.81 -5.86 22.15
N ARG D 225 13.17 -6.87 21.57
CA ARG D 225 13.28 -8.26 22.00
C ARG D 225 13.68 -9.12 20.83
N ARG D 226 14.60 -10.04 21.07
CA ARG D 226 15.13 -10.93 20.02
C ARG D 226 14.42 -12.27 20.08
N THR D 227 13.97 -12.76 18.93
CA THR D 227 13.28 -14.03 18.85
C THR D 227 13.80 -14.83 17.66
N LEU D 228 13.83 -16.15 17.82
CA LEU D 228 14.28 -17.08 16.81
C LEU D 228 13.15 -18.06 16.50
N GLU D 229 12.93 -18.30 15.21
CA GLU D 229 11.85 -19.18 14.77
C GLU D 229 12.38 -20.10 13.68
N ILE D 230 11.91 -21.35 13.68
CA ILE D 230 12.22 -22.29 12.61
C ILE D 230 10.96 -22.42 11.77
N LEU D 231 10.93 -21.74 10.62
CA LEU D 231 9.73 -21.73 9.80
C LEU D 231 9.41 -23.11 9.24
N LYS D 232 10.43 -23.81 8.75
CA LYS D 232 10.21 -25.13 8.19
C LYS D 232 11.54 -25.88 8.14
N LEU D 233 11.45 -27.21 8.16
CA LEU D 233 12.57 -28.10 7.89
C LEU D 233 12.05 -29.21 6.98
N ARG D 234 12.36 -29.12 5.69
CA ARG D 234 11.89 -30.12 4.74
C ARG D 234 12.43 -31.51 5.09
N GLY D 235 11.55 -32.41 5.49
CA GLY D 235 11.91 -33.79 5.73
C GLY D 235 12.25 -34.14 7.16
N THR D 236 12.03 -33.24 8.12
CA THR D 236 12.29 -33.56 9.51
C THR D 236 11.49 -32.62 10.40
N SER D 237 11.24 -33.08 11.63
CA SER D 237 10.43 -32.33 12.57
C SER D 237 11.25 -31.23 13.26
N HIS D 238 10.54 -30.24 13.79
CA HIS D 238 11.17 -29.14 14.50
C HIS D 238 10.13 -28.50 15.41
N MET D 239 10.60 -27.69 16.34
CA MET D 239 9.69 -26.99 17.22
C MET D 239 8.99 -25.85 16.49
N LYS D 240 7.76 -25.56 16.90
CA LYS D 240 6.92 -24.55 16.26
C LYS D 240 6.71 -23.39 17.22
N GLY D 241 6.92 -22.16 16.72
CA GLY D 241 6.76 -20.96 17.49
C GLY D 241 8.01 -20.12 17.42
N GLU D 242 8.14 -19.18 18.35
CA GLU D 242 9.32 -18.33 18.45
C GLU D 242 9.86 -18.39 19.87
N TYR D 243 11.19 -18.46 19.99
CA TYR D 243 11.84 -18.58 21.28
C TYR D 243 12.84 -17.44 21.46
N PRO D 244 12.91 -16.85 22.66
CA PRO D 244 13.85 -15.76 22.87
C PRO D 244 15.30 -16.23 22.81
N PHE D 245 16.17 -15.33 22.36
CA PHE D 245 17.60 -15.59 22.37
C PHE D 245 18.34 -14.28 22.63
N THR D 246 19.56 -14.41 23.14
CA THR D 246 20.37 -13.25 23.49
C THR D 246 21.75 -13.36 22.85
N ILE D 247 22.24 -12.23 22.34
CA ILE D 247 23.60 -12.14 21.82
C ILE D 247 24.48 -11.64 22.96
N THR D 248 25.18 -12.55 23.61
CA THR D 248 26.07 -12.24 24.71
C THR D 248 27.50 -12.09 24.20
N ASP D 249 28.45 -11.97 25.12
CA ASP D 249 29.86 -11.84 24.74
C ASP D 249 30.46 -13.16 24.26
N HIS D 250 29.77 -14.28 24.45
CA HIS D 250 30.25 -15.58 23.97
C HIS D 250 29.58 -16.03 22.68
N GLY D 251 28.56 -15.32 22.22
CA GLY D 251 27.85 -15.65 21.00
C GLY D 251 26.36 -15.76 21.25
N ILE D 252 25.65 -16.26 20.24
CA ILE D 252 24.21 -16.41 20.33
C ILE D 252 23.88 -17.49 21.37
N ASN D 253 22.86 -17.22 22.18
CA ASN D 253 22.40 -18.17 23.18
C ASN D 253 20.87 -18.20 23.13
N ILE D 254 20.30 -19.31 22.67
CA ILE D 254 18.86 -19.47 22.54
C ILE D 254 18.34 -20.20 23.76
N PHE D 255 17.17 -19.76 24.26
CA PHE D 255 16.54 -20.40 25.39
C PHE D 255 15.48 -21.37 24.87
N PRO D 256 15.68 -22.69 25.01
CA PRO D 256 14.67 -23.66 24.53
C PRO D 256 13.59 -23.91 25.58
N LEU D 257 12.74 -22.91 25.77
CA LEU D 257 11.67 -22.99 26.76
C LEU D 257 10.58 -23.97 26.31
N HIS E 23 40.14 -10.76 24.16
CA HIS E 23 38.69 -10.86 24.28
C HIS E 23 38.02 -9.55 23.87
N GLN E 24 38.83 -8.61 23.38
CA GLN E 24 38.32 -7.32 22.95
C GLN E 24 39.30 -6.72 21.95
N ALA E 25 38.77 -6.23 20.82
CA ALA E 25 39.61 -5.62 19.79
C ALA E 25 38.95 -4.39 19.17
N ILE E 26 38.08 -3.73 19.92
CA ILE E 26 37.36 -2.55 19.45
C ILE E 26 37.66 -1.38 20.38
N ALA E 27 38.08 -0.27 19.80
CA ALA E 27 38.38 0.95 20.53
C ALA E 27 37.34 2.01 20.19
N LYS E 28 36.95 2.80 21.20
CA LYS E 28 35.89 3.78 21.05
C LYS E 28 36.37 5.16 21.47
N MET E 29 35.95 6.18 20.72
CA MET E 29 36.19 7.57 21.08
C MET E 29 34.91 8.17 21.62
N ARG E 30 35.01 8.84 22.77
CA ARG E 30 33.83 9.43 23.38
C ARG E 30 33.31 10.59 22.56
N THR E 31 31.99 10.61 22.32
CA THR E 31 31.38 11.73 21.63
C THR E 31 31.12 12.91 22.53
N MET E 32 31.24 12.74 23.85
CA MET E 32 31.02 13.76 24.88
C MET E 32 29.60 14.29 24.89
N ILE E 33 28.68 13.69 24.15
CA ILE E 33 27.28 14.07 24.23
C ILE E 33 26.71 13.52 25.54
N GLU E 34 25.96 14.36 26.25
CA GLU E 34 25.49 14.01 27.58
C GLU E 34 24.56 12.79 27.55
N GLY E 35 25.03 11.67 28.07
CA GLY E 35 24.24 10.46 28.18
C GLY E 35 24.36 9.50 27.03
N PHE E 36 24.88 9.95 25.88
CA PHE E 36 25.00 9.04 24.74
C PHE E 36 26.11 8.01 24.95
N ASP E 37 27.21 8.42 25.59
CA ASP E 37 28.28 7.48 25.87
C ASP E 37 27.84 6.39 26.84
N ASP E 38 26.95 6.72 27.78
CA ASP E 38 26.47 5.72 28.72
C ASP E 38 25.66 4.64 28.02
N ILE E 39 24.81 5.03 27.07
CA ILE E 39 23.96 4.05 26.39
C ILE E 39 24.67 3.40 25.21
N SER E 40 25.78 3.97 24.74
CA SER E 40 26.58 3.35 23.69
C SER E 40 27.71 2.51 24.25
N HIS E 41 27.88 2.48 25.57
CA HIS E 41 28.92 1.68 26.24
C HIS E 41 30.31 2.06 25.73
N GLY E 42 30.67 3.34 25.88
CA GLY E 42 31.98 3.82 25.54
C GLY E 42 32.04 4.82 24.40
N GLY E 43 30.94 5.08 23.72
CA GLY E 43 30.91 6.04 22.64
C GLY E 43 30.99 5.39 21.27
N LEU E 44 31.24 6.25 20.28
CA LEU E 44 31.28 5.79 18.89
C LEU E 44 32.58 5.05 18.63
N PRO E 45 32.52 3.86 18.02
CA PRO E 45 33.75 3.12 17.69
C PRO E 45 34.64 3.90 16.74
N ILE E 46 35.95 3.77 16.93
CA ILE E 46 36.92 4.51 16.15
C ILE E 46 37.12 3.82 14.80
N GLY E 47 37.06 4.59 13.73
CA GLY E 47 37.29 4.08 12.40
C GLY E 47 36.07 3.57 11.66
N ARG E 48 34.90 3.57 12.31
CA ARG E 48 33.67 3.09 11.70
C ARG E 48 32.72 4.25 11.47
N SER E 49 31.87 4.12 10.44
CA SER E 49 30.95 5.16 10.03
C SER E 49 29.55 4.85 10.55
N THR E 50 28.99 5.80 11.29
CA THR E 50 27.65 5.68 11.85
C THR E 50 26.62 6.29 10.92
N LEU E 51 25.42 5.73 10.92
CA LEU E 51 24.28 6.28 10.19
C LEU E 51 23.24 6.72 11.19
N VAL E 52 23.01 8.03 11.26
CA VAL E 52 22.04 8.62 12.17
C VAL E 52 20.81 8.99 11.34
N SER E 53 19.70 8.31 11.59
CA SER E 53 18.50 8.44 10.78
C SER E 53 17.34 8.92 11.63
N GLY E 54 16.56 9.86 11.08
CA GLY E 54 15.40 10.37 11.77
C GLY E 54 14.61 11.27 10.86
N THR E 55 13.37 11.57 11.28
CA THR E 55 12.52 12.47 10.53
C THR E 55 12.99 13.91 10.71
N SER E 56 12.30 14.83 10.03
CA SER E 56 12.67 16.23 10.12
C SER E 56 12.37 16.77 11.52
N GLY E 57 13.29 17.59 12.03
CA GLY E 57 13.12 18.19 13.34
C GLY E 57 13.51 17.32 14.51
N THR E 58 14.22 16.22 14.27
CA THR E 58 14.62 15.33 15.36
C THR E 58 15.97 15.70 15.96
N GLY E 59 16.92 16.18 15.15
CA GLY E 59 18.20 16.59 15.68
C GLY E 59 19.40 15.94 15.03
N LYS E 60 19.28 15.52 13.78
CA LYS E 60 20.41 14.90 13.09
C LYS E 60 21.54 15.91 12.88
N THR E 61 21.22 17.07 12.32
CA THR E 61 22.23 18.10 12.08
C THR E 61 22.85 18.56 13.38
N LEU E 62 22.02 18.75 14.42
CA LEU E 62 22.55 19.14 15.72
C LEU E 62 23.46 18.06 16.30
N PHE E 63 23.08 16.79 16.12
CA PHE E 63 23.91 15.69 16.59
C PHE E 63 25.28 15.71 15.91
N SER E 64 25.29 15.86 14.59
CA SER E 64 26.55 15.86 13.85
C SER E 64 27.40 17.08 14.18
N ILE E 65 26.77 18.23 14.44
CA ILE E 65 27.53 19.43 14.82
C ILE E 65 28.10 19.27 16.22
N GLN E 66 27.29 18.77 17.16
CA GLN E 66 27.74 18.64 18.54
C GLN E 66 28.84 17.61 18.69
N PHE E 67 28.80 16.54 17.89
CA PHE E 67 29.88 15.55 17.92
C PHE E 67 31.22 16.21 17.65
N LEU E 68 31.32 16.95 16.53
CA LEU E 68 32.56 17.61 16.18
C LEU E 68 32.94 18.69 17.19
N TYR E 69 31.97 19.49 17.63
CA TYR E 69 32.27 20.59 18.53
C TYR E 69 32.80 20.07 19.86
N ASN E 70 32.15 19.04 20.41
CA ASN E 70 32.61 18.46 21.67
C ASN E 70 33.98 17.83 21.51
N GLY E 71 34.23 17.16 20.37
CA GLY E 71 35.55 16.61 20.14
C GLY E 71 36.62 17.68 20.14
N ILE E 72 36.38 18.77 19.40
CA ILE E 72 37.36 19.86 19.31
C ILE E 72 37.58 20.49 20.68
N ILE E 73 36.50 20.73 21.43
CA ILE E 73 36.63 21.41 22.72
C ILE E 73 37.39 20.53 23.72
N GLU E 74 37.01 19.25 23.81
CA GLU E 74 37.56 18.39 24.85
C GLU E 74 38.93 17.83 24.46
N PHE E 75 38.98 17.07 23.37
CA PHE E 75 40.19 16.32 23.04
C PHE E 75 41.12 17.07 22.11
N ASP E 76 40.79 18.32 21.75
CA ASP E 76 41.59 19.10 20.81
C ASP E 76 41.78 18.34 19.50
N GLU E 77 40.74 17.62 19.09
CA GLU E 77 40.77 16.84 17.86
C GLU E 77 39.91 17.54 16.82
N PRO E 78 40.51 18.10 15.76
CA PRO E 78 39.72 18.88 14.80
C PRO E 78 38.71 18.02 14.07
N GLY E 79 37.79 18.68 13.38
CA GLY E 79 36.72 18.01 12.68
C GLY E 79 36.43 18.64 11.34
N VAL E 80 35.79 17.85 10.48
CA VAL E 80 35.35 18.30 9.16
C VAL E 80 33.86 18.03 9.06
N PHE E 81 33.09 19.06 8.73
CA PHE E 81 31.63 18.97 8.60
C PHE E 81 31.28 19.25 7.14
N VAL E 82 30.90 18.21 6.42
CA VAL E 82 30.50 18.34 5.03
C VAL E 82 28.99 18.48 4.96
N THR E 83 28.51 19.55 4.32
CA THR E 83 27.09 19.83 4.26
C THR E 83 26.66 20.00 2.81
N PHE E 84 25.41 19.62 2.54
CA PHE E 84 24.84 19.70 1.20
C PHE E 84 23.57 20.53 1.13
N GLU E 85 22.72 20.45 2.15
CA GLU E 85 21.43 21.14 2.16
C GLU E 85 21.49 22.52 2.80
N GLU E 86 22.65 22.94 3.29
CA GLU E 86 22.76 24.21 3.98
C GLU E 86 24.10 24.87 3.62
N THR E 87 24.13 26.18 3.78
CA THR E 87 25.35 26.96 3.66
C THR E 87 26.06 27.00 5.00
N PRO E 88 27.38 27.20 5.00
CA PRO E 88 28.11 27.27 6.27
C PRO E 88 27.62 28.37 7.20
N GLN E 89 27.20 29.51 6.66
CA GLN E 89 26.75 30.62 7.49
C GLN E 89 25.49 30.26 8.28
N ASP E 90 24.55 29.56 7.65
CA ASP E 90 23.34 29.14 8.34
C ASP E 90 23.67 28.19 9.49
N ILE E 91 24.59 27.25 9.25
CA ILE E 91 25.00 26.32 10.30
C ILE E 91 25.67 27.06 11.44
N ILE E 92 26.51 28.06 11.11
CA ILE E 92 27.18 28.85 12.14
C ILE E 92 26.16 29.60 12.98
N LYS E 93 25.15 30.20 12.34
CA LYS E 93 24.11 30.90 13.09
C LYS E 93 23.31 29.96 13.98
N ASN E 94 22.94 28.80 13.44
CA ASN E 94 22.19 27.82 14.25
C ASN E 94 23.02 27.33 15.42
N ALA E 95 24.34 27.19 15.24
CA ALA E 95 25.20 26.77 16.34
C ALA E 95 25.34 27.89 17.37
N ARG E 96 25.51 29.13 16.93
CA ARG E 96 25.58 30.25 17.85
C ARG E 96 24.28 30.43 18.63
N SER E 97 23.17 29.93 18.09
CA SER E 97 21.94 29.89 18.87
C SER E 97 22.12 29.11 20.17
N PHE E 98 22.98 28.08 20.15
CA PHE E 98 23.30 27.32 21.36
C PHE E 98 24.45 27.93 22.16
N GLY E 99 25.14 28.91 21.61
CA GLY E 99 26.32 29.46 22.25
C GLY E 99 27.64 28.95 21.73
N TRP E 100 27.63 28.18 20.65
CA TRP E 100 28.85 27.62 20.07
C TRP E 100 29.40 28.59 19.04
N ASP E 101 30.57 29.16 19.30
CA ASP E 101 31.20 30.10 18.38
C ASP E 101 32.05 29.32 17.36
N LEU E 102 31.35 28.70 16.41
CA LEU E 102 32.03 27.92 15.39
C LEU E 102 32.88 28.78 14.47
N ALA E 103 32.57 30.07 14.35
CA ALA E 103 33.38 30.95 13.51
C ALA E 103 34.81 31.05 14.03
N LYS E 104 34.96 31.16 15.35
CA LYS E 104 36.29 31.20 15.95
C LYS E 104 37.06 29.91 15.68
N LEU E 105 36.38 28.76 15.81
CA LEU E 105 37.04 27.49 15.54
C LEU E 105 37.45 27.37 14.09
N VAL E 106 36.60 27.82 13.17
CA VAL E 106 36.94 27.77 11.75
C VAL E 106 38.14 28.68 11.45
N ASP E 107 38.16 29.88 12.03
CA ASP E 107 39.29 30.78 11.82
C ASP E 107 40.57 30.21 12.40
N GLU E 108 40.51 29.59 13.58
CA GLU E 108 41.69 29.00 14.19
C GLU E 108 42.16 27.74 13.47
N GLY E 109 41.34 27.18 12.58
CA GLY E 109 41.69 25.97 11.88
C GLY E 109 41.31 24.69 12.58
N LYS E 110 40.75 24.77 13.79
CA LYS E 110 40.34 23.58 14.52
C LYS E 110 39.07 22.96 13.97
N LEU E 111 38.40 23.60 13.03
CA LEU E 111 37.17 23.06 12.44
C LEU E 111 37.11 23.49 10.98
N PHE E 112 36.68 22.58 10.11
CA PHE E 112 36.50 22.87 8.70
C PHE E 112 35.06 22.57 8.30
N ILE E 113 34.48 23.43 7.48
CA ILE E 113 33.13 23.26 6.97
C ILE E 113 33.22 23.22 5.45
N LEU E 114 32.70 22.15 4.85
CA LEU E 114 32.77 21.93 3.42
C LEU E 114 31.39 22.10 2.81
N ASP E 115 31.32 22.90 1.73
CA ASP E 115 30.09 23.17 1.00
C ASP E 115 30.21 22.54 -0.38
N ALA E 116 29.43 21.49 -0.63
CA ALA E 116 29.43 20.80 -1.90
C ALA E 116 28.24 21.19 -2.78
N SER E 117 27.46 22.18 -2.36
CA SER E 117 26.30 22.60 -3.13
C SER E 117 26.47 24.03 -3.66
N LEU E 131 30.64 11.50 -6.92
CA LEU E 131 30.81 11.15 -5.52
C LEU E 131 32.27 10.91 -5.19
N SER E 132 33.05 10.52 -6.20
CA SER E 132 34.49 10.34 -6.01
C SER E 132 35.17 11.65 -5.69
N ALA E 133 34.75 12.74 -6.35
CA ALA E 133 35.33 14.04 -6.06
C ALA E 133 35.05 14.46 -4.62
N LEU E 134 33.85 14.16 -4.11
CA LEU E 134 33.53 14.47 -2.72
C LEU E 134 34.46 13.72 -1.76
N ILE E 135 34.71 12.45 -2.02
CA ILE E 135 35.62 11.67 -1.17
C ILE E 135 37.02 12.23 -1.25
N GLU E 136 37.47 12.61 -2.45
CA GLU E 136 38.80 13.20 -2.60
C GLU E 136 38.91 14.50 -1.81
N ARG E 137 37.88 15.35 -1.87
CA ARG E 137 37.90 16.60 -1.12
C ARG E 137 37.89 16.35 0.38
N ILE E 138 37.11 15.38 0.85
CA ILE E 138 37.09 15.06 2.27
C ILE E 138 38.46 14.57 2.73
N ASN E 139 39.08 13.69 1.93
CA ASN E 139 40.41 13.19 2.27
C ASN E 139 41.44 14.33 2.28
N TYR E 140 41.35 15.24 1.31
CA TYR E 140 42.26 16.37 1.28
C TYR E 140 42.10 17.24 2.51
N ALA E 141 40.86 17.51 2.92
CA ALA E 141 40.62 18.30 4.13
C ALA E 141 41.15 17.58 5.36
N ILE E 142 40.95 16.26 5.43
CA ILE E 142 41.44 15.50 6.58
C ILE E 142 42.95 15.58 6.67
N GLN E 143 43.63 15.42 5.53
CA GLN E 143 45.09 15.50 5.53
C GLN E 143 45.57 16.91 5.88
N LYS E 144 44.91 17.93 5.34
CA LYS E 144 45.37 19.30 5.57
C LYS E 144 45.18 19.72 7.03
N TYR E 145 44.04 19.41 7.61
CA TYR E 145 43.73 19.87 8.96
C TYR E 145 44.13 18.88 10.05
N ARG E 146 44.72 17.74 9.68
CA ARG E 146 45.17 16.72 10.63
C ARG E 146 44.04 16.34 11.58
N ALA E 147 42.84 16.20 11.03
CA ALA E 147 41.63 15.96 11.80
C ALA E 147 41.16 14.53 11.58
N ARG E 148 40.76 13.86 12.66
CA ARG E 148 40.09 12.57 12.55
C ARG E 148 38.73 12.70 13.23
N ARG E 149 37.79 13.30 12.51
CA ARG E 149 36.36 13.31 12.82
C ARG E 149 35.63 13.93 11.63
N VAL E 150 34.62 13.25 11.12
CA VAL E 150 33.89 13.69 9.94
C VAL E 150 32.40 13.58 10.22
N SER E 151 31.65 14.60 9.78
CA SER E 151 30.19 14.56 9.85
C SER E 151 29.63 14.88 8.48
N ILE E 152 28.67 14.09 8.03
CA ILE E 152 28.01 14.28 6.74
C ILE E 152 26.55 14.59 7.02
N ASP E 153 26.12 15.78 6.63
CA ASP E 153 24.80 16.27 7.04
C ASP E 153 23.67 15.70 6.18
N SER E 154 23.93 15.40 4.92
CA SER E 154 22.88 14.87 4.06
C SER E 154 23.52 14.08 2.92
N VAL E 155 23.53 12.76 3.05
CA VAL E 155 23.85 11.90 1.91
C VAL E 155 22.59 11.50 1.16
N THR E 156 21.41 11.65 1.78
CA THR E 156 20.15 11.38 1.09
C THR E 156 19.97 12.29 -0.11
N SER E 157 20.33 13.57 0.04
CA SER E 157 20.22 14.50 -1.08
C SER E 157 21.13 14.07 -2.23
N VAL E 158 22.32 13.57 -1.92
CA VAL E 158 23.21 13.07 -2.96
C VAL E 158 22.62 11.85 -3.64
N PHE E 159 22.06 10.92 -2.84
CA PHE E 159 21.51 9.70 -3.40
C PHE E 159 20.22 9.92 -4.17
N GLN E 160 19.57 11.08 -3.96
CA GLN E 160 18.36 11.39 -4.72
C GLN E 160 18.61 11.39 -6.22
N GLN E 161 19.84 11.71 -6.64
CA GLN E 161 20.17 11.70 -8.06
C GLN E 161 20.05 10.30 -8.66
N TYR E 162 20.50 9.29 -7.93
CA TYR E 162 20.44 7.92 -8.41
C TYR E 162 19.00 7.41 -8.38
N ASP E 163 18.72 6.43 -9.25
CA ASP E 163 17.37 5.91 -9.42
C ASP E 163 17.13 4.66 -8.58
N ALA E 164 17.91 3.60 -8.82
CA ALA E 164 17.67 2.32 -8.19
C ALA E 164 18.34 2.24 -6.82
N SER E 165 17.76 1.42 -5.94
CA SER E 165 18.31 1.24 -4.61
C SER E 165 19.62 0.45 -4.63
N SER E 166 19.85 -0.36 -5.67
CA SER E 166 21.13 -1.06 -5.77
C SER E 166 22.27 -0.09 -5.96
N VAL E 167 22.07 0.94 -6.79
CA VAL E 167 23.10 1.96 -6.96
C VAL E 167 23.30 2.75 -5.67
N VAL E 168 22.22 2.99 -4.93
CA VAL E 168 22.33 3.66 -3.63
C VAL E 168 23.19 2.83 -2.69
N ARG E 169 22.94 1.51 -2.63
CA ARG E 169 23.73 0.64 -1.79
C ARG E 169 25.19 0.63 -2.21
N ARG E 170 25.44 0.59 -3.52
CA ARG E 170 26.83 0.57 -4.00
C ARG E 170 27.57 1.85 -3.62
N GLU E 171 26.92 3.00 -3.83
CA GLU E 171 27.58 4.27 -3.49
C GLU E 171 27.79 4.40 -1.99
N LEU E 172 26.79 4.00 -1.19
CA LEU E 172 26.95 4.07 0.27
C LEU E 172 28.07 3.17 0.75
N PHE E 173 28.16 1.95 0.20
CA PHE E 173 29.24 1.05 0.57
C PHE E 173 30.59 1.62 0.17
N ARG E 174 30.68 2.22 -1.02
CA ARG E 174 31.93 2.84 -1.45
C ARG E 174 32.35 3.95 -0.49
N LEU E 175 31.40 4.81 -0.11
CA LEU E 175 31.72 5.91 0.80
C LEU E 175 32.15 5.39 2.17
N VAL E 176 31.44 4.38 2.71
CA VAL E 176 31.80 3.84 4.00
C VAL E 176 33.16 3.17 3.96
N ALA E 177 33.46 2.44 2.88
CA ALA E 177 34.76 1.81 2.74
C ALA E 177 35.87 2.85 2.67
N ARG E 178 35.66 3.93 1.92
CA ARG E 178 36.67 4.99 1.85
C ARG E 178 36.88 5.63 3.21
N LEU E 179 35.80 5.88 3.95
CA LEU E 179 35.92 6.48 5.28
C LEU E 179 36.68 5.57 6.22
N LYS E 180 36.41 4.26 6.17
CA LYS E 180 37.14 3.32 7.02
C LYS E 180 38.61 3.24 6.62
N GLN E 181 38.90 3.28 5.32
CA GLN E 181 40.29 3.25 4.88
C GLN E 181 41.04 4.49 5.34
N ILE E 182 40.40 5.65 5.30
CA ILE E 182 41.01 6.88 5.81
C ILE E 182 41.26 6.78 7.31
N GLY E 183 40.34 6.17 8.06
CA GLY E 183 40.51 6.01 9.48
C GLY E 183 39.87 7.10 10.33
N ALA E 184 38.98 7.90 9.75
CA ALA E 184 38.32 8.98 10.46
C ALA E 184 36.92 8.56 10.86
N THR E 185 36.61 8.70 12.14
CA THR E 185 35.27 8.39 12.63
C THR E 185 34.25 9.32 12.01
N THR E 186 33.23 8.76 11.37
CA THR E 186 32.27 9.53 10.60
C THR E 186 30.86 9.33 11.15
N VAL E 187 30.09 10.43 11.15
CA VAL E 187 28.67 10.41 11.50
C VAL E 187 27.92 10.91 10.28
N MET E 188 27.27 9.99 9.57
CA MET E 188 26.50 10.33 8.38
C MET E 188 25.02 10.31 8.73
N THR E 189 24.31 11.37 8.37
CA THR E 189 22.89 11.51 8.72
C THR E 189 22.03 11.35 7.49
N THR E 190 20.99 10.52 7.59
CA THR E 190 20.05 10.25 6.51
C THR E 190 18.64 10.52 6.99
N GLU E 191 17.74 10.71 6.02
CA GLU E 191 16.37 11.11 6.28
C GLU E 191 15.41 9.95 6.08
N ARG E 192 14.45 9.80 6.99
CA ARG E 192 13.42 8.78 6.89
C ARG E 192 12.05 9.43 7.01
N ILE E 193 11.05 8.76 6.44
CA ILE E 193 9.73 9.33 6.29
C ILE E 193 8.83 9.04 7.48
N GLU E 194 8.72 7.77 7.87
CA GLU E 194 7.77 7.34 8.89
C GLU E 194 8.48 7.11 10.22
N GLU E 195 7.81 7.48 11.31
CA GLU E 195 8.39 7.32 12.63
C GLU E 195 8.67 5.86 12.96
N TYR E 196 7.72 4.97 12.63
CA TYR E 196 7.87 3.54 12.83
C TYR E 196 7.73 2.85 11.47
N GLY E 197 8.85 2.73 10.76
CA GLY E 197 8.88 2.11 9.46
C GLY E 197 10.28 1.77 9.04
N PRO E 198 10.59 1.93 7.76
CA PRO E 198 11.96 1.70 7.29
C PRO E 198 12.93 2.65 7.97
N ILE E 199 14.14 2.15 8.25
CA ILE E 199 15.14 2.97 8.93
C ILE E 199 15.57 4.12 8.04
N ALA E 200 15.68 3.88 6.73
CA ALA E 200 15.94 4.93 5.76
C ALA E 200 14.87 4.86 4.67
N ARG E 201 14.79 5.93 3.88
CA ARG E 201 13.77 5.97 2.83
C ARG E 201 14.01 4.88 1.79
N TYR E 202 15.27 4.63 1.42
CA TYR E 202 15.59 3.58 0.47
C TYR E 202 15.52 2.19 1.09
N GLY E 203 15.66 2.08 2.41
CA GLY E 203 15.60 0.80 3.08
C GLY E 203 16.88 -0.01 3.04
N VAL E 204 17.94 0.51 2.43
CA VAL E 204 19.20 -0.21 2.30
C VAL E 204 20.30 0.37 3.17
N GLU E 205 20.10 1.55 3.76
CA GLU E 205 21.14 2.17 4.57
C GLU E 205 21.44 1.35 5.82
N GLU E 206 20.40 0.74 6.41
CA GLU E 206 20.59 0.01 7.65
C GLU E 206 21.49 -1.20 7.48
N PHE E 207 21.56 -1.76 6.27
CA PHE E 207 22.30 -2.99 6.02
C PHE E 207 23.71 -2.74 5.50
N VAL E 208 24.16 -1.50 5.42
CA VAL E 208 25.49 -1.16 4.93
C VAL E 208 26.35 -0.54 6.03
N SER E 209 25.79 0.42 6.76
CA SER E 209 26.55 1.10 7.81
C SER E 209 26.83 0.15 8.98
N ASP E 210 28.01 0.29 9.56
CA ASP E 210 28.39 -0.55 10.68
C ASP E 210 27.55 -0.25 11.92
N ASN E 211 27.26 1.02 12.17
CA ASN E 211 26.51 1.46 13.33
C ASN E 211 25.28 2.24 12.87
N VAL E 212 24.15 2.01 13.54
CA VAL E 212 22.90 2.67 13.20
C VAL E 212 22.30 3.28 14.45
N VAL E 213 22.03 4.58 14.41
CA VAL E 213 21.36 5.31 15.48
C VAL E 213 20.09 5.92 14.90
N ILE E 214 18.99 5.83 15.65
CA ILE E 214 17.69 6.25 15.16
C ILE E 214 17.11 7.28 16.13
N LEU E 215 16.74 8.44 15.60
CA LEU E 215 16.03 9.47 16.34
C LEU E 215 14.58 9.48 15.89
N ARG E 216 13.66 9.39 16.84
CA ARG E 216 12.24 9.34 16.54
C ARG E 216 11.52 10.49 17.23
N ASN E 217 10.61 11.12 16.49
CA ASN E 217 9.77 12.21 16.98
C ASN E 217 8.33 11.68 16.94
N VAL E 218 7.93 11.00 18.01
CA VAL E 218 6.66 10.28 18.03
C VAL E 218 5.55 11.23 18.46
N LEU E 219 4.48 11.29 17.67
CA LEU E 219 3.34 12.16 17.94
C LEU E 219 2.21 11.30 18.52
N GLU E 220 1.99 11.43 19.83
CA GLU E 220 0.92 10.72 20.51
C GLU E 220 0.19 11.70 21.42
N GLY E 221 -1.14 11.57 21.48
CA GLY E 221 -1.93 12.46 22.32
C GLY E 221 -1.79 13.92 21.97
N GLU E 222 -1.58 14.23 20.68
CA GLU E 222 -1.31 15.59 20.22
C GLU E 222 -0.09 16.19 20.90
N ARG E 223 0.91 15.36 21.21
CA ARG E 223 2.16 15.83 21.78
C ARG E 223 3.30 15.00 21.21
N ARG E 224 4.43 15.66 20.95
CA ARG E 224 5.58 15.02 20.36
C ARG E 224 6.63 14.69 21.43
N ARG E 225 7.19 13.49 21.32
CA ARG E 225 8.21 13.01 22.25
C ARG E 225 9.43 12.56 21.45
N ARG E 226 10.61 12.92 21.93
CA ARG E 226 11.86 12.60 21.26
C ARG E 226 12.49 11.36 21.90
N THR E 227 12.90 10.41 21.05
CA THR E 227 13.52 9.18 21.53
C THR E 227 14.75 8.87 20.70
N LEU E 228 15.74 8.26 21.34
CA LEU E 228 16.99 7.86 20.71
C LEU E 228 17.18 6.37 20.89
N GLU E 229 17.58 5.68 19.83
CA GLU E 229 17.75 4.23 19.85
C GLU E 229 19.05 3.88 19.15
N ILE E 230 19.75 2.87 19.66
CA ILE E 230 20.94 2.34 19.01
C ILE E 230 20.53 1.00 18.40
N LEU E 231 20.29 0.99 17.09
CA LEU E 231 19.80 -0.22 16.44
C LEU E 231 20.85 -1.33 16.47
N LYS E 232 22.09 -1.01 16.19
CA LYS E 232 23.15 -2.01 16.20
C LYS E 232 24.50 -1.32 16.32
N LEU E 233 25.47 -2.08 16.84
CA LEU E 233 26.88 -1.68 16.83
C LEU E 233 27.68 -2.92 16.46
N ARG E 234 28.13 -3.00 15.22
CA ARG E 234 28.88 -4.17 14.77
C ARG E 234 30.17 -4.34 15.56
N GLY E 235 30.26 -5.39 16.35
CA GLY E 235 31.47 -5.72 17.06
C GLY E 235 31.56 -5.21 18.49
N THR E 236 30.49 -4.66 19.04
CA THR E 236 30.53 -4.20 20.42
C THR E 236 29.10 -4.12 20.96
N SER E 237 28.99 -4.20 22.28
CA SER E 237 27.69 -4.20 22.95
C SER E 237 27.15 -2.79 23.09
N HIS E 238 25.83 -2.71 23.27
CA HIS E 238 25.15 -1.44 23.44
C HIS E 238 23.82 -1.70 24.12
N MET E 239 23.21 -0.64 24.64
CA MET E 239 21.91 -0.76 25.27
C MET E 239 20.83 -0.96 24.22
N LYS E 240 19.78 -1.70 24.61
CA LYS E 240 18.69 -2.05 23.72
C LYS E 240 17.42 -1.36 24.18
N GLY E 241 16.71 -0.72 23.23
CA GLY E 241 15.49 -0.01 23.51
C GLY E 241 15.59 1.41 23.00
N GLU E 242 14.68 2.25 23.48
CA GLU E 242 14.68 3.67 23.16
C GLU E 242 14.65 4.49 24.42
N TYR E 243 15.44 5.57 24.45
CA TYR E 243 15.58 6.41 25.61
C TYR E 243 15.22 7.85 25.26
N PRO E 244 14.49 8.55 26.13
CA PRO E 244 14.13 9.94 25.83
C PRO E 244 15.34 10.86 25.83
N PHE E 245 15.28 11.89 24.99
CA PHE E 245 16.29 12.93 24.96
C PHE E 245 15.64 14.25 24.64
N THR E 246 16.30 15.33 25.05
CA THR E 246 15.77 16.68 24.85
C THR E 246 16.81 17.56 24.18
N ILE E 247 16.37 18.39 23.24
CA ILE E 247 17.21 19.39 22.61
C ILE E 247 17.03 20.69 23.38
N THR E 248 17.99 20.98 24.26
CA THR E 248 17.95 22.18 25.08
C THR E 248 18.80 23.26 24.42
N ASP E 249 19.01 24.37 25.13
CA ASP E 249 19.82 25.46 24.60
C ASP E 249 21.31 25.15 24.60
N HIS E 250 21.74 24.07 25.26
CA HIS E 250 23.13 23.67 25.28
C HIS E 250 23.44 22.52 24.33
N GLY E 251 22.42 21.92 23.71
CA GLY E 251 22.59 20.83 22.79
C GLY E 251 21.76 19.64 23.19
N ILE E 252 22.00 18.52 22.52
CA ILE E 252 21.26 17.29 22.80
C ILE E 252 21.63 16.77 24.19
N ASN E 253 20.62 16.33 24.93
CA ASN E 253 20.84 15.74 26.26
C ASN E 253 19.99 14.48 26.35
N ILE E 254 20.65 13.32 26.40
CA ILE E 254 19.99 12.04 26.47
C ILE E 254 19.92 11.59 27.92
N PHE E 255 18.78 11.02 28.32
CA PHE E 255 18.62 10.50 29.66
C PHE E 255 18.90 9.00 29.66
N PRO E 256 20.00 8.53 30.25
CA PRO E 256 20.29 7.09 30.28
C PRO E 256 19.59 6.38 31.44
N LEU E 257 18.27 6.25 31.32
CA LEU E 257 17.46 5.62 32.34
C LEU E 257 17.71 4.12 32.42
N HIS F 23 25.04 34.21 22.72
CA HIS F 23 24.26 33.00 23.01
C HIS F 23 22.97 33.00 22.20
N GLN F 24 22.82 33.99 21.31
CA GLN F 24 21.64 34.10 20.46
C GLN F 24 22.00 34.92 19.23
N ALA F 25 21.61 34.42 18.06
CA ALA F 25 21.90 35.10 16.80
C ALA F 25 20.73 35.02 15.83
N ILE F 26 19.51 34.86 16.35
CA ILE F 26 18.31 34.72 15.52
C ILE F 26 17.34 35.82 15.91
N ALA F 27 16.86 36.57 14.91
CA ALA F 27 15.89 37.63 15.11
C ALA F 27 14.56 37.22 14.49
N LYS F 28 13.46 37.59 15.15
CA LYS F 28 12.13 37.18 14.75
C LYS F 28 11.22 38.39 14.57
N MET F 29 10.40 38.34 13.53
CA MET F 29 9.37 39.34 13.30
C MET F 29 8.01 38.75 13.68
N ARG F 30 7.25 39.49 14.48
CA ARG F 30 5.95 39.00 14.94
C ARG F 30 4.97 38.93 13.78
N THR F 31 4.27 37.81 13.67
CA THR F 31 3.23 37.66 12.66
C THR F 31 1.92 38.31 13.07
N MET F 32 1.78 38.70 14.34
CA MET F 32 0.60 39.33 14.92
C MET F 32 -0.65 38.44 14.85
N ILE F 33 -0.50 37.17 14.48
CA ILE F 33 -1.62 36.24 14.55
C ILE F 33 -1.87 35.88 16.00
N GLU F 34 -3.13 35.90 16.41
CA GLU F 34 -3.49 35.71 17.81
C GLU F 34 -3.06 34.34 18.32
N GLY F 35 -2.05 34.31 19.19
CA GLY F 35 -1.60 33.09 19.82
C GLY F 35 -0.48 32.37 19.10
N PHE F 36 -0.23 32.69 17.83
CA PHE F 36 0.85 32.01 17.12
C PHE F 36 2.22 32.46 17.60
N ASP F 37 2.36 33.73 17.95
CA ASP F 37 3.64 34.21 18.45
C ASP F 37 3.98 33.59 19.80
N ASP F 38 2.97 33.30 20.62
CA ASP F 38 3.22 32.67 21.91
C ASP F 38 3.78 31.26 21.74
N ILE F 39 3.23 30.49 20.80
CA ILE F 39 3.69 29.12 20.62
C ILE F 39 4.91 29.03 19.71
N SER F 40 5.22 30.08 18.97
CA SER F 40 6.43 30.13 18.16
C SER F 40 7.60 30.78 18.90
N HIS F 41 7.37 31.28 20.11
CA HIS F 41 8.41 31.93 20.92
C HIS F 41 9.05 33.10 20.19
N GLY F 42 8.21 34.08 19.82
CA GLY F 42 8.68 35.30 19.20
C GLY F 42 8.24 35.52 17.77
N GLY F 43 7.60 34.56 17.14
CA GLY F 43 7.12 34.71 15.78
C GLY F 43 8.02 34.06 14.76
N LEU F 44 7.76 34.41 13.51
CA LEU F 44 8.51 33.82 12.41
C LEU F 44 9.90 34.42 12.32
N PRO F 45 10.95 33.60 12.22
CA PRO F 45 12.31 34.15 12.09
C PRO F 45 12.46 34.99 10.83
N ILE F 46 13.26 36.04 10.94
CA ILE F 46 13.45 36.99 9.85
C ILE F 46 14.45 36.41 8.87
N GLY F 47 14.10 36.44 7.58
CA GLY F 47 14.98 36.00 6.53
C GLY F 47 14.87 34.53 6.15
N ARG F 48 14.04 33.77 6.86
CA ARG F 48 13.87 32.35 6.58
C ARG F 48 12.47 32.09 6.01
N SER F 49 12.38 31.04 5.20
CA SER F 49 11.14 30.70 4.50
C SER F 49 10.44 29.55 5.23
N THR F 50 9.19 29.78 5.60
CA THR F 50 8.37 28.79 6.28
C THR F 50 7.54 27.99 5.28
N LEU F 51 7.30 26.73 5.60
CA LEU F 51 6.42 25.87 4.81
C LEU F 51 5.20 25.53 5.67
N VAL F 52 4.05 26.02 5.26
CA VAL F 52 2.79 25.79 5.96
C VAL F 52 2.02 24.74 5.16
N SER F 53 1.85 23.55 5.75
CA SER F 53 1.27 22.42 5.06
C SER F 53 0.00 21.95 5.76
N GLY F 54 -1.02 21.63 4.97
CA GLY F 54 -2.27 21.13 5.52
C GLY F 54 -3.18 20.69 4.41
N THR F 55 -4.23 19.96 4.80
CA THR F 55 -5.22 19.49 3.84
C THR F 55 -6.11 20.65 3.42
N SER F 56 -7.04 20.37 2.51
CA SER F 56 -7.95 21.40 2.02
C SER F 56 -8.91 21.84 3.13
N GLY F 57 -9.15 23.14 3.22
CA GLY F 57 -10.05 23.67 4.20
C GLY F 57 -9.46 23.90 5.58
N THR F 58 -8.14 23.84 5.72
CA THR F 58 -7.50 24.04 7.03
C THR F 58 -7.18 25.49 7.31
N GLY F 59 -6.81 26.27 6.30
CA GLY F 59 -6.52 27.68 6.52
C GLY F 59 -5.16 28.14 6.07
N LYS F 60 -4.57 27.48 5.07
CA LYS F 60 -3.26 27.90 4.58
C LYS F 60 -3.34 29.26 3.90
N THR F 61 -4.29 29.42 2.97
CA THR F 61 -4.43 30.69 2.28
C THR F 61 -4.79 31.81 3.25
N LEU F 62 -5.67 31.52 4.19
CA LEU F 62 -6.02 32.52 5.21
C LEU F 62 -4.82 32.87 6.06
N PHE F 63 -3.99 31.88 6.41
CA PHE F 63 -2.79 32.14 7.18
C PHE F 63 -1.85 33.07 6.43
N SER F 64 -1.61 32.78 5.16
CA SER F 64 -0.69 33.60 4.37
C SER F 64 -1.24 35.00 4.13
N ILE F 65 -2.56 35.13 3.98
CA ILE F 65 -3.16 36.46 3.82
C ILE F 65 -3.07 37.25 5.12
N GLN F 66 -3.39 36.61 6.25
CA GLN F 66 -3.41 37.30 7.53
C GLN F 66 -2.01 37.72 7.95
N PHE F 67 -1.00 36.92 7.64
CA PHE F 67 0.37 37.31 7.94
C PHE F 67 0.71 38.67 7.32
N LEU F 68 0.49 38.79 6.00
CA LEU F 68 0.78 40.04 5.31
C LEU F 68 -0.11 41.17 5.80
N TYR F 69 -1.40 40.91 5.99
CA TYR F 69 -2.32 41.97 6.38
C TYR F 69 -1.97 42.52 7.76
N ASN F 70 -1.68 41.63 8.71
CA ASN F 70 -1.30 42.08 10.04
C ASN F 70 0.02 42.83 10.01
N GLY F 71 0.98 42.36 9.20
CA GLY F 71 2.22 43.10 9.07
C GLY F 71 2.00 44.52 8.57
N ILE F 72 1.20 44.66 7.50
CA ILE F 72 0.94 45.97 6.92
C ILE F 72 0.22 46.87 7.91
N ILE F 73 -0.77 46.33 8.62
CA ILE F 73 -1.57 47.14 9.54
C ILE F 73 -0.72 47.59 10.72
N GLU F 74 0.04 46.67 11.33
CA GLU F 74 0.75 47.00 12.56
C GLU F 74 2.07 47.70 12.29
N PHE F 75 2.98 47.06 11.57
CA PHE F 75 4.34 47.56 11.44
C PHE F 75 4.53 48.44 10.21
N ASP F 76 3.48 48.69 9.44
CA ASP F 76 3.57 49.47 8.21
C ASP F 76 4.61 48.87 7.26
N GLU F 77 4.68 47.55 7.26
CA GLU F 77 5.63 46.83 6.42
C GLU F 77 4.88 46.18 5.27
N PRO F 78 5.05 46.64 4.04
CA PRO F 78 4.25 46.12 2.92
C PRO F 78 4.54 44.65 2.67
N GLY F 79 3.67 44.04 1.86
CA GLY F 79 3.78 42.63 1.57
C GLY F 79 3.46 42.33 0.12
N VAL F 80 3.94 41.17 -0.32
CA VAL F 80 3.69 40.65 -1.66
C VAL F 80 3.07 39.27 -1.53
N PHE F 81 1.92 39.07 -2.14
CA PHE F 81 1.18 37.81 -2.10
C PHE F 81 1.16 37.24 -3.52
N VAL F 82 1.93 36.19 -3.75
CA VAL F 82 1.97 35.54 -5.06
C VAL F 82 1.01 34.36 -5.04
N THR F 83 0.08 34.33 -5.99
CA THR F 83 -0.94 33.29 -6.02
C THR F 83 -0.93 32.60 -7.39
N PHE F 84 -1.28 31.32 -7.38
CA PHE F 84 -1.32 30.51 -8.59
C PHE F 84 -2.67 29.87 -8.85
N GLU F 85 -3.37 29.44 -7.80
CA GLU F 85 -4.64 28.73 -7.96
C GLU F 85 -5.85 29.66 -7.88
N GLU F 86 -5.63 30.96 -7.69
CA GLU F 86 -6.74 31.89 -7.55
C GLU F 86 -6.40 33.20 -8.25
N THR F 87 -7.44 33.94 -8.61
CA THR F 87 -7.31 35.29 -9.12
C THR F 87 -7.28 36.28 -7.96
N PRO F 88 -6.69 37.46 -8.16
CA PRO F 88 -6.66 38.46 -7.08
C PRO F 88 -8.04 38.86 -6.60
N GLN F 89 -9.03 38.94 -7.49
CA GLN F 89 -10.36 39.37 -7.09
C GLN F 89 -11.01 38.40 -6.12
N ASP F 90 -10.84 37.09 -6.37
CA ASP F 90 -11.39 36.09 -5.45
C ASP F 90 -10.76 36.20 -4.07
N ILE F 91 -9.44 36.43 -4.01
CA ILE F 91 -8.77 36.58 -2.73
C ILE F 91 -9.26 37.84 -2.02
N ILE F 92 -9.47 38.91 -2.78
CA ILE F 92 -9.97 40.16 -2.18
C ILE F 92 -11.36 39.95 -1.60
N LYS F 93 -12.22 39.24 -2.33
CA LYS F 93 -13.57 38.97 -1.81
C LYS F 93 -13.53 38.10 -0.56
N ASN F 94 -12.70 37.05 -0.58
CA ASN F 94 -12.58 36.18 0.59
C ASN F 94 -12.02 36.95 1.79
N ALA F 95 -11.12 37.90 1.55
CA ALA F 95 -10.60 38.70 2.65
C ALA F 95 -11.65 39.68 3.17
N ARG F 96 -12.40 40.31 2.27
CA ARG F 96 -13.48 41.20 2.69
C ARG F 96 -14.56 40.45 3.45
N SER F 97 -14.67 39.14 3.25
CA SER F 97 -15.54 38.34 4.09
C SER F 97 -15.18 38.48 5.57
N PHE F 98 -13.89 38.64 5.86
CA PHE F 98 -13.43 38.86 7.23
C PHE F 98 -13.45 40.33 7.64
N GLY F 99 -13.68 41.24 6.70
CA GLY F 99 -13.60 42.66 6.98
C GLY F 99 -12.31 43.33 6.58
N TRP F 100 -11.43 42.62 5.87
CA TRP F 100 -10.14 43.18 5.44
C TRP F 100 -10.31 43.80 4.07
N ASP F 101 -10.16 45.13 4.00
CA ASP F 101 -10.28 45.85 2.73
C ASP F 101 -8.93 45.86 2.02
N LEU F 102 -8.59 44.71 1.44
CA LEU F 102 -7.32 44.57 0.73
C LEU F 102 -7.26 45.43 -0.52
N ALA F 103 -8.41 45.81 -1.09
CA ALA F 103 -8.40 46.67 -2.27
C ALA F 103 -7.81 48.03 -1.95
N LYS F 104 -8.16 48.59 -0.79
CA LYS F 104 -7.58 49.87 -0.38
C LYS F 104 -6.07 49.76 -0.20
N LEU F 105 -5.60 48.67 0.40
CA LEU F 105 -4.17 48.48 0.59
C LEU F 105 -3.45 48.35 -0.75
N VAL F 106 -4.05 47.62 -1.70
CA VAL F 106 -3.44 47.47 -3.01
C VAL F 106 -3.37 48.81 -3.73
N ASP F 107 -4.45 49.60 -3.65
CA ASP F 107 -4.45 50.91 -4.28
C ASP F 107 -3.41 51.84 -3.66
N GLU F 108 -3.29 51.80 -2.33
CA GLU F 108 -2.31 52.65 -1.65
C GLU F 108 -0.88 52.20 -1.88
N GLY F 109 -0.68 50.99 -2.41
CA GLY F 109 0.64 50.46 -2.63
C GLY F 109 1.24 49.71 -1.46
N LYS F 110 0.54 49.64 -0.34
CA LYS F 110 1.04 48.92 0.83
C LYS F 110 0.93 47.40 0.68
N LEU F 111 0.29 46.91 -0.38
CA LEU F 111 0.18 45.48 -0.61
C LEU F 111 0.18 45.23 -2.10
N PHE F 112 0.87 44.17 -2.52
CA PHE F 112 0.92 43.77 -3.92
C PHE F 112 0.44 42.32 -4.04
N ILE F 113 -0.35 42.06 -5.08
CA ILE F 113 -0.84 40.72 -5.37
C ILE F 113 -0.38 40.33 -6.76
N LEU F 114 0.31 39.20 -6.86
CA LEU F 114 0.91 38.74 -8.10
C LEU F 114 0.14 37.53 -8.61
N ASP F 115 -0.22 37.56 -9.89
CA ASP F 115 -0.95 36.48 -10.55
C ASP F 115 -0.03 35.88 -11.60
N ALA F 116 0.40 34.64 -11.36
CA ALA F 116 1.27 33.92 -12.27
C ALA F 116 0.52 32.90 -13.12
N SER F 117 -0.81 32.87 -13.04
CA SER F 117 -1.60 31.93 -13.82
C SER F 117 -2.46 32.64 -14.85
N LEU F 131 10.51 28.80 -13.48
CA LEU F 131 10.51 29.15 -12.07
C LEU F 131 11.45 30.33 -11.82
N SER F 132 12.47 30.46 -12.67
CA SER F 132 13.38 31.59 -12.54
C SER F 132 12.66 32.91 -12.81
N ALA F 133 11.75 32.92 -13.79
CA ALA F 133 10.99 34.14 -14.07
C ALA F 133 10.12 34.53 -12.88
N LEU F 134 9.55 33.54 -12.18
CA LEU F 134 8.75 33.84 -11.00
C LEU F 134 9.60 34.50 -9.92
N ILE F 135 10.82 33.98 -9.69
CA ILE F 135 11.71 34.58 -8.70
C ILE F 135 12.10 35.98 -9.11
N GLU F 136 12.38 36.19 -10.40
CA GLU F 136 12.73 37.53 -10.87
C GLU F 136 11.57 38.50 -10.65
N ARG F 137 10.34 38.07 -10.94
CA ARG F 137 9.18 38.93 -10.72
C ARG F 137 8.97 39.24 -9.25
N ILE F 138 9.15 38.24 -8.38
CA ILE F 138 9.02 38.47 -6.93
C ILE F 138 10.06 39.47 -6.45
N ASN F 139 11.31 39.30 -6.90
CA ASN F 139 12.37 40.24 -6.52
C ASN F 139 12.07 41.64 -7.04
N TYR F 140 11.57 41.75 -8.26
CA TYR F 140 11.22 43.06 -8.82
C TYR F 140 10.12 43.72 -8.00
N ALA F 141 9.10 42.96 -7.62
CA ALA F 141 8.04 43.51 -6.78
C ALA F 141 8.56 43.94 -5.41
N ILE F 142 9.46 43.12 -4.82
CA ILE F 142 10.03 43.46 -3.53
C ILE F 142 10.81 44.77 -3.60
N GLN F 143 11.62 44.92 -4.65
CA GLN F 143 12.39 46.14 -4.81
C GLN F 143 11.49 47.34 -5.07
N LYS F 144 10.46 47.17 -5.89
CA LYS F 144 9.59 48.29 -6.24
C LYS F 144 8.78 48.77 -5.05
N TYR F 145 8.20 47.85 -4.28
CA TYR F 145 7.32 48.22 -3.19
C TYR F 145 8.03 48.36 -1.86
N ARG F 146 9.35 48.15 -1.81
CA ARG F 146 10.13 48.28 -0.59
C ARG F 146 9.55 47.43 0.53
N ALA F 147 9.11 46.24 0.19
CA ALA F 147 8.41 45.35 1.10
C ALA F 147 9.30 44.18 1.48
N ARG F 148 9.32 43.83 2.75
CA ARG F 148 9.95 42.59 3.20
C ARG F 148 8.89 41.75 3.91
N ARG F 149 8.08 41.08 3.10
CA ARG F 149 7.17 40.01 3.50
C ARG F 149 6.59 39.38 2.24
N VAL F 150 6.68 38.07 2.12
CA VAL F 150 6.22 37.37 0.93
C VAL F 150 5.39 36.17 1.35
N SER F 151 4.29 35.95 0.64
CA SER F 151 3.46 34.77 0.84
C SER F 151 3.26 34.08 -0.50
N ILE F 152 3.42 32.76 -0.52
CA ILE F 152 3.25 31.96 -1.71
C ILE F 152 2.09 31.00 -1.44
N ASP F 153 1.03 31.13 -2.23
CA ASP F 153 -0.22 30.43 -1.91
C ASP F 153 -0.19 28.98 -2.38
N SER F 154 0.52 28.67 -3.46
CA SER F 154 0.56 27.30 -3.96
C SER F 154 1.84 27.10 -4.76
N VAL F 155 2.84 26.48 -4.15
CA VAL F 155 3.98 25.98 -4.90
C VAL F 155 3.77 24.52 -5.32
N THR F 156 2.82 23.83 -4.71
CA THR F 156 2.49 22.47 -5.12
C THR F 156 1.99 22.44 -6.56
N SER F 157 1.16 23.42 -6.94
CA SER F 157 0.68 23.49 -8.32
C SER F 157 1.83 23.67 -9.30
N VAL F 158 2.82 24.49 -8.92
CA VAL F 158 3.99 24.66 -9.77
C VAL F 158 4.79 23.36 -9.87
N PHE F 159 4.98 22.67 -8.74
CA PHE F 159 5.76 21.44 -8.74
C PHE F 159 5.04 20.28 -9.42
N GLN F 160 3.72 20.39 -9.62
CA GLN F 160 2.99 19.35 -10.32
C GLN F 160 3.52 19.13 -11.73
N GLN F 161 4.09 20.18 -12.34
CA GLN F 161 4.66 20.02 -13.68
C GLN F 161 5.84 19.06 -13.68
N TYR F 162 6.69 19.13 -12.66
CA TYR F 162 7.85 18.24 -12.59
C TYR F 162 7.42 16.82 -12.24
N ASP F 163 8.24 15.86 -12.65
CA ASP F 163 7.91 14.45 -12.49
C ASP F 163 8.53 13.85 -11.22
N ALA F 164 9.85 13.89 -11.11
CA ALA F 164 10.55 13.23 -10.02
C ALA F 164 10.63 14.14 -8.79
N SER F 165 10.70 13.49 -7.62
CA SER F 165 10.81 14.23 -6.37
C SER F 165 12.17 14.89 -6.20
N SER F 166 13.21 14.37 -6.87
CA SER F 166 14.51 15.03 -6.82
C SER F 166 14.46 16.41 -7.46
N VAL F 167 13.77 16.53 -8.60
CA VAL F 167 13.61 17.82 -9.24
C VAL F 167 12.78 18.75 -8.37
N VAL F 168 11.78 18.20 -7.68
CA VAL F 168 10.99 19.00 -6.75
C VAL F 168 11.86 19.56 -5.63
N ARG F 169 12.73 18.70 -5.07
CA ARG F 169 13.63 19.16 -4.03
C ARG F 169 14.58 20.22 -4.55
N ARG F 170 15.11 20.03 -5.75
CA ARG F 170 16.05 21.01 -6.32
C ARG F 170 15.37 22.37 -6.51
N GLU F 171 14.17 22.37 -7.09
CA GLU F 171 13.47 23.63 -7.31
C GLU F 171 13.08 24.30 -6.00
N LEU F 172 12.63 23.52 -5.02
CA LEU F 172 12.27 24.09 -3.72
C LEU F 172 13.49 24.68 -3.03
N PHE F 173 14.63 24.00 -3.09
CA PHE F 173 15.85 24.53 -2.51
C PHE F 173 16.29 25.80 -3.21
N ARG F 174 16.17 25.84 -4.54
CA ARG F 174 16.54 27.04 -5.28
C ARG F 174 15.66 28.22 -4.85
N LEU F 175 14.35 27.99 -4.74
CA LEU F 175 13.44 29.07 -4.35
C LEU F 175 13.73 29.55 -2.93
N VAL F 176 13.95 28.61 -2.00
CA VAL F 176 14.24 28.99 -0.62
C VAL F 176 15.55 29.77 -0.54
N ALA F 177 16.57 29.33 -1.28
CA ALA F 177 17.84 30.03 -1.28
C ALA F 177 17.70 31.44 -1.84
N ARG F 178 16.93 31.59 -2.92
CA ARG F 178 16.71 32.93 -3.47
C ARG F 178 15.97 33.82 -2.49
N LEU F 179 14.96 33.27 -1.81
CA LEU F 179 14.22 34.05 -0.82
C LEU F 179 15.11 34.48 0.33
N LYS F 180 15.99 33.59 0.80
CA LYS F 180 16.90 33.96 1.87
C LYS F 180 17.91 35.00 1.41
N GLN F 181 18.39 34.88 0.17
CA GLN F 181 19.34 35.88 -0.36
C GLN F 181 18.67 37.25 -0.46
N ILE F 182 17.41 37.29 -0.89
CA ILE F 182 16.68 38.55 -0.93
C ILE F 182 16.50 39.13 0.47
N GLY F 183 16.26 38.29 1.46
CA GLY F 183 16.09 38.76 2.83
C GLY F 183 14.67 39.02 3.25
N ALA F 184 13.68 38.54 2.49
CA ALA F 184 12.28 38.76 2.80
C ALA F 184 11.69 37.51 3.45
N THR F 185 11.07 37.69 4.60
CA THR F 185 10.42 36.59 5.30
C THR F 185 9.27 36.05 4.45
N THR F 186 9.30 34.74 4.18
CA THR F 186 8.35 34.13 3.25
C THR F 186 7.55 33.05 3.96
N VAL F 187 6.27 32.97 3.62
CA VAL F 187 5.38 31.91 4.08
C VAL F 187 4.88 31.19 2.83
N MET F 188 5.40 30.00 2.58
CA MET F 188 5.02 29.19 1.43
C MET F 188 4.09 28.08 1.89
N THR F 189 2.95 27.93 1.22
CA THR F 189 1.95 26.95 1.62
C THR F 189 1.90 25.81 0.61
N THR F 190 1.93 24.58 1.12
CA THR F 190 1.88 23.37 0.30
C THR F 190 0.73 22.49 0.76
N GLU F 191 0.32 21.58 -0.11
CA GLU F 191 -0.85 20.73 0.09
C GLU F 191 -0.43 19.31 0.44
N ARG F 192 -1.11 18.72 1.42
CA ARG F 192 -0.88 17.34 1.81
C ARG F 192 -2.20 16.58 1.79
N ILE F 193 -2.09 15.26 1.62
CA ILE F 193 -3.26 14.42 1.36
C ILE F 193 -3.86 13.89 2.66
N GLU F 194 -3.05 13.28 3.50
CA GLU F 194 -3.52 12.58 4.69
C GLU F 194 -3.29 13.41 5.94
N GLU F 195 -4.25 13.36 6.87
CA GLU F 195 -4.13 14.14 8.09
C GLU F 195 -2.93 13.71 8.92
N TYR F 196 -2.69 12.41 9.04
CA TYR F 196 -1.55 11.87 9.75
C TYR F 196 -0.74 11.02 8.77
N GLY F 197 0.18 11.67 8.06
CA GLY F 197 1.02 11.00 7.11
C GLY F 197 2.21 11.85 6.72
N PRO F 198 2.59 11.82 5.45
CA PRO F 198 3.67 12.69 4.98
C PRO F 198 3.31 14.15 5.16
N ILE F 199 4.32 14.97 5.50
CA ILE F 199 4.09 16.39 5.73
C ILE F 199 3.68 17.07 4.43
N ALA F 200 4.26 16.65 3.31
CA ALA F 200 3.86 17.12 2.00
C ALA F 200 3.59 15.91 1.11
N ARG F 201 2.91 16.14 -0.01
CA ARG F 201 2.57 15.05 -0.91
C ARG F 201 3.83 14.39 -1.47
N TYR F 202 4.84 15.19 -1.82
CA TYR F 202 6.09 14.65 -2.33
C TYR F 202 6.98 14.06 -1.24
N GLY F 203 6.79 14.50 0.01
CA GLY F 203 7.57 13.99 1.12
C GLY F 203 8.94 14.62 1.27
N VAL F 204 9.30 15.58 0.42
CA VAL F 204 10.63 16.20 0.47
C VAL F 204 10.58 17.64 0.95
N GLU F 205 9.39 18.23 1.05
CA GLU F 205 9.29 19.63 1.48
C GLU F 205 9.76 19.81 2.91
N GLU F 206 9.49 18.84 3.78
CA GLU F 206 9.84 18.97 5.19
C GLU F 206 11.34 19.04 5.41
N PHE F 207 12.13 18.48 4.50
CA PHE F 207 13.57 18.40 4.67
C PHE F 207 14.34 19.51 3.97
N VAL F 208 13.64 20.48 3.38
CA VAL F 208 14.27 21.61 2.69
C VAL F 208 13.98 22.93 3.39
N SER F 209 12.73 23.17 3.75
CA SER F 209 12.36 24.42 4.39
C SER F 209 12.95 24.51 5.79
N ASP F 210 13.37 25.71 6.18
CA ASP F 210 13.94 25.92 7.49
C ASP F 210 12.90 25.73 8.60
N ASN F 211 11.68 26.22 8.37
CA ASN F 211 10.60 26.15 9.34
C ASN F 211 9.41 25.42 8.73
N VAL F 212 8.77 24.57 9.53
CA VAL F 212 7.63 23.78 9.08
C VAL F 212 6.48 23.96 10.06
N VAL F 213 5.33 24.38 9.54
CA VAL F 213 4.10 24.51 10.33
C VAL F 213 3.06 23.62 9.67
N ILE F 214 2.30 22.90 10.48
CA ILE F 214 1.35 21.90 10.01
C ILE F 214 -0.04 22.24 10.55
N LEU F 215 -1.01 22.35 9.66
CA LEU F 215 -2.41 22.51 10.01
C LEU F 215 -3.13 21.21 9.72
N ARG F 216 -3.84 20.68 10.71
CA ARG F 216 -4.52 19.40 10.59
C ARG F 216 -6.01 19.60 10.85
N ASN F 217 -6.83 18.96 10.01
CA ASN F 217 -8.28 18.96 10.13
C ASN F 217 -8.69 17.52 10.42
N VAL F 218 -8.68 17.16 11.69
CA VAL F 218 -8.85 15.77 12.10
C VAL F 218 -10.33 15.46 12.24
N LEU F 219 -10.79 14.40 11.57
CA LEU F 219 -12.18 13.97 11.60
C LEU F 219 -12.31 12.80 12.56
N GLU F 220 -12.89 13.05 13.74
CA GLU F 220 -13.14 12.01 14.73
C GLU F 220 -14.55 12.17 15.28
N GLY F 221 -15.22 11.05 15.49
CA GLY F 221 -16.58 11.09 15.99
C GLY F 221 -17.54 11.84 15.10
N GLU F 222 -17.34 11.79 13.79
CA GLU F 222 -18.11 12.56 12.82
C GLU F 222 -18.06 14.06 13.10
N ARG F 223 -16.92 14.54 13.62
CA ARG F 223 -16.71 15.96 13.86
C ARG F 223 -15.27 16.31 13.54
N ARG F 224 -15.07 17.49 12.96
CA ARG F 224 -13.75 17.94 12.55
C ARG F 224 -13.19 18.94 13.56
N ARG F 225 -11.90 18.77 13.87
CA ARG F 225 -11.19 19.61 14.81
C ARG F 225 -9.93 20.14 14.13
N ARG F 226 -9.66 21.43 14.35
CA ARG F 226 -8.52 22.09 13.73
C ARG F 226 -7.37 22.17 14.73
N THR F 227 -6.17 21.78 14.28
CA THR F 227 -4.99 21.80 15.13
C THR F 227 -3.82 22.40 14.37
N LEU F 228 -2.95 23.09 15.10
CA LEU F 228 -1.77 23.74 14.57
C LEU F 228 -0.54 23.19 15.28
N GLU F 229 0.50 22.85 14.53
CA GLU F 229 1.72 22.29 15.08
C GLU F 229 2.92 22.96 14.45
N ILE F 230 3.97 23.17 15.24
CA ILE F 230 5.24 23.69 14.74
C ILE F 230 6.20 22.51 14.72
N LEU F 231 6.41 21.93 13.53
CA LEU F 231 7.25 20.73 13.45
C LEU F 231 8.70 21.02 13.80
N LYS F 232 9.24 22.14 13.30
CA LYS F 232 10.62 22.49 13.60
C LYS F 232 10.83 23.97 13.33
N LEU F 233 11.82 24.53 14.00
CA LEU F 233 12.33 25.88 13.72
C LEU F 233 13.84 25.79 13.79
N ARG F 234 14.50 25.76 12.62
CA ARG F 234 15.95 25.66 12.58
C ARG F 234 16.61 26.86 13.26
N GLY F 235 17.27 26.62 14.39
CA GLY F 235 18.03 27.65 15.05
C GLY F 235 17.32 28.39 16.17
N THR F 236 16.13 27.95 16.57
CA THR F 236 15.43 28.60 17.66
C THR F 236 14.41 27.64 18.25
N SER F 237 14.05 27.88 19.51
CA SER F 237 13.15 27.02 20.24
C SER F 237 11.70 27.33 19.88
N HIS F 238 10.83 26.35 20.14
CA HIS F 238 9.41 26.48 19.87
C HIS F 238 8.68 25.45 20.73
N MET F 239 7.36 25.64 20.85
CA MET F 239 6.54 24.70 21.59
C MET F 239 6.36 23.41 20.80
N LYS F 240 6.23 22.30 21.52
CA LYS F 240 6.12 20.97 20.93
C LYS F 240 4.72 20.42 21.20
N GLY F 241 4.08 19.90 20.16
CA GLY F 241 2.75 19.34 20.25
C GLY F 241 1.84 19.99 19.24
N GLU F 242 0.54 19.81 19.46
CA GLU F 242 -0.48 20.43 18.60
C GLU F 242 -1.47 21.20 19.47
N TYR F 243 -1.85 22.38 19.02
CA TYR F 243 -2.75 23.25 19.75
C TYR F 243 -3.97 23.59 18.93
N PRO F 244 -5.16 23.60 19.52
CA PRO F 244 -6.37 23.91 18.75
C PRO F 244 -6.38 25.35 18.29
N PHE F 245 -6.99 25.58 17.13
CA PHE F 245 -7.22 26.93 16.63
C PHE F 245 -8.54 26.97 15.88
N THR F 246 -9.10 28.17 15.78
CA THR F 246 -10.40 28.36 15.15
C THR F 246 -10.31 29.46 14.11
N ILE F 247 -10.97 29.25 12.97
CA ILE F 247 -11.08 30.26 11.92
C ILE F 247 -12.39 30.99 12.17
N THR F 248 -12.31 32.17 12.79
CA THR F 248 -13.48 32.97 13.08
C THR F 248 -13.66 34.02 11.98
N ASP F 249 -14.59 34.96 12.21
CA ASP F 249 -14.83 36.02 11.23
C ASP F 249 -13.73 37.07 11.22
N HIS F 250 -12.84 37.07 12.20
CA HIS F 250 -11.72 38.01 12.25
C HIS F 250 -10.41 37.41 11.77
N GLY F 251 -10.36 36.10 11.53
CA GLY F 251 -9.18 35.43 11.07
C GLY F 251 -8.82 34.26 11.97
N ILE F 252 -7.64 33.70 11.75
CA ILE F 252 -7.19 32.56 12.54
C ILE F 252 -6.94 33.00 13.97
N ASN F 253 -7.36 32.17 14.93
CA ASN F 253 -7.14 32.42 16.34
C ASN F 253 -6.67 31.13 16.99
N ILE F 254 -5.41 31.10 17.42
CA ILE F 254 -4.81 29.91 18.03
C ILE F 254 -4.88 30.06 19.54
N PHE F 255 -5.20 28.95 20.22
CA PHE F 255 -5.23 28.94 21.67
C PHE F 255 -3.91 28.42 22.21
N PRO F 256 -3.08 29.24 22.83
CA PRO F 256 -1.80 28.77 23.39
C PRO F 256 -1.96 28.17 24.78
N LEU F 257 -2.58 26.99 24.83
CA LEU F 257 -2.83 26.32 26.09
C LEU F 257 -1.53 25.78 26.70
PG ATP G . -23.18 7.04 -9.15
O1G ATP G . -22.00 7.05 -8.24
O2G ATP G . -23.29 8.29 -10.03
O3G ATP G . -23.26 5.79 -10.03
PB ATP G . -25.40 7.98 -7.38
O1B ATP G . -24.94 7.95 -5.98
O2B ATP G . -25.43 9.35 -8.04
O3B ATP G . -24.54 7.02 -8.31
PA ATP G . -28.36 7.83 -7.25
O1A ATP G . -28.88 8.66 -8.36
O2A ATP G . -28.36 8.52 -5.89
O3A ATP G . -26.86 7.36 -7.53
O5' ATP G . -29.14 6.47 -7.13
C5' ATP G . -28.73 5.45 -6.18
C4' ATP G . -29.54 5.61 -4.93
O4' ATP G . -30.80 6.23 -5.23
C3' ATP G . -29.88 4.29 -4.22
O3' ATP G . -29.06 4.10 -3.08
C2' ATP G . -31.36 4.44 -3.84
O2' ATP G . -31.57 4.22 -2.44
C1' ATP G . -31.69 5.89 -4.20
N9 ATP G . -33.05 6.10 -4.67
C8 ATP G . -33.45 6.35 -5.95
N7 ATP G . -34.75 6.50 -6.09
C5 ATP G . -35.23 6.33 -4.80
C6 ATP G . -36.53 6.36 -4.26
N6 ATP G . -37.63 6.59 -4.99
N1 ATP G . -36.67 6.14 -2.93
C2 ATP G . -35.58 5.92 -2.21
N3 ATP G . -34.30 5.87 -2.60
C4 ATP G . -34.20 6.08 -3.92
MG MG H . -25.21 8.54 -9.78
PG ATP I . -16.37 -17.95 -9.00
O1G ATP I . -15.94 -16.73 -8.27
O2G ATP I . -17.16 -17.66 -10.29
O3G ATP I . -15.22 -18.90 -9.33
PB ATP I . -18.84 -18.76 -7.53
O1B ATP I . -18.92 -18.00 -6.28
O2B ATP I . -19.73 -18.29 -8.67
O3B ATP I . -17.36 -18.82 -8.11
PA ATP I . -20.46 -21.20 -7.10
O1A ATP I . -21.11 -21.54 -8.38
O2A ATP I . -21.36 -20.48 -6.10
O3A ATP I . -19.16 -20.31 -7.31
O5' ATP I . -19.90 -22.50 -6.40
C5' ATP I . -19.12 -22.41 -5.18
C4' ATP I . -20.04 -22.63 -4.00
O4' ATP I . -21.16 -23.43 -4.41
C3' ATP I . -19.40 -23.37 -2.83
O3' ATP I . -19.08 -22.46 -1.78
C2' ATP I . -20.47 -24.39 -2.40
O2' ATP I . -20.79 -24.26 -1.01
C1' ATP I . -21.67 -24.02 -3.25
N9 ATP I . -22.50 -25.16 -3.64
C8 ATP I . -22.59 -25.73 -4.89
N7 ATP I . -23.41 -26.75 -4.95
C5 ATP I . -23.90 -26.86 -3.66
C6 ATP I . -24.82 -27.75 -3.06
N6 ATP I . -25.43 -28.73 -3.71
N1 ATP I . -25.08 -27.58 -1.74
C2 ATP I . -24.47 -26.60 -1.08
N3 ATP I . -23.59 -25.69 -1.54
C4 ATP I . -23.35 -25.88 -2.84
MG MG J . -18.54 -19.03 -9.98
PG ATP K . 6.88 -24.98 0.02
O1G ATP K . 5.98 -23.81 0.18
O2G ATP K . 6.53 -25.85 -1.19
O3G ATP K . 8.36 -24.62 -0.03
PB ATP K . 5.70 -26.98 1.90
O1B ATP K . 4.73 -26.31 2.77
O2B ATP K . 5.11 -27.79 0.75
O3B ATP K . 6.74 -25.97 1.27
PA ATP K . 6.55 -29.41 3.37
O1A ATP K . 6.78 -30.47 2.37
O2A ATP K . 5.21 -29.49 4.08
O3A ATP K . 6.65 -27.97 2.72
O5' ATP K . 7.69 -29.40 4.46
C5' ATP K . 7.74 -28.38 5.48
C4' ATP K . 7.07 -28.90 6.72
O4' ATP K . 7.16 -30.34 6.74
C3' ATP K . 7.70 -28.42 8.03
O3' ATP K . 6.90 -27.40 8.63
C2' ATP K . 7.77 -29.68 8.91
O2' ATP K . 7.12 -29.48 10.17
C1' ATP K . 7.02 -30.72 8.09
N9 ATP K . 7.53 -32.08 8.23
C8 ATP K . 8.25 -32.80 7.31
N7 ATP K . 8.58 -34.00 7.71
C5 ATP K . 8.04 -34.09 8.99
C6 ATP K . 8.05 -35.11 9.96
N6 ATP K . 8.64 -36.30 9.78
N1 ATP K . 7.42 -34.87 11.13
C2 ATP K . 6.83 -33.68 11.31
N3 ATP K . 6.77 -32.64 10.47
C4 ATP K . 7.39 -32.91 9.33
MG MG L . 6.73 -27.57 -0.27
PG ATP M . 23.31 -7.02 8.89
O1G ATP M . 21.84 -7.11 8.68
O2G ATP M . 24.10 -8.09 8.13
O3G ATP M . 23.88 -5.64 8.57
PB ATP M . 23.68 -8.45 11.49
O1B ATP M . 22.36 -8.64 12.12
O2B ATP M . 24.27 -9.67 10.79
O3B ATP M . 23.66 -7.27 10.43
PA ATP M . 25.66 -8.56 13.70
O1A ATP M . 26.88 -9.19 13.16
O2A ATP M . 24.75 -9.48 14.50
O3A ATP M . 24.77 -7.93 12.53
O5' ATP M . 26.01 -7.31 14.59
C5' ATP M . 24.98 -6.46 15.13
C4' ATP M . 24.67 -6.90 16.54
O4' ATP M . 25.83 -7.55 17.09
C3' ATP M . 24.31 -5.77 17.50
O3' ATP M . 22.91 -5.74 17.73
C2' ATP M . 25.09 -6.10 18.79
O2' ATP M . 24.23 -6.17 19.92
C1' ATP M . 25.69 -7.48 18.49
N9 ATP M . 26.99 -7.71 19.09
C8 ATP M . 28.20 -7.74 18.46
N7 ATP M . 29.22 -7.97 19.26
C5 ATP M . 28.64 -8.07 20.51
C6 ATP M . 29.17 -8.31 21.80
N6 ATP M . 30.48 -8.49 22.03
N1 ATP M . 28.31 -8.36 22.83
C2 ATP M . 27.01 -8.19 22.60
N3 ATP M . 26.39 -7.97 21.44
C4 ATP M . 27.26 -7.92 20.43
MG MG N . 25.30 -8.53 9.61
PG ATP O . 16.47 17.99 8.78
O1G ATP O . 15.74 16.69 8.75
O2G ATP O . 17.95 17.88 8.41
O3G ATP O . 15.81 19.07 7.92
PB ATP O . 17.10 18.33 11.68
O1B ATP O . 16.33 17.34 12.45
O2B ATP O . 18.57 18.00 11.44
O3B ATP O . 16.46 18.61 10.26
PA ATP O . 17.75 20.51 13.57
O1A ATP O . 19.09 21.03 13.21
O2A ATP O . 17.73 19.55 14.75
O3A ATP O . 17.06 19.78 12.35
O5' ATP O . 16.75 21.70 13.89
C5' ATP O . 15.36 21.44 14.16
C4' ATP O . 15.16 21.38 15.65
O4' ATP O . 16.18 22.14 16.31
C3' ATP O . 13.82 21.93 16.14
O3' ATP O . 12.92 20.88 16.47
C2' ATP O . 14.19 22.77 17.38
O2' ATP O . 13.45 22.37 18.53
C1' ATP O . 15.68 22.47 17.58
N9 ATP O . 16.45 23.59 18.10
C8 ATP O . 17.34 24.38 17.42
N7 ATP O . 17.89 25.32 18.15
C5 ATP O . 17.31 25.16 19.39
C6 ATP O . 17.47 25.84 20.61
N6 ATP O . 18.28 26.88 20.78
N1 ATP O . 16.74 25.41 21.67
C2 ATP O . 15.91 24.38 21.51
N3 ATP O . 15.68 23.66 20.41
C4 ATP O . 16.42 24.10 19.38
MG MG P . 18.59 19.06 9.84
PG ATP Q . -6.78 25.00 -0.22
O1G ATP Q . -6.18 23.74 0.31
O2G ATP Q . -5.76 26.05 -0.64
O3G ATP Q . -7.76 24.76 -1.36
PB ATP Q . -7.45 26.52 2.27
O1B ATP Q . -7.33 25.61 3.42
O2B ATP Q . -6.28 27.47 2.05
O3B ATP Q . -7.65 25.73 0.91
PA ATP Q . -9.26 28.69 3.13
O1A ATP Q . -8.81 29.93 2.48
O2A ATP Q . -8.84 28.52 4.58
O3A ATP Q . -8.78 27.39 2.34
O5' ATP Q . -10.84 28.56 3.06
C5' ATP Q . -11.51 27.37 3.53
C4' ATP Q . -11.97 27.60 4.94
O4' ATP Q . -12.15 29.01 5.17
C3' ATP Q . -13.30 26.93 5.31
O3' ATP Q . -13.08 25.76 6.09
C2' ATP Q . -14.06 28.01 6.10
O2' ATP Q . -14.48 27.53 7.38
C1' ATP Q . -13.03 29.12 6.27
N9 ATP Q . -13.61 30.47 6.25
C8 ATP Q . -13.51 31.40 5.25
N7 ATP Q . -14.13 32.52 5.51
C5 ATP Q . -14.66 32.32 6.78
C6 ATP Q . -15.42 33.14 7.63
N6 ATP Q . -15.81 34.38 7.32
N1 ATP Q . -15.79 32.64 8.82
C2 ATP Q . -15.41 31.40 9.14
N3 ATP Q . -14.69 30.54 8.42
C4 ATP Q . -14.34 31.06 7.25
MG MG R . -6.68 27.57 0.16
#